data_8D67
#
_entry.id   8D67
#
_cell.length_a   1.00
_cell.length_b   1.00
_cell.length_c   1.00
_cell.angle_alpha   90.00
_cell.angle_beta   90.00
_cell.angle_gamma   90.00
#
_symmetry.space_group_name_H-M   'P 1'
#
loop_
_entity.id
_entity.type
_entity.pdbx_description
1 polymer 'Erwinia ligand-gated ion channel'
2 non-polymer 2-AMINO-ETHANETHIOL
#
_entity_poly.entity_id   1
_entity_poly.type   'polypeptide(L)'
_entity_poly.pdbx_seq_one_letter_code
;APADNAADARPVDVSVSIFINKIYGVNTLEQTYKVDGYIVAQWTGKPRKTPGDKPLIVENTQIERWINNGLWVPALEFIN
VVGSPDTGNKRLMLFPDGRVIYNARFLGSFSNDMDFRLFPFDRQQFVLELEPFSYNNQQLRFSDIQVYTENIDNEEIDEW
WIRGKASTHISDIRYDHLSSVQPNQNEFSRITVRIDAVRNPSYYLWSFILPLGLIIAASWSVFWLESFSERLQTSFTLML
TVVAYAFYTSNILPRLPYTTYIDQMIIAGYGSIFAAILLIIFAHHRQANGVEDDLLIQRCRLAFPLGFLAIGCVLVIRFF
TL
;
_entity_poly.pdbx_strand_id   A,B,C,D,E
#
# COMPACT_ATOMS: atom_id res chain seq x y z
N PRO A 11 29.92 17.36 33.69
CA PRO A 11 29.14 17.27 32.46
C PRO A 11 29.78 18.04 31.32
N VAL A 12 29.74 17.49 30.13
CA VAL A 12 30.29 18.13 28.95
C VAL A 12 29.18 18.88 28.23
N ASP A 13 29.50 20.04 27.67
CA ASP A 13 28.52 20.93 27.07
C ASP A 13 28.48 20.73 25.57
N VAL A 14 27.36 20.24 25.07
CA VAL A 14 27.15 19.97 23.65
C VAL A 14 26.24 21.05 23.08
N SER A 15 26.59 21.57 21.92
CA SER A 15 25.93 22.73 21.33
C SER A 15 25.29 22.36 19.99
N VAL A 16 24.05 21.86 20.04
CA VAL A 16 23.40 21.31 18.86
C VAL A 16 23.00 22.43 17.92
N SER A 17 22.94 22.14 16.61
CA SER A 17 22.53 23.13 15.61
C SER A 17 21.83 22.40 14.46
N ILE A 18 20.51 22.23 14.58
CA ILE A 18 19.72 21.50 13.61
C ILE A 18 19.42 22.39 12.41
N PHE A 19 19.48 21.83 11.21
CA PHE A 19 19.18 22.53 9.96
C PHE A 19 18.09 21.75 9.25
N ILE A 20 16.85 22.22 9.35
CA ILE A 20 15.72 21.53 8.72
C ILE A 20 15.82 21.76 7.22
N ASN A 21 16.11 20.71 6.46
CA ASN A 21 16.22 20.85 5.02
C ASN A 21 14.85 20.86 4.35
N LYS A 22 13.97 19.97 4.77
CA LYS A 22 12.58 20.02 4.30
C LYS A 22 11.69 19.23 5.25
N ILE A 23 10.41 19.61 5.25
CA ILE A 23 9.34 18.87 5.90
C ILE A 23 8.36 18.45 4.83
N TYR A 24 8.04 17.17 4.77
CA TYR A 24 7.16 16.67 3.73
C TYR A 24 6.38 15.49 4.26
N GLY A 25 5.58 14.89 3.38
CA GLY A 25 4.85 13.68 3.70
C GLY A 25 3.93 13.80 4.88
N VAL A 26 3.36 14.97 5.12
CA VAL A 26 2.60 15.23 6.34
C VAL A 26 1.31 14.43 6.30
N ASN A 27 1.25 13.39 7.10
CA ASN A 27 0.14 12.45 7.10
C ASN A 27 -0.79 12.81 8.23
N THR A 28 -2.09 12.85 7.95
CA THR A 28 -3.08 13.14 8.98
C THR A 28 -3.81 11.91 9.47
N LEU A 29 -3.83 10.82 8.70
CA LEU A 29 -4.41 9.58 9.17
C LEU A 29 -3.63 9.02 10.34
N GLU A 30 -2.30 9.08 10.27
CA GLU A 30 -1.43 8.54 11.31
C GLU A 30 -0.73 9.61 12.12
N GLN A 31 -0.93 10.88 11.78
CA GLN A 31 -0.35 12.03 12.47
C GLN A 31 1.17 11.96 12.53
N THR A 32 1.79 11.54 11.44
CA THR A 32 3.23 11.56 11.29
C THR A 32 3.62 12.54 10.20
N TYR A 33 4.90 12.85 10.14
CA TYR A 33 5.44 13.72 9.10
C TYR A 33 6.89 13.33 8.91
N LYS A 34 7.49 13.71 7.79
CA LYS A 34 8.87 13.36 7.52
C LYS A 34 9.71 14.62 7.53
N VAL A 35 10.74 14.62 8.36
CA VAL A 35 11.68 15.74 8.42
C VAL A 35 13.02 15.25 7.92
N ASP A 36 13.58 15.97 6.97
CA ASP A 36 14.89 15.68 6.40
C ASP A 36 15.79 16.86 6.70
N GLY A 37 17.00 16.59 7.19
CA GLY A 37 17.88 17.69 7.54
C GLY A 37 19.20 17.22 8.08
N TYR A 38 19.93 18.14 8.70
CA TYR A 38 21.25 17.90 9.25
C TYR A 38 21.27 18.22 10.73
N ILE A 39 22.09 17.51 11.48
CA ILE A 39 22.33 17.80 12.88
C ILE A 39 23.81 17.99 13.10
N VAL A 40 24.18 19.02 13.85
CA VAL A 40 25.58 19.37 14.11
C VAL A 40 25.76 19.53 15.60
N ALA A 41 26.40 18.56 16.24
CA ALA A 41 26.72 18.68 17.66
C ALA A 41 28.19 19.02 17.80
N GLN A 42 28.52 19.79 18.83
CA GLN A 42 29.89 20.24 19.00
C GLN A 42 30.25 20.29 20.48
N TRP A 43 31.36 19.67 20.86
CA TRP A 43 31.81 19.70 22.24
C TRP A 43 33.32 19.87 22.26
N THR A 44 33.89 19.92 23.44
CA THR A 44 35.33 20.10 23.58
C THR A 44 35.93 19.03 24.49
N GLY A 45 37.14 18.61 24.15
CA GLY A 45 37.80 17.57 24.90
C GLY A 45 39.28 17.85 25.09
N LYS A 46 40.06 16.81 25.38
CA LYS A 46 41.48 16.99 25.52
C LYS A 46 42.11 17.29 24.16
N PRO A 47 43.16 18.10 24.12
CA PRO A 47 43.80 18.42 22.84
C PRO A 47 44.48 17.21 22.23
N ARG A 48 44.79 17.32 20.94
CA ARG A 48 45.35 16.22 20.21
C ARG A 48 46.19 16.74 19.06
N LYS A 49 47.00 15.87 18.49
CA LYS A 49 47.87 16.21 17.37
C LYS A 49 47.26 15.64 16.09
N THR A 50 46.93 16.52 15.17
CA THR A 50 46.42 16.18 13.86
C THR A 50 47.52 16.35 12.83
N PRO A 51 47.37 15.81 11.60
CA PRO A 51 48.36 16.07 10.55
C PRO A 51 48.47 17.54 10.19
N GLY A 52 49.59 18.16 10.53
CA GLY A 52 49.71 19.59 10.47
C GLY A 52 49.07 20.24 11.68
N ASP A 53 48.45 21.40 11.45
CA ASP A 53 47.62 22.04 12.46
C ASP A 53 46.22 22.32 11.92
N LYS A 54 45.89 21.77 10.80
CA LYS A 54 44.58 21.89 10.20
C LYS A 54 43.65 20.80 10.73
N PRO A 55 42.35 21.08 10.78
CA PRO A 55 41.40 20.09 11.32
C PRO A 55 41.29 18.86 10.43
N LEU A 56 40.96 17.74 11.07
CA LEU A 56 40.91 16.43 10.44
C LEU A 56 39.46 16.01 10.24
N ILE A 57 39.10 15.70 9.00
CA ILE A 57 37.74 15.28 8.66
C ILE A 57 37.73 13.77 8.54
N VAL A 58 36.94 13.11 9.38
CA VAL A 58 36.80 11.66 9.39
C VAL A 58 35.40 11.35 8.93
N GLU A 59 35.27 10.73 7.76
CA GLU A 59 33.98 10.41 7.15
C GLU A 59 33.23 9.22 7.72
N ASN A 60 32.15 8.81 7.05
CA ASN A 60 31.36 7.68 7.51
C ASN A 60 32.15 6.40 7.41
N THR A 61 32.02 5.54 8.43
CA THR A 61 32.69 4.22 8.58
C THR A 61 34.17 4.29 8.88
N GLN A 62 34.63 5.47 9.27
CA GLN A 62 36.02 5.68 9.60
C GLN A 62 35.91 6.23 10.98
N ILE A 63 34.67 6.39 11.43
CA ILE A 63 34.41 6.89 12.75
C ILE A 63 34.54 5.73 13.72
N GLU A 64 34.30 4.53 13.21
CA GLU A 64 34.42 3.33 14.03
C GLU A 64 35.87 2.96 14.28
N ARG A 65 36.78 3.35 13.40
CA ARG A 65 38.18 3.16 13.68
C ARG A 65 38.70 4.07 14.78
N TRP A 66 37.94 5.12 15.11
CA TRP A 66 38.31 6.05 16.17
C TRP A 66 37.58 5.77 17.48
N ILE A 67 36.33 5.34 17.41
CA ILE A 67 35.61 4.98 18.63
C ILE A 67 36.19 3.71 19.23
N ASN A 68 36.73 2.82 18.40
CA ASN A 68 37.39 1.63 18.91
C ASN A 68 38.65 1.99 19.68
N ASN A 69 39.37 3.01 19.24
CA ASN A 69 40.60 3.43 19.90
C ASN A 69 40.35 4.26 21.15
N GLY A 70 39.11 4.64 21.42
CA GLY A 70 38.82 5.29 22.68
C GLY A 70 38.22 6.68 22.59
N LEU A 71 37.85 7.11 21.40
CA LEU A 71 37.19 8.41 21.26
C LEU A 71 35.80 8.35 21.86
N TRP A 72 35.34 9.47 22.38
CA TRP A 72 34.06 9.58 23.04
C TRP A 72 33.09 10.31 22.12
N VAL A 73 32.17 9.57 21.54
CA VAL A 73 31.12 10.16 20.71
C VAL A 73 29.77 9.72 21.27
N PRO A 74 28.97 10.64 21.81
CA PRO A 74 27.67 10.25 22.36
C PRO A 74 26.66 9.96 21.26
N ALA A 75 25.64 9.20 21.65
CA ALA A 75 24.58 8.81 20.73
C ALA A 75 23.36 9.63 21.05
N LEU A 76 23.11 10.67 20.25
CA LEU A 76 21.93 11.50 20.39
C LEU A 76 20.81 10.87 19.57
N GLU A 77 19.72 10.53 20.23
CA GLU A 77 18.58 9.89 19.59
C GLU A 77 17.42 10.87 19.51
N PHE A 78 16.45 10.55 18.65
CA PHE A 78 15.22 11.31 18.53
C PHE A 78 14.11 10.55 19.24
N ILE A 79 13.42 11.23 20.15
CA ILE A 79 12.47 10.55 21.01
C ILE A 79 11.17 10.23 20.29
N ASN A 80 10.64 11.17 19.52
CA ASN A 80 9.30 11.05 18.96
C ASN A 80 9.30 10.48 17.56
N VAL A 81 10.21 9.58 17.26
CA VAL A 81 10.37 9.07 15.91
C VAL A 81 9.57 7.78 15.79
N VAL A 82 9.13 7.49 14.57
CA VAL A 82 8.44 6.25 14.25
C VAL A 82 9.39 5.40 13.41
N GLY A 83 9.76 4.23 13.91
CA GLY A 83 10.81 3.46 13.30
C GLY A 83 12.16 3.93 13.79
N SER A 84 13.15 3.97 12.91
CA SER A 84 14.45 4.53 13.22
C SER A 84 14.81 5.50 12.12
N PRO A 85 15.58 6.54 12.44
CA PRO A 85 15.98 7.49 11.40
C PRO A 85 16.89 6.84 10.37
N ASP A 86 16.76 7.32 9.15
CA ASP A 86 17.57 6.83 8.03
C ASP A 86 18.81 7.70 7.91
N THR A 87 19.73 7.49 8.84
CA THR A 87 20.97 8.27 8.89
C THR A 87 21.81 7.95 7.66
N GLY A 88 22.00 8.95 6.81
CA GLY A 88 22.76 8.76 5.60
C GLY A 88 24.23 8.95 5.89
N ASN A 89 24.84 9.98 5.33
CA ASN A 89 26.23 10.25 5.60
C ASN A 89 26.41 10.77 7.02
N LYS A 90 27.61 10.64 7.54
CA LYS A 90 27.97 11.29 8.80
C LYS A 90 29.45 11.63 8.77
N ARG A 91 29.86 12.54 9.65
CA ARG A 91 31.16 13.18 9.55
C ARG A 91 31.59 13.59 10.94
N LEU A 92 32.90 13.60 11.16
CA LEU A 92 33.47 13.95 12.44
C LEU A 92 34.68 14.84 12.20
N MET A 93 34.62 16.07 12.66
CA MET A 93 35.73 17.01 12.51
C MET A 93 36.48 17.14 13.82
N LEU A 94 37.78 16.86 13.78
CA LEU A 94 38.64 16.83 14.96
C LEU A 94 39.61 18.00 14.86
N PHE A 95 39.58 18.84 15.82
CA PHE A 95 40.38 20.04 15.77
C PHE A 95 41.59 19.93 16.70
N PRO A 96 42.72 20.53 16.33
CA PRO A 96 43.91 20.44 17.19
C PRO A 96 43.75 21.14 18.52
N ASP A 97 42.89 22.16 18.62
CA ASP A 97 42.69 22.84 19.89
C ASP A 97 41.87 22.04 20.88
N GLY A 98 41.29 20.92 20.45
CA GLY A 98 40.66 19.97 21.36
C GLY A 98 39.17 19.83 21.21
N ARG A 99 38.52 20.42 20.22
CA ARG A 99 37.07 20.36 20.11
C ARG A 99 36.66 19.49 18.94
N VAL A 100 35.55 18.77 19.13
CA VAL A 100 35.05 17.76 18.21
C VAL A 100 33.70 18.23 17.70
N ILE A 101 33.43 17.97 16.42
CA ILE A 101 32.17 18.34 15.79
C ILE A 101 31.62 17.13 15.05
N TYR A 102 30.44 16.69 15.45
CA TYR A 102 29.80 15.52 14.86
C TYR A 102 28.63 16.00 14.01
N ASN A 103 28.73 15.81 12.70
CA ASN A 103 27.68 16.21 11.76
C ASN A 103 27.04 14.96 11.19
N ALA A 104 25.72 14.98 11.03
CA ALA A 104 25.03 13.83 10.50
C ALA A 104 23.82 14.29 9.72
N ARG A 105 23.37 13.45 8.79
CA ARG A 105 22.18 13.74 8.02
C ARG A 105 21.09 12.78 8.43
N PHE A 106 19.94 13.29 8.83
CA PHE A 106 18.86 12.48 9.32
C PHE A 106 17.63 12.65 8.45
N LEU A 107 16.84 11.57 8.38
CA LEU A 107 15.55 11.58 7.69
C LEU A 107 14.60 10.74 8.51
N GLY A 108 13.69 11.37 9.23
CA GLY A 108 12.88 10.68 10.20
C GLY A 108 11.41 10.84 9.95
N SER A 109 10.65 9.81 10.29
CA SER A 109 9.20 9.88 10.33
C SER A 109 8.80 10.16 11.77
N PHE A 110 8.61 11.43 12.09
CA PHE A 110 8.29 11.87 13.42
C PHE A 110 6.79 11.85 13.64
N SER A 111 6.39 11.80 14.90
CA SER A 111 4.97 11.75 15.24
C SER A 111 4.66 12.72 16.37
N ASN A 112 3.60 13.49 16.21
CA ASN A 112 3.15 14.44 17.21
C ASN A 112 1.65 14.27 17.41
N ASP A 113 1.15 14.69 18.58
CA ASP A 113 -0.27 14.59 18.90
C ASP A 113 -1.01 15.75 18.24
N MET A 114 -1.68 15.46 17.12
CA MET A 114 -2.43 16.45 16.38
C MET A 114 -3.86 16.52 16.88
N ASP A 115 -4.51 17.66 16.67
CA ASP A 115 -5.87 17.90 17.12
C ASP A 115 -6.67 18.51 15.97
N PHE A 116 -7.48 17.72 15.29
CA PHE A 116 -8.29 18.25 14.19
C PHE A 116 -9.69 18.67 14.59
N ARG A 117 -9.84 19.43 15.67
CA ARG A 117 -11.17 19.87 16.09
C ARG A 117 -11.80 20.75 15.04
N LEU A 118 -11.00 21.64 14.46
CA LEU A 118 -11.43 22.49 13.36
C LEU A 118 -10.66 21.80 12.28
N PHE A 119 -11.31 21.27 11.25
CA PHE A 119 -10.52 20.52 10.29
C PHE A 119 -9.95 21.20 9.06
N PRO A 120 -10.73 22.07 8.42
CA PRO A 120 -10.17 22.71 7.22
C PRO A 120 -9.31 23.91 7.52
N PHE A 121 -9.52 24.58 8.64
CA PHE A 121 -8.79 25.78 9.04
C PHE A 121 -7.86 25.47 10.19
N ASP A 122 -7.25 24.29 10.13
CA ASP A 122 -6.52 23.71 11.24
C ASP A 122 -5.15 24.34 11.35
N ARG A 123 -4.65 24.45 12.59
CA ARG A 123 -3.34 25.01 12.87
C ARG A 123 -2.59 24.05 13.77
N GLN A 124 -1.48 23.51 13.29
CA GLN A 124 -0.76 22.45 13.97
C GLN A 124 0.69 22.88 14.20
N GLN A 125 1.44 22.05 14.92
CA GLN A 125 2.86 22.29 15.07
C GLN A 125 3.63 20.98 14.99
N PHE A 126 4.79 21.04 14.36
CA PHE A 126 5.65 19.90 14.12
C PHE A 126 6.80 19.95 15.11
N VAL A 127 7.02 18.85 15.82
CA VAL A 127 7.90 18.82 16.99
C VAL A 127 9.00 17.80 16.77
N LEU A 128 10.25 18.23 16.94
CA LEU A 128 11.42 17.35 16.99
C LEU A 128 11.97 17.33 18.40
N GLU A 129 12.13 16.15 18.98
CA GLU A 129 12.68 16.02 20.31
C GLU A 129 13.96 15.20 20.24
N LEU A 130 15.04 15.74 20.79
CA LEU A 130 16.37 15.14 20.70
C LEU A 130 16.92 14.99 22.10
N GLU A 131 17.63 13.87 22.34
CA GLU A 131 17.99 13.55 23.72
C GLU A 131 19.12 12.54 23.70
N PRO A 132 20.10 12.63 24.60
CA PRO A 132 21.13 11.60 24.68
C PRO A 132 20.54 10.26 25.09
N PHE A 133 21.15 9.19 24.61
CA PHE A 133 20.63 7.87 24.94
C PHE A 133 21.21 7.33 26.25
N SER A 134 22.45 7.65 26.56
CA SER A 134 23.14 7.01 27.67
C SER A 134 23.54 7.96 28.79
N TYR A 135 23.85 9.19 28.47
CA TYR A 135 24.45 10.11 29.43
C TYR A 135 23.39 11.08 29.93
N ASN A 136 23.21 11.13 31.24
CA ASN A 136 22.25 12.03 31.86
C ASN A 136 22.84 13.43 31.95
N ASN A 137 22.17 14.36 32.63
CA ASN A 137 22.64 15.73 32.62
C ASN A 137 23.79 15.97 33.58
N GLN A 138 24.16 14.98 34.39
CA GLN A 138 25.41 15.07 35.14
C GLN A 138 26.62 14.72 34.29
N GLN A 139 26.42 14.04 33.16
CA GLN A 139 27.50 13.66 32.27
C GLN A 139 27.42 14.31 30.89
N LEU A 140 26.26 14.81 30.48
CA LEU A 140 26.13 15.50 29.20
C LEU A 140 25.01 16.51 29.32
N ARG A 141 25.33 17.79 29.10
CA ARG A 141 24.35 18.85 29.12
C ARG A 141 24.34 19.55 27.78
N PHE A 142 23.16 19.97 27.34
CA PHE A 142 23.03 20.77 26.14
C PHE A 142 23.13 22.24 26.50
N SER A 143 24.06 22.94 25.87
CA SER A 143 24.19 24.37 26.14
C SER A 143 23.15 25.18 25.39
N ASP A 144 23.11 25.06 24.08
CA ASP A 144 22.17 25.83 23.29
C ASP A 144 21.83 25.12 21.99
N ILE A 145 20.76 25.58 21.36
CA ILE A 145 20.39 25.15 20.02
C ILE A 145 20.04 26.35 19.14
N GLN A 146 20.57 26.36 17.93
CA GLN A 146 20.16 27.24 16.87
C GLN A 146 19.53 26.40 15.78
N VAL A 147 18.27 26.64 15.46
CA VAL A 147 17.59 25.92 14.40
C VAL A 147 17.56 26.80 13.15
N TYR A 148 18.17 26.31 12.07
CA TYR A 148 18.28 27.08 10.84
C TYR A 148 17.22 26.58 9.86
N THR A 149 16.00 27.04 10.08
CA THR A 149 14.85 26.66 9.26
C THR A 149 14.63 27.59 8.07
N GLU A 150 15.69 27.95 7.36
CA GLU A 150 15.59 28.94 6.31
C GLU A 150 15.14 28.39 4.97
N ASN A 151 15.16 27.07 4.80
CA ASN A 151 14.68 26.47 3.56
C ASN A 151 13.18 26.26 3.54
N ILE A 152 12.51 26.39 4.69
CA ILE A 152 11.06 26.23 4.75
C ILE A 152 10.45 27.43 5.48
N ASP A 153 11.07 28.60 5.38
CA ASP A 153 10.77 29.71 6.29
C ASP A 153 9.33 30.20 6.14
N ASN A 154 8.92 30.59 4.92
CA ASN A 154 7.53 30.90 4.60
C ASN A 154 7.21 30.17 3.30
N GLU A 155 6.85 28.90 3.41
CA GLU A 155 6.70 28.07 2.23
C GLU A 155 5.44 27.24 2.34
N GLU A 156 4.86 26.91 1.20
CA GLU A 156 3.77 25.95 1.09
C GLU A 156 4.41 24.60 0.82
N ILE A 157 4.47 23.75 1.84
CA ILE A 157 5.21 22.50 1.70
C ILE A 157 4.45 21.52 0.80
N ASP A 158 3.28 21.05 1.25
CA ASP A 158 2.31 20.50 0.32
C ASP A 158 0.98 21.22 0.44
N GLU A 159 0.48 21.37 1.66
CA GLU A 159 -0.71 22.17 1.90
C GLU A 159 -0.63 22.94 3.21
N TRP A 160 0.57 23.22 3.71
CA TRP A 160 0.75 23.91 4.97
C TRP A 160 1.62 25.13 4.76
N TRP A 161 1.19 26.27 5.29
CA TRP A 161 2.08 27.40 5.43
C TRP A 161 2.92 27.21 6.69
N ILE A 162 4.22 27.42 6.58
CA ILE A 162 5.09 27.40 7.74
C ILE A 162 5.22 28.83 8.25
N ARG A 163 4.72 29.08 9.46
CA ARG A 163 4.54 30.44 9.96
C ARG A 163 5.70 30.83 10.84
N GLY A 164 6.55 31.73 10.35
CA GLY A 164 7.54 32.34 11.21
C GLY A 164 8.72 31.44 11.54
N LYS A 165 9.36 31.77 12.65
CA LYS A 165 10.57 31.08 13.08
C LYS A 165 10.22 29.79 13.81
N ALA A 166 11.25 29.11 14.31
CA ALA A 166 11.09 27.87 15.04
C ALA A 166 11.40 28.10 16.51
N SER A 167 10.57 27.58 17.39
CA SER A 167 10.73 27.79 18.83
C SER A 167 11.56 26.66 19.42
N THR A 168 12.62 27.01 20.14
CA THR A 168 13.59 26.07 20.65
C THR A 168 13.57 26.05 22.16
N HIS A 169 13.71 24.87 22.76
CA HIS A 169 13.64 24.77 24.21
C HIS A 169 14.56 23.66 24.67
N ILE A 170 15.18 23.85 25.84
CA ILE A 170 16.05 22.86 26.45
C ILE A 170 15.54 22.59 27.86
N SER A 171 15.23 21.33 28.15
CA SER A 171 14.58 20.97 29.40
C SER A 171 15.21 19.72 29.96
N ASP A 172 14.80 19.34 31.17
CA ASP A 172 15.27 18.14 31.85
C ASP A 172 14.10 17.20 32.06
N ILE A 173 14.29 15.93 31.72
CA ILE A 173 13.23 14.92 31.79
C ILE A 173 13.60 13.89 32.83
N ARG A 174 12.66 13.58 33.71
CA ARG A 174 12.84 12.50 34.68
C ARG A 174 12.43 11.18 34.04
N TYR A 175 13.26 10.16 34.23
CA TYR A 175 12.93 8.82 33.79
C TYR A 175 12.93 7.91 35.00
N ASP A 176 11.86 7.13 35.15
CA ASP A 176 11.66 6.35 36.36
C ASP A 176 12.00 4.89 36.22
N HIS A 177 12.15 4.37 34.99
CA HIS A 177 12.61 3.00 34.86
C HIS A 177 14.10 2.88 35.09
N LEU A 178 14.83 3.98 35.00
CA LEU A 178 16.24 4.03 35.32
C LEU A 178 16.49 4.45 36.76
N SER A 179 15.43 4.61 37.56
CA SER A 179 15.62 4.92 38.96
C SER A 179 16.05 3.71 39.78
N SER A 180 15.86 2.50 39.24
CA SER A 180 16.33 1.30 39.93
C SER A 180 17.76 0.94 39.57
N VAL A 181 18.36 1.59 38.57
CA VAL A 181 19.71 1.25 38.12
C VAL A 181 20.61 2.47 38.26
N GLN A 182 20.02 3.66 38.24
CA GLN A 182 20.73 4.91 38.51
C GLN A 182 19.96 5.61 39.62
N PRO A 183 20.45 5.59 40.86
CA PRO A 183 19.58 5.95 41.99
C PRO A 183 19.16 7.41 42.04
N ASN A 184 20.10 8.35 41.93
CA ASN A 184 19.78 9.75 42.11
C ASN A 184 20.05 10.60 40.87
N GLN A 185 20.64 10.04 39.82
CA GLN A 185 20.92 10.78 38.60
C GLN A 185 20.35 10.02 37.40
N ASN A 186 19.06 10.24 37.15
CA ASN A 186 18.38 9.68 35.99
C ASN A 186 17.70 10.77 35.18
N GLU A 187 18.14 12.00 35.33
CA GLU A 187 17.52 13.16 34.70
C GLU A 187 18.26 13.45 33.41
N PHE A 188 17.57 13.38 32.28
CA PHE A 188 18.19 13.46 30.97
C PHE A 188 17.89 14.80 30.33
N SER A 189 18.92 15.43 29.75
CA SER A 189 18.71 16.67 29.02
C SER A 189 17.94 16.41 27.74
N ARG A 190 17.21 17.41 27.27
CA ARG A 190 16.37 17.21 26.10
C ARG A 190 16.18 18.54 25.36
N ILE A 191 16.13 18.47 24.04
CA ILE A 191 15.88 19.62 23.19
C ILE A 191 14.57 19.41 22.43
N THR A 192 13.68 20.40 22.50
CA THR A 192 12.43 20.37 21.76
C THR A 192 12.39 21.51 20.77
N VAL A 193 12.05 21.21 19.53
CA VAL A 193 11.96 22.18 18.45
C VAL A 193 10.54 22.14 17.92
N ARG A 194 9.85 23.28 17.93
CA ARG A 194 8.47 23.37 17.48
C ARG A 194 8.36 24.33 16.33
N ILE A 195 7.76 23.88 15.23
CA ILE A 195 7.54 24.68 14.05
C ILE A 195 6.04 24.79 13.84
N ASP A 196 5.52 26.00 13.71
CA ASP A 196 4.08 26.20 13.62
C ASP A 196 3.65 26.25 12.16
N ALA A 197 2.67 25.41 11.81
CA ALA A 197 2.17 25.30 10.46
C ALA A 197 0.67 25.53 10.46
N VAL A 198 0.16 26.12 9.40
CA VAL A 198 -1.25 26.46 9.26
C VAL A 198 -1.76 25.83 7.97
N ARG A 199 -2.85 25.06 8.07
CA ARG A 199 -3.35 24.36 6.89
C ARG A 199 -3.90 25.35 5.87
N ASN A 200 -3.88 24.93 4.61
CA ASN A 200 -4.41 25.74 3.53
C ASN A 200 -5.81 25.26 3.22
N PRO A 201 -6.87 25.99 3.58
CA PRO A 201 -8.22 25.48 3.44
C PRO A 201 -8.82 25.60 2.05
N SER A 202 -8.06 26.04 1.05
CA SER A 202 -8.63 26.35 -0.25
C SER A 202 -9.21 25.13 -0.94
N TYR A 203 -8.49 24.01 -0.88
CA TYR A 203 -8.95 22.79 -1.55
C TYR A 203 -10.26 22.29 -0.97
N TYR A 204 -10.39 22.30 0.35
CA TYR A 204 -11.65 21.85 0.93
C TYR A 204 -12.77 22.85 0.67
N LEU A 205 -12.45 24.14 0.55
CA LEU A 205 -13.47 25.14 0.22
C LEU A 205 -14.06 24.89 -1.16
N TRP A 206 -13.22 24.79 -2.19
CA TRP A 206 -13.75 24.55 -3.53
C TRP A 206 -14.00 23.10 -3.88
N SER A 207 -13.76 22.15 -2.98
CA SER A 207 -14.08 20.77 -3.34
C SER A 207 -15.09 20.09 -2.44
N PHE A 208 -15.12 20.35 -1.14
CA PHE A 208 -15.98 19.60 -0.24
C PHE A 208 -17.09 20.44 0.38
N ILE A 209 -17.09 21.75 0.16
CA ILE A 209 -18.04 22.66 0.80
C ILE A 209 -18.95 23.31 -0.23
N LEU A 210 -18.41 23.70 -1.37
CA LEU A 210 -19.24 24.23 -2.44
C LEU A 210 -20.24 23.21 -3.01
N PRO A 211 -19.87 21.97 -3.34
CA PRO A 211 -20.91 21.04 -3.79
C PRO A 211 -21.87 20.60 -2.70
N LEU A 212 -21.44 20.52 -1.44
CA LEU A 212 -22.39 20.26 -0.37
C LEU A 212 -23.37 21.41 -0.22
N GLY A 213 -22.90 22.65 -0.41
CA GLY A 213 -23.81 23.77 -0.42
C GLY A 213 -24.82 23.70 -1.56
N LEU A 214 -24.36 23.32 -2.75
CA LEU A 214 -25.28 23.19 -3.88
C LEU A 214 -26.31 22.09 -3.65
N ILE A 215 -25.89 20.95 -3.11
CA ILE A 215 -26.81 19.85 -2.89
C ILE A 215 -27.82 20.18 -1.79
N ILE A 216 -27.38 20.87 -0.74
CA ILE A 216 -28.31 21.26 0.32
C ILE A 216 -29.30 22.33 -0.18
N ALA A 217 -28.84 23.24 -1.04
CA ALA A 217 -29.76 24.20 -1.64
C ALA A 217 -30.78 23.53 -2.53
N ALA A 218 -30.35 22.54 -3.33
CA ALA A 218 -31.29 21.78 -4.13
C ALA A 218 -32.27 21.00 -3.27
N SER A 219 -31.83 20.54 -2.10
CA SER A 219 -32.74 19.88 -1.17
C SER A 219 -33.75 20.85 -0.60
N TRP A 220 -33.36 22.11 -0.38
CA TRP A 220 -34.32 23.14 0.00
C TRP A 220 -35.36 23.34 -1.08
N SER A 221 -34.93 23.33 -2.33
CA SER A 221 -35.84 23.55 -3.45
C SER A 221 -36.78 22.35 -3.74
N VAL A 222 -36.92 21.32 -2.90
CA VAL A 222 -37.85 20.24 -3.21
C VAL A 222 -39.29 20.64 -2.91
N PHE A 223 -39.51 21.69 -2.13
CA PHE A 223 -40.86 22.06 -1.71
C PHE A 223 -41.65 22.74 -2.82
N TRP A 224 -40.99 23.19 -3.88
CA TRP A 224 -41.66 23.96 -4.92
C TRP A 224 -42.38 23.07 -5.92
N LEU A 225 -42.29 21.75 -5.78
CA LEU A 225 -43.17 20.85 -6.49
C LEU A 225 -44.59 20.94 -5.94
N GLU A 226 -45.57 20.64 -6.79
CA GLU A 226 -46.97 20.70 -6.40
C GLU A 226 -47.61 19.32 -6.27
N SER A 227 -46.80 18.28 -6.06
CA SER A 227 -47.29 16.92 -5.89
C SER A 227 -46.74 16.34 -4.60
N PHE A 228 -46.85 15.02 -4.46
CA PHE A 228 -46.37 14.40 -3.23
C PHE A 228 -45.34 13.30 -3.52
N SER A 229 -45.71 12.33 -4.35
CA SER A 229 -44.82 11.20 -4.62
C SER A 229 -43.57 11.64 -5.37
N GLU A 230 -43.70 12.64 -6.25
CA GLU A 230 -42.53 13.19 -6.91
C GLU A 230 -41.58 13.83 -5.91
N ARG A 231 -42.13 14.53 -4.92
CA ARG A 231 -41.33 15.11 -3.84
C ARG A 231 -40.59 14.02 -3.07
N LEU A 232 -41.29 12.94 -2.75
CA LEU A 232 -40.67 11.85 -1.98
C LEU A 232 -39.53 11.21 -2.76
N GLN A 233 -39.75 10.92 -4.05
CA GLN A 233 -38.71 10.28 -4.85
C GLN A 233 -37.51 11.18 -5.04
N THR A 234 -37.74 12.48 -5.26
CA THR A 234 -36.64 13.42 -5.42
C THR A 234 -35.80 13.52 -4.14
N SER A 235 -36.45 13.63 -2.98
CA SER A 235 -35.69 13.75 -1.75
C SER A 235 -34.98 12.44 -1.40
N PHE A 236 -35.50 11.30 -1.83
CA PHE A 236 -34.73 10.08 -1.61
C PHE A 236 -33.52 9.99 -2.53
N THR A 237 -33.62 10.52 -3.74
CA THR A 237 -32.43 10.63 -4.59
C THR A 237 -31.37 11.53 -3.95
N LEU A 238 -31.80 12.62 -3.31
CA LEU A 238 -30.82 13.45 -2.62
C LEU A 238 -30.27 12.79 -1.36
N MET A 239 -31.06 11.93 -0.69
CA MET A 239 -30.51 11.05 0.34
C MET A 239 -29.35 10.23 -0.17
N LEU A 240 -29.53 9.58 -1.32
CA LEU A 240 -28.45 8.79 -1.91
C LEU A 240 -27.23 9.64 -2.23
N THR A 241 -27.46 10.86 -2.74
CA THR A 241 -26.36 11.73 -3.09
C THR A 241 -25.54 12.12 -1.86
N VAL A 242 -26.19 12.43 -0.74
CA VAL A 242 -25.43 12.76 0.47
C VAL A 242 -24.89 11.51 1.16
N VAL A 243 -25.40 10.31 0.85
CA VAL A 243 -24.70 9.09 1.25
C VAL A 243 -23.34 9.02 0.58
N ALA A 244 -23.26 9.41 -0.70
CA ALA A 244 -21.99 9.31 -1.42
C ALA A 244 -20.88 10.16 -0.77
N TYR A 245 -21.23 11.30 -0.18
CA TYR A 245 -20.18 12.16 0.38
C TYR A 245 -19.59 11.62 1.67
N ALA A 246 -20.27 10.69 2.34
CA ALA A 246 -19.63 10.02 3.46
C ALA A 246 -18.44 9.17 2.99
N PHE A 247 -18.62 8.45 1.86
CA PHE A 247 -17.50 7.79 1.20
C PHE A 247 -16.44 8.79 0.79
N TYR A 248 -16.87 9.91 0.22
CA TYR A 248 -15.94 10.84 -0.39
C TYR A 248 -15.10 11.57 0.66
N THR A 249 -15.59 11.66 1.90
CA THR A 249 -14.83 12.33 2.95
C THR A 249 -14.32 11.39 4.04
N SER A 250 -14.51 10.08 3.90
CA SER A 250 -14.08 9.15 4.94
C SER A 250 -12.56 9.04 5.04
N ASN A 251 -11.85 9.20 3.92
CA ASN A 251 -10.49 8.67 3.84
C ASN A 251 -9.43 9.68 4.27
N ILE A 252 -9.80 10.96 4.19
CA ILE A 252 -8.92 12.09 4.50
C ILE A 252 -8.57 12.29 5.96
N LEU A 253 -9.30 11.64 6.85
CA LEU A 253 -9.07 11.84 8.28
C LEU A 253 -9.20 10.56 9.09
N PRO A 254 -8.62 10.56 10.29
CA PRO A 254 -8.62 9.45 11.25
C PRO A 254 -9.99 9.31 11.91
N ARG A 255 -10.29 8.15 12.46
CA ARG A 255 -11.55 7.95 13.15
C ARG A 255 -11.52 8.68 14.48
N LEU A 256 -11.83 9.97 14.44
CA LEU A 256 -11.80 10.81 15.63
C LEU A 256 -13.07 10.67 16.43
N PRO A 257 -12.99 10.75 17.76
CA PRO A 257 -14.21 10.69 18.58
C PRO A 257 -15.08 11.93 18.46
N TYR A 258 -14.50 13.08 18.10
CA TYR A 258 -15.28 14.29 17.91
C TYR A 258 -15.63 14.46 16.44
N THR A 259 -16.35 15.53 16.12
CA THR A 259 -16.76 15.82 14.76
C THR A 259 -16.21 17.18 14.35
N THR A 260 -15.84 17.30 13.07
CA THR A 260 -15.22 18.47 12.51
C THR A 260 -16.26 19.34 11.81
N TYR A 261 -15.81 20.34 11.04
CA TYR A 261 -16.75 21.17 10.30
C TYR A 261 -17.37 20.42 9.13
N ILE A 262 -16.55 19.69 8.37
CA ILE A 262 -17.03 18.99 7.18
C ILE A 262 -18.08 17.95 7.54
N ASP A 263 -17.83 17.18 8.58
CA ASP A 263 -18.84 16.20 8.94
C ASP A 263 -20.02 16.83 9.65
N GLN A 264 -19.85 18.00 10.25
CA GLN A 264 -21.02 18.70 10.77
C GLN A 264 -21.93 19.12 9.63
N MET A 265 -21.37 19.53 8.48
CA MET A 265 -22.23 19.78 7.33
C MET A 265 -22.85 18.51 6.77
N ILE A 266 -22.13 17.39 6.82
CA ILE A 266 -22.73 16.13 6.37
C ILE A 266 -23.94 15.76 7.23
N ILE A 267 -23.79 15.89 8.55
CA ILE A 267 -24.89 15.58 9.47
C ILE A 267 -26.04 16.57 9.29
N ALA A 268 -25.72 17.84 9.04
CA ALA A 268 -26.76 18.83 8.77
C ALA A 268 -27.50 18.53 7.48
N GLY A 269 -26.79 18.04 6.45
CA GLY A 269 -27.47 17.65 5.22
C GLY A 269 -28.39 16.46 5.42
N TYR A 270 -27.95 15.47 6.19
CA TYR A 270 -28.82 14.34 6.52
C TYR A 270 -30.06 14.81 7.27
N GLY A 271 -29.87 15.71 8.24
CA GLY A 271 -31.00 16.21 9.00
C GLY A 271 -31.96 17.02 8.14
N SER A 272 -31.43 17.79 7.19
CA SER A 272 -32.28 18.57 6.30
C SER A 272 -33.11 17.67 5.38
N ILE A 273 -32.49 16.64 4.80
CA ILE A 273 -33.23 15.72 3.93
C ILE A 273 -34.31 15.00 4.71
N PHE A 274 -33.96 14.51 5.90
CA PHE A 274 -34.95 13.76 6.70
C PHE A 274 -36.06 14.67 7.20
N ALA A 275 -35.73 15.93 7.53
CA ALA A 275 -36.74 16.88 7.96
C ALA A 275 -37.71 17.20 6.84
N ALA A 276 -37.20 17.39 5.62
CA ALA A 276 -38.09 17.67 4.49
C ALA A 276 -39.00 16.49 4.19
N ILE A 277 -38.45 15.27 4.22
CA ILE A 277 -39.27 14.08 3.97
C ILE A 277 -40.33 13.92 5.05
N LEU A 278 -39.95 14.10 6.31
CA LEU A 278 -40.90 13.94 7.40
C LEU A 278 -41.96 15.03 7.37
N LEU A 279 -41.59 16.24 6.95
CA LEU A 279 -42.55 17.33 6.83
C LEU A 279 -43.57 17.06 5.74
N ILE A 280 -43.13 16.58 4.57
CA ILE A 280 -44.11 16.33 3.52
C ILE A 280 -44.96 15.10 3.85
N ILE A 281 -44.41 14.14 4.60
CA ILE A 281 -45.22 13.00 5.06
C ILE A 281 -46.29 13.48 6.03
N PHE A 282 -45.94 14.35 6.96
CA PHE A 282 -46.92 14.88 7.91
C PHE A 282 -47.92 15.80 7.23
N ALA A 283 -47.52 16.45 6.14
CA ALA A 283 -48.48 17.23 5.36
C ALA A 283 -49.46 16.32 4.63
N HIS A 284 -49.01 15.14 4.20
CA HIS A 284 -49.92 14.18 3.61
C HIS A 284 -50.89 13.60 4.64
N HIS A 285 -50.47 13.47 5.89
CA HIS A 285 -51.30 12.93 6.96
C HIS A 285 -52.01 14.01 7.77
N ARG A 286 -51.83 15.28 7.42
CA ARG A 286 -52.57 16.35 8.08
C ARG A 286 -54.02 16.41 7.63
N GLN A 287 -54.39 15.65 6.60
CA GLN A 287 -55.77 15.63 6.10
C GLN A 287 -56.65 14.93 7.13
N ALA A 288 -57.34 15.73 7.96
CA ALA A 288 -58.22 15.17 8.98
C ALA A 288 -59.46 14.55 8.36
N ASN A 289 -60.01 15.18 7.32
CA ASN A 289 -61.15 14.65 6.59
C ASN A 289 -60.75 14.01 5.27
N GLY A 290 -59.47 14.00 4.92
CA GLY A 290 -59.04 13.54 3.62
C GLY A 290 -59.14 14.58 2.52
N VAL A 291 -59.48 15.82 2.86
CA VAL A 291 -59.67 16.85 1.85
C VAL A 291 -58.98 18.17 2.20
N GLU A 292 -58.54 18.38 3.44
CA GLU A 292 -58.04 19.68 3.88
C GLU A 292 -56.63 19.92 3.34
N ASP A 293 -56.46 21.04 2.64
CA ASP A 293 -55.18 21.41 2.05
C ASP A 293 -54.35 22.23 3.03
N ASP A 294 -53.03 22.05 2.95
CA ASP A 294 -52.09 22.70 3.86
C ASP A 294 -51.26 23.72 3.10
N LEU A 295 -51.29 24.97 3.59
CA LEU A 295 -50.53 26.06 3.02
C LEU A 295 -49.58 26.71 4.01
N LEU A 296 -49.89 26.67 5.31
CA LEU A 296 -49.02 27.24 6.32
C LEU A 296 -47.75 26.42 6.49
N ILE A 297 -47.88 25.09 6.49
CA ILE A 297 -46.72 24.22 6.61
C ILE A 297 -45.99 24.04 5.29
N GLN A 298 -46.65 24.33 4.16
CA GLN A 298 -46.00 24.24 2.86
C GLN A 298 -45.39 25.54 2.41
N ARG A 299 -45.54 26.60 3.22
CA ARG A 299 -44.86 27.87 2.98
C ARG A 299 -43.54 27.95 3.72
N CYS A 300 -42.88 26.82 3.94
CA CYS A 300 -41.55 26.77 4.51
C CYS A 300 -40.45 26.98 3.47
N ARG A 301 -40.82 27.39 2.25
CA ARG A 301 -39.83 27.72 1.23
C ARG A 301 -38.98 28.93 1.61
N LEU A 302 -39.50 29.81 2.49
CA LEU A 302 -38.70 30.85 3.09
C LEU A 302 -38.26 30.53 4.51
N ALA A 303 -38.92 29.56 5.16
CA ALA A 303 -38.62 29.24 6.55
C ALA A 303 -37.52 28.20 6.68
N PHE A 304 -37.52 27.19 5.81
CA PHE A 304 -36.49 26.16 5.87
C PHE A 304 -35.08 26.67 5.57
N PRO A 305 -34.82 27.46 4.51
CA PRO A 305 -33.45 27.98 4.34
C PRO A 305 -33.00 28.90 5.46
N LEU A 306 -33.89 29.74 6.00
CA LEU A 306 -33.51 30.61 7.10
C LEU A 306 -33.24 29.81 8.37
N GLY A 307 -34.05 28.78 8.62
CA GLY A 307 -33.80 27.92 9.77
C GLY A 307 -32.51 27.14 9.65
N PHE A 308 -32.20 26.67 8.44
CA PHE A 308 -30.93 26.00 8.21
C PHE A 308 -29.76 26.96 8.39
N LEU A 309 -29.90 28.21 7.94
CA LEU A 309 -28.85 29.19 8.14
C LEU A 309 -28.66 29.49 9.62
N ALA A 310 -29.75 29.59 10.38
CA ALA A 310 -29.64 29.85 11.81
C ALA A 310 -29.00 28.67 12.54
N ILE A 311 -29.38 27.44 12.17
CA ILE A 311 -28.78 26.25 12.77
C ILE A 311 -27.29 26.17 12.43
N GLY A 312 -26.94 26.42 11.16
CA GLY A 312 -25.54 26.42 10.79
C GLY A 312 -24.75 27.50 11.49
N CYS A 313 -25.35 28.68 11.69
CA CYS A 313 -24.64 29.76 12.35
C CYS A 313 -24.45 29.49 13.84
N VAL A 314 -25.47 28.94 14.51
CA VAL A 314 -25.32 28.65 15.94
C VAL A 314 -24.34 27.49 16.14
N LEU A 315 -24.32 26.52 15.21
CA LEU A 315 -23.34 25.44 15.31
C LEU A 315 -21.93 25.92 15.04
N VAL A 316 -21.75 26.81 14.06
CA VAL A 316 -20.40 27.27 13.74
C VAL A 316 -19.91 28.26 14.80
N ILE A 317 -20.82 28.95 15.48
CA ILE A 317 -20.42 29.88 16.54
C ILE A 317 -20.30 29.20 17.89
N PRO B 11 21.53 -20.82 37.99
CA PRO B 11 20.83 -19.84 37.18
C PRO B 11 21.10 -18.42 37.65
N VAL B 12 21.25 -17.50 36.70
CA VAL B 12 21.49 -16.10 37.02
C VAL B 12 20.15 -15.36 36.99
N ASP B 13 20.00 -14.41 37.89
CA ASP B 13 18.73 -13.71 38.09
C ASP B 13 18.75 -12.38 37.34
N VAL B 14 17.90 -12.27 36.33
CA VAL B 14 17.79 -11.07 35.50
C VAL B 14 16.53 -10.33 35.88
N SER B 15 16.62 -9.01 36.02
CA SER B 15 15.55 -8.18 36.56
C SER B 15 15.08 -7.17 35.51
N VAL B 16 14.14 -7.58 34.67
CA VAL B 16 13.73 -6.78 33.52
C VAL B 16 12.91 -5.59 33.99
N SER B 17 12.94 -4.50 33.23
CA SER B 17 12.16 -3.30 33.55
C SER B 17 11.78 -2.58 32.25
N ILE B 18 10.63 -2.96 31.69
CA ILE B 18 10.17 -2.44 30.42
C ILE B 18 9.53 -1.07 30.63
N PHE B 19 9.79 -0.15 29.71
CA PHE B 19 9.22 1.20 29.75
C PHE B 19 8.50 1.43 28.43
N ILE B 20 7.18 1.30 28.42
CA ILE B 20 6.39 1.48 27.20
C ILE B 20 6.37 2.97 26.87
N ASN B 21 7.03 3.35 25.79
CA ASN B 21 7.06 4.76 25.41
C ASN B 21 5.78 5.15 24.69
N LYS B 22 5.32 4.33 23.75
CA LYS B 22 4.02 4.54 23.13
C LYS B 22 3.51 3.26 22.49
N ILE B 23 2.19 3.19 22.35
CA ILE B 23 1.52 2.16 21.59
C ILE B 23 0.75 2.86 20.48
N TYR B 24 0.96 2.43 19.24
CA TYR B 24 0.31 3.09 18.12
C TYR B 24 0.07 2.07 17.03
N GLY B 25 -0.45 2.55 15.90
CA GLY B 25 -0.64 1.74 14.72
C GLY B 25 -1.51 0.53 14.93
N VAL B 26 -2.50 0.61 15.83
CA VAL B 26 -3.26 -0.55 16.24
C VAL B 26 -4.15 -1.00 15.09
N ASN B 27 -3.77 -2.09 14.47
CA ASN B 27 -4.43 -2.59 13.27
C ASN B 27 -5.42 -3.67 13.67
N THR B 28 -6.63 -3.60 13.14
CA THR B 28 -7.63 -4.62 13.41
C THR B 28 -7.81 -5.61 12.28
N LEU B 29 -7.42 -5.26 11.06
CA LEU B 29 -7.47 -6.21 9.96
C LEU B 29 -6.50 -7.36 10.20
N GLU B 30 -5.31 -7.06 10.70
CA GLU B 30 -4.28 -8.06 10.93
C GLU B 30 -4.04 -8.35 12.40
N GLN B 31 -4.72 -7.63 13.29
CA GLN B 31 -4.63 -7.80 14.74
C GLN B 31 -3.20 -7.62 15.24
N THR B 32 -2.49 -6.65 14.69
CA THR B 32 -1.16 -6.28 15.16
C THR B 32 -1.22 -4.88 15.73
N TYR B 33 -0.15 -4.51 16.45
CA TYR B 33 -0.01 -3.17 16.99
C TYR B 33 1.47 -2.89 17.09
N LYS B 34 1.84 -1.62 17.22
CA LYS B 34 3.25 -1.28 17.31
C LYS B 34 3.54 -0.73 18.69
N VAL B 35 4.49 -1.33 19.37
CA VAL B 35 4.93 -0.87 20.68
C VAL B 35 6.35 -0.34 20.55
N ASP B 36 6.57 0.87 21.02
CA ASP B 36 7.87 1.51 21.03
C ASP B 36 8.25 1.77 22.47
N GLY B 37 9.47 1.42 22.85
CA GLY B 37 9.85 1.61 24.23
C GLY B 37 11.27 1.16 24.50
N TYR B 38 11.59 1.02 25.78
CA TYR B 38 12.91 0.64 26.25
C TYR B 38 12.83 -0.62 27.09
N ILE B 39 13.89 -1.42 27.05
CA ILE B 39 14.00 -2.60 27.90
C ILE B 39 15.31 -2.49 28.68
N VAL B 40 15.25 -2.78 29.98
CA VAL B 40 16.41 -2.67 30.86
C VAL B 40 16.54 -3.98 31.61
N ALA B 41 17.51 -4.79 31.25
CA ALA B 41 17.78 -6.01 32.00
C ALA B 41 19.01 -5.80 32.87
N GLN B 42 19.04 -6.45 34.03
CA GLN B 42 20.13 -6.23 34.98
C GLN B 42 20.46 -7.52 35.69
N TRP B 43 21.73 -7.91 35.69
CA TRP B 43 22.16 -9.10 36.39
C TRP B 43 23.48 -8.82 37.08
N THR B 44 24.01 -9.82 37.78
CA THR B 44 25.27 -9.65 38.50
C THR B 44 26.25 -10.75 38.13
N GLY B 45 27.52 -10.39 38.07
CA GLY B 45 28.55 -11.34 37.69
C GLY B 45 29.80 -11.18 38.53
N LYS B 46 30.93 -11.67 38.03
CA LYS B 46 32.18 -11.51 38.75
C LYS B 46 32.61 -10.04 38.71
N PRO B 47 33.26 -9.57 39.77
CA PRO B 47 33.71 -8.17 39.79
C PRO B 47 34.79 -7.91 38.77
N ARG B 48 35.01 -6.63 38.49
CA ARG B 48 35.95 -6.23 37.47
C ARG B 48 36.50 -4.85 37.80
N LYS B 49 37.57 -4.49 37.13
CA LYS B 49 38.21 -3.19 37.31
C LYS B 49 37.86 -2.29 36.13
N THR B 50 37.20 -1.20 36.42
CA THR B 50 36.84 -0.17 35.46
C THR B 50 37.77 1.02 35.61
N PRO B 51 37.82 1.94 34.63
CA PRO B 51 38.61 3.16 34.81
C PRO B 51 38.12 4.02 35.98
N GLY B 52 38.93 4.08 37.04
CA GLY B 52 38.47 4.65 38.29
C GLY B 52 37.65 3.64 39.07
N ASP B 53 36.63 4.14 39.75
CA ASP B 53 35.62 3.30 40.38
C ASP B 53 34.23 3.66 39.93
N LYS B 54 34.12 4.46 38.91
CA LYS B 54 32.85 4.85 38.32
C LYS B 54 32.42 3.84 37.26
N PRO B 55 31.13 3.68 37.05
CA PRO B 55 30.65 2.69 36.07
C PRO B 55 31.01 3.08 34.65
N LEU B 56 31.15 2.07 33.81
CA LEU B 56 31.61 2.20 32.43
C LEU B 56 30.44 2.01 31.48
N ILE B 57 30.20 3.00 30.62
CA ILE B 57 29.11 2.95 29.66
C ILE B 57 29.68 2.54 28.32
N VAL B 58 29.23 1.42 27.78
CA VAL B 58 29.67 0.90 26.50
C VAL B 58 28.49 1.00 25.55
N GLU B 59 28.59 1.86 24.54
CA GLU B 59 27.52 2.11 23.57
C GLU B 59 27.29 1.06 22.50
N ASN B 60 26.46 1.36 21.52
CA ASN B 60 26.18 0.43 20.44
C ASN B 60 27.41 0.21 19.59
N THR B 61 27.63 -1.04 19.19
CA THR B 61 28.76 -1.52 18.36
C THR B 61 30.11 -1.54 19.05
N GLN B 62 30.08 -1.42 20.37
CA GLN B 62 31.28 -1.45 21.17
C GLN B 62 30.98 -2.55 22.11
N ILE B 63 29.78 -3.10 21.98
CA ILE B 63 29.38 -4.22 22.81
C ILE B 63 29.97 -5.47 22.22
N GLU B 64 30.21 -5.46 20.92
CA GLU B 64 30.80 -6.59 20.23
C GLU B 64 32.28 -6.73 20.52
N ARG B 65 32.96 -5.63 20.86
CA ARG B 65 34.33 -5.73 21.30
C ARG B 65 34.46 -6.35 22.67
N TRP B 66 33.37 -6.44 23.43
CA TRP B 66 33.36 -7.04 24.75
C TRP B 66 32.82 -8.46 24.75
N ILE B 67 31.83 -8.75 23.90
CA ILE B 67 31.34 -10.11 23.78
C ILE B 67 32.37 -11.01 23.13
N ASN B 68 33.20 -10.44 22.25
CA ASN B 68 34.29 -11.22 21.66
C ASN B 68 35.32 -11.61 22.71
N ASN B 69 35.57 -10.73 23.67
CA ASN B 69 36.56 -11.01 24.71
C ASN B 69 36.02 -11.93 25.81
N GLY B 70 34.73 -12.26 25.79
CA GLY B 70 34.24 -13.25 26.71
C GLY B 70 33.15 -12.80 27.65
N LEU B 71 32.61 -11.60 27.45
CA LEU B 71 31.49 -11.15 28.27
C LEU B 71 30.25 -11.95 27.95
N TRP B 72 29.40 -12.12 28.94
CA TRP B 72 28.18 -12.91 28.83
C TRP B 72 27.00 -11.96 28.76
N VAL B 73 26.42 -11.82 27.58
CA VAL B 73 25.21 -11.01 27.40
C VAL B 73 24.16 -11.90 26.77
N PRO B 74 23.07 -12.22 27.46
CA PRO B 74 22.04 -13.07 26.87
C PRO B 74 21.20 -12.32 25.85
N ALA B 75 20.57 -13.08 24.98
CA ALA B 75 19.73 -12.54 23.93
C ALA B 75 18.28 -12.76 24.31
N LEU B 76 17.65 -11.71 24.82
CA LEU B 76 16.23 -11.75 25.17
C LEU B 76 15.42 -11.37 23.93
N GLU B 77 14.57 -12.28 23.48
CA GLU B 77 13.76 -12.08 22.30
C GLU B 77 12.31 -11.87 22.70
N PHE B 78 11.53 -11.33 21.75
CA PHE B 78 10.09 -11.16 21.92
C PHE B 78 9.38 -12.25 21.14
N ILE B 79 8.49 -12.98 21.81
CA ILE B 79 7.90 -14.17 21.21
C ILE B 79 6.82 -13.81 20.21
N ASN B 80 5.95 -12.85 20.54
CA ASN B 80 4.75 -12.60 19.75
C ASN B 80 4.95 -11.49 18.74
N VAL B 81 6.13 -11.37 18.18
CA VAL B 81 6.46 -10.27 17.30
C VAL B 81 6.21 -10.71 15.86
N VAL B 82 5.91 -9.75 15.00
CA VAL B 82 5.75 -9.98 13.56
C VAL B 82 6.94 -9.34 12.87
N GLY B 83 7.74 -10.14 12.19
CA GLY B 83 8.99 -9.65 11.68
C GLY B 83 10.06 -9.75 12.74
N SER B 84 10.95 -8.77 12.79
CA SER B 84 11.93 -8.65 13.85
C SER B 84 11.88 -7.23 14.41
N PRO B 85 12.18 -7.05 15.69
CA PRO B 85 12.16 -5.71 16.26
C PRO B 85 13.22 -4.84 15.64
N ASP B 86 12.92 -3.55 15.55
CA ASP B 86 13.82 -2.55 15.00
C ASP B 86 14.63 -1.94 16.14
N THR B 87 15.57 -2.73 16.64
CA THR B 87 16.41 -2.31 17.76
C THR B 87 17.29 -1.15 17.34
N GLY B 88 17.06 0.00 17.93
CA GLY B 88 17.81 1.19 17.59
C GLY B 88 19.09 1.21 18.39
N ASN B 89 19.23 2.18 19.28
CA ASN B 89 20.42 2.24 20.11
C ASN B 89 20.40 1.12 21.15
N LYS B 90 21.58 0.79 21.66
CA LYS B 90 21.68 -0.09 22.81
C LYS B 90 22.90 0.30 23.62
N ARG B 91 22.93 -0.16 24.86
CA ARG B 91 23.88 0.36 25.84
C ARG B 91 24.14 -0.72 26.87
N LEU B 92 25.35 -0.72 27.42
CA LEU B 92 25.77 -1.70 28.41
C LEU B 92 26.53 -0.97 29.51
N MET B 93 26.00 -0.99 30.73
CA MET B 93 26.64 -0.35 31.86
C MET B 93 27.31 -1.41 32.72
N LEU B 94 28.61 -1.26 32.93
CA LEU B 94 29.44 -2.22 33.64
C LEU B 94 29.88 -1.60 34.96
N PHE B 95 29.54 -2.21 36.03
CA PHE B 95 29.81 -1.62 37.33
C PHE B 95 30.98 -2.32 38.00
N PRO B 96 31.78 -1.59 38.78
CA PRO B 96 32.91 -2.23 39.45
C PRO B 96 32.52 -3.26 40.50
N ASP B 97 31.34 -3.15 41.10
CA ASP B 97 30.90 -4.12 42.08
C ASP B 97 30.48 -5.44 41.47
N GLY B 98 30.39 -5.52 40.15
CA GLY B 98 30.18 -6.78 39.46
C GLY B 98 28.86 -6.93 38.74
N ARG B 99 28.02 -5.91 38.65
CA ARG B 99 26.71 -6.07 38.04
C ARG B 99 26.64 -5.34 36.71
N VAL B 100 25.92 -5.93 35.77
CA VAL B 100 25.83 -5.50 34.39
C VAL B 100 24.40 -5.09 34.11
N ILE B 101 24.23 -4.03 33.32
CA ILE B 101 22.90 -3.52 32.96
C ILE B 101 22.85 -3.34 31.45
N TYR B 102 21.95 -4.04 30.79
CA TYR B 102 21.81 -3.99 29.35
C TYR B 102 20.53 -3.23 29.02
N ASN B 103 20.67 -2.07 28.40
CA ASN B 103 19.54 -1.23 28.02
C ASN B 103 19.42 -1.22 26.52
N ALA B 104 18.20 -1.28 26.00
CA ALA B 104 18.00 -1.29 24.57
C ALA B 104 16.70 -0.59 24.25
N ARG B 105 16.59 -0.10 23.02
CA ARG B 105 15.37 0.53 22.56
C ARG B 105 14.75 -0.36 21.49
N PHE B 106 13.49 -0.73 21.69
CA PHE B 106 12.82 -1.64 20.77
C PHE B 106 11.61 -0.97 20.15
N LEU B 107 11.30 -1.39 18.94
CA LEU B 107 10.10 -0.95 18.22
C LEU B 107 9.57 -2.16 17.47
N GLY B 108 8.50 -2.75 17.96
CA GLY B 108 8.04 -4.02 17.44
C GLY B 108 6.62 -3.96 16.97
N SER B 109 6.33 -4.76 15.93
CA SER B 109 4.97 -5.01 15.48
C SER B 109 4.51 -6.30 16.13
N PHE B 110 3.85 -6.19 17.26
CA PHE B 110 3.41 -7.35 18.02
C PHE B 110 2.04 -7.79 17.56
N SER B 111 1.70 -9.04 17.84
CA SER B 111 0.43 -9.61 17.42
C SER B 111 -0.21 -10.37 18.57
N ASN B 112 -1.49 -10.14 18.79
CA ASN B 112 -2.27 -10.82 19.81
C ASN B 112 -3.58 -11.31 19.20
N ASP B 113 -4.17 -12.32 19.82
CA ASP B 113 -5.44 -12.88 19.36
C ASP B 113 -6.59 -12.00 19.84
N MET B 114 -7.11 -11.17 18.94
CA MET B 114 -8.19 -10.27 19.24
C MET B 114 -9.53 -10.93 18.98
N ASP B 115 -10.58 -10.45 19.65
CA ASP B 115 -11.92 -11.01 19.53
C ASP B 115 -12.91 -9.87 19.34
N PHE B 116 -13.36 -9.63 18.12
CA PHE B 116 -14.33 -8.56 17.87
C PHE B 116 -15.79 -9.02 17.89
N ARG B 117 -16.19 -9.78 18.89
CA ARG B 117 -17.58 -10.25 18.96
C ARG B 117 -18.52 -9.07 19.08
N LEU B 118 -18.15 -8.11 19.91
CA LEU B 118 -18.90 -6.87 20.08
C LEU B 118 -17.93 -5.98 19.36
N PHE B 119 -18.34 -5.31 18.29
CA PHE B 119 -17.34 -4.54 17.57
C PHE B 119 -17.11 -3.08 17.91
N PRO B 120 -18.17 -2.32 18.13
CA PRO B 120 -17.94 -0.89 18.43
C PRO B 120 -17.59 -0.63 19.88
N PHE B 121 -18.03 -1.49 20.79
CA PHE B 121 -17.82 -1.33 22.23
C PHE B 121 -16.81 -2.36 22.72
N ASP B 122 -15.80 -2.60 21.91
CA ASP B 122 -14.89 -3.71 22.08
C ASP B 122 -13.87 -3.38 23.16
N ARG B 123 -13.44 -4.40 23.89
CA ARG B 123 -12.44 -4.26 24.95
C ARG B 123 -11.36 -5.31 24.72
N GLN B 124 -10.13 -4.86 24.48
CA GLN B 124 -9.04 -5.73 24.08
C GLN B 124 -7.87 -5.57 25.04
N GLN B 125 -6.85 -6.40 24.87
CA GLN B 125 -5.63 -6.22 25.63
C GLN B 125 -4.41 -6.48 24.76
N PHE B 126 -3.38 -5.68 24.99
CA PHE B 126 -2.15 -5.71 24.23
C PHE B 126 -1.08 -6.42 25.06
N VAL B 127 -0.44 -7.43 24.45
CA VAL B 127 0.40 -8.37 25.17
C VAL B 127 1.81 -8.33 24.60
N LEU B 128 2.79 -8.15 25.48
CA LEU B 128 4.21 -8.30 25.17
C LEU B 128 4.75 -9.53 25.88
N GLU B 129 5.37 -10.43 25.13
CA GLU B 129 5.95 -11.64 25.71
C GLU B 129 7.45 -11.63 25.44
N LEU B 130 8.24 -11.79 26.49
CA LEU B 130 9.69 -11.69 26.42
C LEU B 130 10.29 -12.96 27.01
N GLU B 131 11.37 -13.45 26.40
CA GLU B 131 11.86 -14.77 26.75
C GLU B 131 13.30 -14.91 26.29
N PRO B 132 14.17 -15.56 27.06
CA PRO B 132 15.52 -15.82 26.56
C PRO B 132 15.51 -16.74 25.36
N PHE B 133 16.48 -16.56 24.48
CA PHE B 133 16.53 -17.40 23.30
C PHE B 133 17.28 -18.69 23.52
N SER B 134 18.32 -18.69 24.35
CA SER B 134 19.22 -19.82 24.47
C SER B 134 19.23 -20.47 25.83
N TYR B 135 19.03 -19.71 26.89
CA TYR B 135 19.25 -20.19 28.24
C TYR B 135 17.90 -20.51 28.87
N ASN B 136 17.74 -21.73 29.36
CA ASN B 136 16.52 -22.15 30.01
C ASN B 136 16.52 -21.68 31.46
N ASN B 137 15.54 -22.10 32.26
CA ASN B 137 15.45 -21.54 33.61
C ASN B 137 16.43 -22.17 34.58
N GLN B 138 17.17 -23.20 34.16
CA GLN B 138 18.29 -23.67 34.96
C GLN B 138 19.53 -22.80 34.78
N GLN B 139 19.59 -22.01 33.70
CA GLN B 139 20.72 -21.14 33.43
C GLN B 139 20.37 -19.66 33.44
N LEU B 140 19.10 -19.29 33.31
CA LEU B 140 18.69 -17.90 33.37
C LEU B 140 17.26 -17.83 33.89
N ARG B 141 17.05 -17.16 35.01
CA ARG B 141 15.74 -16.97 35.59
C ARG B 141 15.44 -15.49 35.67
N PHE B 142 14.17 -15.14 35.45
CA PHE B 142 13.73 -13.77 35.64
C PHE B 142 13.25 -13.60 37.07
N SER B 143 13.82 -12.62 37.78
CA SER B 143 13.40 -12.37 39.14
C SER B 143 12.09 -11.58 39.18
N ASP B 144 12.09 -10.40 38.57
CA ASP B 144 10.90 -9.56 38.62
C ASP B 144 10.85 -8.65 37.40
N ILE B 145 9.67 -8.08 37.17
CA ILE B 145 9.48 -7.04 36.17
C ILE B 145 8.68 -5.89 36.75
N GLN B 146 9.14 -4.67 36.49
CA GLN B 146 8.39 -3.44 36.71
C GLN B 146 8.13 -2.83 35.35
N VAL B 147 6.86 -2.65 34.99
CA VAL B 147 6.50 -2.02 33.73
C VAL B 147 6.12 -0.58 34.01
N TYR B 148 6.84 0.36 33.41
CA TYR B 148 6.63 1.78 33.64
C TYR B 148 5.83 2.35 32.47
N THR B 149 4.52 2.11 32.52
CA THR B 149 3.60 2.55 31.48
C THR B 149 3.02 3.94 31.76
N GLU B 150 3.83 4.89 32.17
CA GLU B 150 3.33 6.18 32.60
C GLU B 150 3.12 7.16 31.47
N ASN B 151 3.65 6.88 30.27
CA ASN B 151 3.42 7.76 29.13
C ASN B 151 2.12 7.46 28.41
N ILE B 152 1.48 6.33 28.71
CA ILE B 152 0.20 5.99 28.08
C ILE B 152 -0.82 5.62 29.16
N ASP B 153 -0.70 6.21 30.35
CA ASP B 153 -1.40 5.68 31.53
C ASP B 153 -2.92 5.76 31.39
N ASN B 154 -3.46 6.95 31.12
CA ASN B 154 -4.88 7.14 30.76
C ASN B 154 -4.91 8.05 29.55
N GLU B 155 -4.73 7.46 28.37
CA GLU B 155 -4.57 8.25 27.17
C GLU B 155 -5.41 7.66 26.04
N GLU B 156 -5.83 8.52 25.13
CA GLU B 156 -6.46 8.11 23.89
C GLU B 156 -5.35 8.02 22.85
N ILE B 157 -4.95 6.80 22.53
CA ILE B 157 -3.78 6.62 21.66
C ILE B 157 -4.11 6.99 20.22
N ASP B 158 -5.00 6.25 19.57
CA ASP B 158 -5.70 6.76 18.40
C ASP B 158 -7.20 6.68 18.59
N GLU B 159 -7.69 5.51 19.00
CA GLU B 159 -9.10 5.37 19.35
C GLU B 159 -9.30 4.43 20.53
N TRP B 160 -8.29 4.26 21.37
CA TRP B 160 -8.38 3.35 22.50
C TRP B 160 -8.06 4.09 23.78
N TRP B 161 -8.89 3.91 24.80
CA TRP B 161 -8.51 4.31 26.14
C TRP B 161 -7.64 3.21 26.75
N ILE B 162 -6.53 3.60 27.35
CA ILE B 162 -5.70 2.65 28.08
C ILE B 162 -6.13 2.69 29.54
N ARG B 163 -6.66 1.57 30.02
CA ARG B 163 -7.36 1.54 31.30
C ARG B 163 -6.41 1.02 32.39
N GLY B 164 -6.00 1.92 33.28
CA GLY B 164 -5.31 1.50 34.47
C GLY B 164 -3.87 1.07 34.25
N LYS B 165 -3.38 0.25 35.18
CA LYS B 165 -2.00 -0.18 35.18
C LYS B 165 -1.80 -1.35 34.21
N ALA B 166 -0.58 -1.88 34.18
CA ALA B 166 -0.23 -3.00 33.33
C ALA B 166 0.00 -4.23 34.20
N SER B 167 -0.55 -5.36 33.78
CA SER B 167 -0.47 -6.60 34.55
C SER B 167 0.75 -7.39 34.10
N THR B 168 1.60 -7.77 35.05
CA THR B 168 2.88 -8.40 34.78
C THR B 168 2.88 -9.82 35.32
N HIS B 169 3.48 -10.75 34.58
CA HIS B 169 3.48 -12.14 35.01
C HIS B 169 4.78 -12.79 34.56
N ILE B 170 5.29 -13.71 35.37
CA ILE B 170 6.49 -14.48 35.06
C ILE B 170 6.15 -15.96 35.17
N SER B 171 6.36 -16.70 34.10
CA SER B 171 5.91 -18.09 34.02
C SER B 171 7.01 -18.92 33.39
N ASP B 172 6.80 -20.24 33.38
CA ASP B 172 7.71 -21.20 32.76
C ASP B 172 7.00 -21.90 31.61
N ILE B 173 7.67 -21.99 30.46
CA ILE B 173 7.09 -22.55 29.26
C ILE B 173 7.85 -23.82 28.90
N ARG B 174 7.12 -24.89 28.62
CA ARG B 174 7.72 -26.12 28.12
C ARG B 174 7.85 -26.05 26.61
N TYR B 175 9.01 -26.41 26.10
CA TYR B 175 9.23 -26.52 24.66
C TYR B 175 9.59 -27.96 24.33
N ASP B 176 8.92 -28.52 23.35
CA ASP B 176 9.06 -29.94 23.06
C ASP B 176 9.95 -30.24 21.87
N HIS B 177 10.26 -29.27 21.03
CA HIS B 177 11.22 -29.53 19.95
C HIS B 177 12.64 -29.55 20.47
N LEU B 178 12.89 -28.96 21.64
CA LEU B 178 14.17 -29.03 22.31
C LEU B 178 14.26 -30.19 23.30
N SER B 179 13.23 -31.04 23.35
CA SER B 179 13.31 -32.21 24.21
C SER B 179 14.19 -33.30 23.62
N SER B 180 14.49 -33.24 22.33
CA SER B 180 15.39 -34.20 21.73
C SER B 180 16.84 -33.76 21.79
N VAL B 181 17.12 -32.52 22.18
CA VAL B 181 18.49 -32.01 22.21
C VAL B 181 18.85 -31.58 23.62
N GLN B 182 17.85 -31.25 24.43
CA GLN B 182 18.01 -30.97 25.85
C GLN B 182 17.05 -31.89 26.59
N PRO B 183 17.53 -32.96 27.22
CA PRO B 183 16.61 -34.04 27.63
C PRO B 183 15.65 -33.65 28.75
N ASN B 184 16.14 -33.09 29.85
CA ASN B 184 15.31 -32.82 31.00
C ASN B 184 15.21 -31.35 31.37
N GLN B 185 15.95 -30.48 30.70
CA GLN B 185 15.90 -29.03 30.98
C GLN B 185 15.65 -28.27 29.68
N ASN B 186 14.37 -28.18 29.31
CA ASN B 186 13.94 -27.40 28.16
C ASN B 186 12.88 -26.39 28.54
N GLU B 187 12.80 -26.03 29.82
CA GLU B 187 11.77 -25.16 30.35
C GLU B 187 12.32 -23.75 30.39
N PHE B 188 11.69 -22.84 29.66
CA PHE B 188 12.20 -21.49 29.47
C PHE B 188 11.40 -20.50 30.28
N SER B 189 12.08 -19.58 30.95
CA SER B 189 11.40 -18.52 31.67
C SER B 189 10.77 -17.55 30.69
N ARG B 190 9.69 -16.89 31.12
CA ARG B 190 8.97 -16.01 30.21
C ARG B 190 8.27 -14.91 31.00
N ILE B 191 8.23 -13.71 30.43
CA ILE B 191 7.54 -12.57 31.02
C ILE B 191 6.41 -12.16 30.09
N THR B 192 5.21 -12.02 30.64
CA THR B 192 4.05 -11.55 29.89
C THR B 192 3.55 -10.25 30.49
N VAL B 193 3.33 -9.25 29.64
CA VAL B 193 2.84 -7.94 30.04
C VAL B 193 1.54 -7.69 29.30
N ARG B 194 0.48 -7.43 30.05
CA ARG B 194 -0.84 -7.21 29.46
C ARG B 194 -1.34 -5.82 29.82
N ILE B 195 -1.74 -5.06 28.80
CA ILE B 195 -2.28 -3.72 28.97
C ILE B 195 -3.70 -3.74 28.45
N ASP B 196 -4.65 -3.28 29.26
CA ASP B 196 -6.05 -3.36 28.88
C ASP B 196 -6.50 -2.07 28.22
N ALA B 197 -7.07 -2.18 27.02
CA ALA B 197 -7.53 -1.05 26.24
C ALA B 197 -9.00 -1.22 25.91
N VAL B 198 -9.71 -0.10 25.84
CA VAL B 198 -11.14 -0.08 25.57
C VAL B 198 -11.39 0.81 24.38
N ARG B 199 -12.10 0.29 23.37
CA ARG B 199 -12.31 1.05 22.15
C ARG B 199 -13.21 2.24 22.41
N ASN B 200 -13.05 3.28 21.60
CA ASN B 200 -13.87 4.47 21.70
C ASN B 200 -14.98 4.38 20.67
N PRO B 201 -16.22 4.12 21.07
CA PRO B 201 -17.28 3.86 20.08
C PRO B 201 -17.90 5.09 19.46
N SER B 202 -17.39 6.29 19.73
CA SER B 202 -18.06 7.52 19.32
C SER B 202 -18.12 7.64 17.80
N TYR B 203 -17.02 7.33 17.11
CA TYR B 203 -16.99 7.47 15.67
C TYR B 203 -17.98 6.54 14.98
N TYR B 204 -18.10 5.30 15.43
CA TYR B 204 -19.07 4.41 14.82
C TYR B 204 -20.49 4.80 15.18
N LEU B 205 -20.70 5.40 16.35
CA LEU B 205 -22.04 5.89 16.72
C LEU B 205 -22.50 6.99 15.78
N TRP B 206 -21.71 8.04 15.62
CA TRP B 206 -22.12 9.12 14.72
C TRP B 206 -21.79 8.91 13.26
N SER B 207 -21.19 7.81 12.86
CA SER B 207 -20.95 7.61 11.44
C SER B 207 -21.61 6.39 10.83
N PHE B 208 -21.70 5.26 11.53
CA PHE B 208 -22.19 4.04 10.92
C PHE B 208 -23.52 3.57 11.47
N ILE B 209 -24.05 4.22 12.51
CA ILE B 209 -25.26 3.78 13.19
C ILE B 209 -26.37 4.80 13.04
N LEU B 210 -26.05 6.08 13.14
CA LEU B 210 -27.04 7.13 12.90
C LEU B 210 -27.57 7.14 11.46
N PRO B 211 -26.75 7.10 10.40
CA PRO B 211 -27.34 7.03 9.06
C PRO B 211 -28.04 5.71 8.75
N LEU B 212 -27.59 4.59 9.32
CA LEU B 212 -28.36 3.35 9.15
C LEU B 212 -29.71 3.45 9.84
N GLY B 213 -29.76 4.12 10.99
CA GLY B 213 -31.03 4.37 11.64
C GLY B 213 -31.95 5.23 10.79
N LEU B 214 -31.40 6.28 10.18
CA LEU B 214 -32.22 7.14 9.32
C LEU B 214 -32.73 6.39 8.10
N ILE B 215 -31.89 5.58 7.47
CA ILE B 215 -32.30 4.85 6.27
C ILE B 215 -33.34 3.77 6.61
N ILE B 216 -33.19 3.11 7.76
CA ILE B 216 -34.19 2.10 8.15
C ILE B 216 -35.50 2.77 8.52
N ALA B 217 -35.47 3.95 9.16
CA ALA B 217 -36.69 4.69 9.43
C ALA B 217 -37.39 5.12 8.16
N ALA B 218 -36.63 5.59 7.18
CA ALA B 218 -37.20 5.93 5.88
C ALA B 218 -37.79 4.71 5.19
N SER B 219 -37.18 3.55 5.39
CA SER B 219 -37.75 2.32 4.85
C SER B 219 -39.05 1.95 5.53
N TRP B 220 -39.17 2.23 6.83
CA TRP B 220 -40.45 2.06 7.51
C TRP B 220 -41.51 2.98 6.91
N SER B 221 -41.13 4.20 6.59
CA SER B 221 -42.08 5.16 6.03
C SER B 221 -42.47 4.88 4.57
N VAL B 222 -42.19 3.73 3.94
CA VAL B 222 -42.63 3.51 2.57
C VAL B 222 -44.11 3.13 2.51
N PHE B 223 -44.70 2.72 3.63
CA PHE B 223 -46.09 2.25 3.63
C PHE B 223 -47.10 3.37 3.50
N TRP B 224 -46.68 4.62 3.73
CA TRP B 224 -47.61 5.74 3.76
C TRP B 224 -47.95 6.25 2.37
N LEU B 225 -47.35 5.67 1.33
CA LEU B 225 -47.82 5.91 -0.03
C LEU B 225 -49.15 5.20 -0.24
N GLU B 226 -49.95 5.72 -1.17
CA GLU B 226 -51.26 5.16 -1.47
C GLU B 226 -51.31 4.47 -2.84
N SER B 227 -50.16 4.05 -3.35
CA SER B 227 -50.07 3.36 -4.63
C SER B 227 -49.32 2.05 -4.45
N PHE B 228 -48.90 1.46 -5.56
CA PHE B 228 -48.19 0.18 -5.48
C PHE B 228 -46.83 0.25 -6.16
N SER B 229 -46.80 0.63 -7.43
CA SER B 229 -45.55 0.64 -8.18
C SER B 229 -44.58 1.69 -7.64
N GLU B 230 -45.10 2.82 -7.15
CA GLU B 230 -44.25 3.81 -6.52
C GLU B 230 -43.61 3.25 -5.25
N ARG B 231 -44.38 2.48 -4.48
CA ARG B 231 -43.84 1.81 -3.30
C ARG B 231 -42.72 0.83 -3.68
N LEU B 232 -42.94 0.05 -4.74
CA LEU B 232 -41.93 -0.92 -5.16
C LEU B 232 -40.64 -0.23 -5.61
N GLN B 233 -40.76 0.83 -6.41
CA GLN B 233 -39.57 1.53 -6.90
C GLN B 233 -38.81 2.20 -5.75
N THR B 234 -39.54 2.81 -4.80
CA THR B 234 -38.88 3.44 -3.66
C THR B 234 -38.13 2.43 -2.80
N SER B 235 -38.77 1.29 -2.51
CA SER B 235 -38.07 0.31 -1.68
C SER B 235 -36.91 -0.34 -2.41
N PHE B 236 -36.96 -0.42 -3.74
CA PHE B 236 -35.76 -0.91 -4.43
C PHE B 236 -34.63 0.10 -4.40
N THR B 237 -34.95 1.40 -4.44
CA THR B 237 -33.92 2.41 -4.25
C THR B 237 -33.28 2.28 -2.87
N LEU B 238 -34.09 2.00 -1.85
CA LEU B 238 -33.50 1.80 -0.52
C LEU B 238 -32.71 0.48 -0.43
N MET B 239 -33.10 -0.55 -1.20
CA MET B 239 -32.24 -1.72 -1.36
C MET B 239 -30.85 -1.33 -1.85
N LEU B 240 -30.78 -0.50 -2.90
CA LEU B 240 -29.49 -0.06 -3.42
C LEU B 240 -28.70 0.72 -2.36
N THR B 241 -29.40 1.57 -1.60
CA THR B 241 -28.72 2.37 -0.59
C THR B 241 -28.10 1.50 0.51
N VAL B 242 -28.81 0.45 0.95
CA VAL B 242 -28.21 -0.43 1.95
C VAL B 242 -27.21 -1.41 1.33
N VAL B 243 -27.23 -1.62 0.01
CA VAL B 243 -26.10 -2.28 -0.64
C VAL B 243 -24.82 -1.47 -0.46
N ALA B 244 -24.93 -0.14 -0.58
CA ALA B 244 -23.73 0.71 -0.47
C ALA B 244 -23.03 0.57 0.88
N TYR B 245 -23.79 0.35 1.96
CA TYR B 245 -23.15 0.29 3.28
C TYR B 245 -22.37 -1.00 3.50
N ALA B 246 -22.62 -2.05 2.72
CA ALA B 246 -21.75 -3.22 2.79
C ALA B 246 -20.34 -2.86 2.31
N PHE B 247 -20.24 -2.10 1.21
CA PHE B 247 -18.97 -1.52 0.79
C PHE B 247 -18.38 -0.63 1.87
N TYR B 248 -19.23 0.20 2.47
CA TYR B 248 -18.74 1.24 3.37
C TYR B 248 -18.23 0.64 4.69
N THR B 249 -18.69 -0.56 5.04
CA THR B 249 -18.25 -1.19 6.28
C THR B 249 -17.39 -2.43 6.06
N SER B 250 -17.06 -2.77 4.82
CA SER B 250 -16.27 -3.99 4.57
C SER B 250 -14.83 -3.87 5.06
N ASN B 251 -14.26 -2.66 5.01
CA ASN B 251 -12.81 -2.54 5.02
C ASN B 251 -12.21 -2.43 6.43
N ILE B 252 -13.05 -1.99 7.37
CA ILE B 252 -12.67 -1.76 8.76
C ILE B 252 -12.41 -2.99 9.61
N LEU B 253 -12.81 -4.15 9.12
CA LEU B 253 -12.65 -5.37 9.90
C LEU B 253 -12.26 -6.57 9.07
N PRO B 254 -11.70 -7.59 9.72
CA PRO B 254 -11.27 -8.85 9.12
C PRO B 254 -12.46 -9.74 8.77
N ARG B 255 -12.26 -10.68 7.86
CA ARG B 255 -13.33 -11.59 7.50
C ARG B 255 -13.58 -12.58 8.64
N LEU B 256 -14.36 -12.16 9.62
CA LEU B 256 -14.63 -12.98 10.80
C LEU B 256 -15.74 -13.97 10.52
N PRO B 257 -15.68 -15.16 11.11
CA PRO B 257 -16.76 -16.13 10.94
C PRO B 257 -18.05 -15.74 11.64
N TYR B 258 -17.97 -14.93 12.70
CA TYR B 258 -19.16 -14.48 13.38
C TYR B 258 -19.58 -13.11 12.86
N THR B 259 -20.67 -12.57 13.40
CA THR B 259 -21.18 -11.27 13.00
C THR B 259 -21.20 -10.34 14.21
N THR B 260 -20.93 -9.07 13.96
CA THR B 260 -20.83 -8.05 14.98
C THR B 260 -22.14 -7.27 15.09
N TYR B 261 -22.12 -6.15 15.82
CA TYR B 261 -23.33 -5.33 15.92
C TYR B 261 -23.63 -4.59 14.62
N ILE B 262 -22.61 -4.01 14.00
CA ILE B 262 -22.79 -3.21 12.79
C ILE B 262 -23.35 -4.06 11.66
N ASP B 263 -22.80 -5.26 11.48
CA ASP B 263 -23.33 -6.08 10.41
C ASP B 263 -24.66 -6.72 10.79
N GLN B 264 -24.95 -6.85 12.08
CA GLN B 264 -26.29 -7.28 12.46
C GLN B 264 -27.32 -6.22 12.07
N MET B 265 -26.98 -4.94 12.18
CA MET B 265 -27.89 -3.92 11.68
C MET B 265 -27.97 -3.92 10.15
N ILE B 266 -26.87 -4.24 9.45
CA ILE B 266 -26.94 -4.34 8.00
C ILE B 266 -27.89 -5.46 7.58
N ILE B 267 -27.79 -6.62 8.23
CA ILE B 267 -28.66 -7.75 7.92
C ILE B 267 -30.10 -7.44 8.30
N ALA B 268 -30.30 -6.72 9.41
CA ALA B 268 -31.66 -6.30 9.78
C ALA B 268 -32.25 -5.31 8.78
N GLY B 269 -31.43 -4.43 8.23
CA GLY B 269 -31.91 -3.53 7.19
C GLY B 269 -32.29 -4.26 5.92
N TYR B 270 -31.49 -5.24 5.51
CA TYR B 270 -31.85 -6.06 4.36
C TYR B 270 -33.15 -6.81 4.59
N GLY B 271 -33.32 -7.37 5.79
CA GLY B 271 -34.54 -8.08 6.11
C GLY B 271 -35.75 -7.17 6.15
N SER B 272 -35.59 -5.94 6.65
CA SER B 272 -36.69 -4.99 6.66
C SER B 272 -37.11 -4.57 5.26
N ILE B 273 -36.14 -4.28 4.38
CA ILE B 273 -36.48 -3.89 3.00
C ILE B 273 -37.19 -5.04 2.29
N PHE B 274 -36.65 -6.26 2.43
CA PHE B 274 -37.26 -7.40 1.75
C PHE B 274 -38.62 -7.74 2.33
N ALA B 275 -38.80 -7.57 3.64
CA ALA B 275 -40.10 -7.82 4.24
C ALA B 275 -41.14 -6.81 3.77
N ALA B 276 -40.76 -5.54 3.65
CA ALA B 276 -41.71 -4.54 3.15
C ALA B 276 -42.09 -4.80 1.70
N ILE B 277 -41.11 -5.16 0.87
CA ILE B 277 -41.40 -5.47 -0.54
C ILE B 277 -42.30 -6.69 -0.66
N LEU B 278 -42.00 -7.73 0.12
CA LEU B 278 -42.79 -8.96 0.04
C LEU B 278 -44.20 -8.73 0.60
N LEU B 279 -44.33 -7.87 1.61
CA LEU B 279 -45.64 -7.54 2.16
C LEU B 279 -46.50 -6.78 1.15
N ILE B 280 -45.93 -5.79 0.46
CA ILE B 280 -46.75 -5.07 -0.50
C ILE B 280 -47.05 -5.92 -1.73
N ILE B 281 -46.15 -6.85 -2.08
CA ILE B 281 -46.44 -7.79 -3.17
C ILE B 281 -47.60 -8.70 -2.79
N PHE B 282 -47.60 -9.22 -1.55
CA PHE B 282 -48.69 -10.08 -1.10
C PHE B 282 -49.98 -9.30 -0.92
N ALA B 283 -49.89 -7.99 -0.63
CA ALA B 283 -51.09 -7.17 -0.59
C ALA B 283 -51.65 -6.96 -1.99
N HIS B 284 -50.78 -6.88 -3.00
CA HIS B 284 -51.27 -6.81 -4.38
C HIS B 284 -51.91 -8.11 -4.83
N HIS B 285 -51.44 -9.24 -4.32
CA HIS B 285 -51.98 -10.55 -4.69
C HIS B 285 -53.03 -11.06 -3.71
N ARG B 286 -53.37 -10.27 -2.69
CA ARG B 286 -54.47 -10.64 -1.78
C ARG B 286 -55.83 -10.44 -2.42
N GLN B 287 -55.90 -9.80 -3.58
CA GLN B 287 -57.17 -9.57 -4.28
C GLN B 287 -57.69 -10.90 -4.81
N ALA B 288 -58.61 -11.50 -4.07
CA ALA B 288 -59.20 -12.78 -4.47
C ALA B 288 -60.10 -12.61 -5.68
N ASN B 289 -60.86 -11.52 -5.72
CA ASN B 289 -61.73 -11.21 -6.86
C ASN B 289 -61.13 -10.14 -7.76
N GLY B 290 -59.96 -9.62 -7.44
CA GLY B 290 -59.40 -8.49 -8.16
C GLY B 290 -59.92 -7.15 -7.72
N VAL B 291 -60.71 -7.10 -6.65
CA VAL B 291 -61.31 -5.83 -6.20
C VAL B 291 -61.18 -5.61 -4.70
N GLU B 292 -60.84 -6.62 -3.90
CA GLU B 292 -60.87 -6.49 -2.45
C GLU B 292 -59.68 -5.69 -1.93
N ASP B 293 -59.97 -4.64 -1.18
CA ASP B 293 -58.95 -3.76 -0.63
C ASP B 293 -58.48 -4.27 0.74
N ASP B 294 -57.21 -4.03 1.02
CA ASP B 294 -56.58 -4.51 2.25
C ASP B 294 -56.22 -3.33 3.14
N LEU B 295 -56.72 -3.36 4.37
CA LEU B 295 -56.45 -2.34 5.37
C LEU B 295 -55.82 -2.89 6.63
N LEU B 296 -56.08 -4.16 6.97
CA LEU B 296 -55.48 -4.76 8.15
C LEU B 296 -53.99 -5.01 7.95
N ILE B 297 -53.59 -5.46 6.77
CA ILE B 297 -52.18 -5.69 6.49
C ILE B 297 -51.46 -4.40 6.10
N GLN B 298 -52.19 -3.37 5.69
CA GLN B 298 -51.59 -2.09 5.35
C GLN B 298 -51.54 -1.13 6.52
N ARG B 299 -52.08 -1.54 7.68
CA ARG B 299 -51.95 -0.79 8.92
C ARG B 299 -50.75 -1.23 9.74
N CYS B 300 -49.70 -1.71 9.08
CA CYS B 300 -48.44 -2.04 9.73
C CYS B 300 -47.53 -0.83 9.91
N ARG B 301 -48.05 0.37 9.67
CA ARG B 301 -47.29 1.58 9.94
C ARG B 301 -46.98 1.77 11.41
N LEU B 302 -47.77 1.18 12.30
CA LEU B 302 -47.44 1.10 13.72
C LEU B 302 -46.88 -0.26 14.12
N ALA B 303 -47.10 -1.29 13.29
CA ALA B 303 -46.69 -2.64 13.65
C ALA B 303 -45.26 -2.93 13.20
N PHE B 304 -44.88 -2.47 12.01
CA PHE B 304 -43.53 -2.71 11.50
C PHE B 304 -42.43 -2.03 12.33
N PRO B 305 -42.51 -0.73 12.71
CA PRO B 305 -41.46 -0.19 13.59
C PRO B 305 -41.38 -0.84 14.95
N LEU B 306 -42.52 -1.20 15.55
CA LEU B 306 -42.49 -1.87 16.86
C LEU B 306 -41.91 -3.26 16.73
N GLY B 307 -42.25 -3.98 15.65
CA GLY B 307 -41.68 -5.30 15.44
C GLY B 307 -40.18 -5.23 15.18
N PHE B 308 -39.73 -4.22 14.43
CA PHE B 308 -38.30 -4.04 14.23
C PHE B 308 -37.60 -3.70 15.53
N LEU B 309 -38.23 -2.87 16.38
CA LEU B 309 -37.64 -2.56 17.68
C LEU B 309 -37.55 -3.80 18.56
N ALA B 310 -38.58 -4.65 18.53
CA ALA B 310 -38.56 -5.87 19.33
C ALA B 310 -37.50 -6.84 18.82
N ILE B 311 -37.37 -6.97 17.49
CA ILE B 311 -36.35 -7.83 16.91
C ILE B 311 -34.95 -7.31 17.24
N GLY B 312 -34.75 -6.00 17.11
CA GLY B 312 -33.46 -5.42 17.47
C GLY B 312 -33.13 -5.58 18.95
N CYS B 313 -34.14 -5.46 19.80
CA CYS B 313 -33.91 -5.60 21.23
C CYS B 313 -33.61 -7.04 21.62
N VAL B 314 -34.32 -8.01 21.05
CA VAL B 314 -34.03 -9.40 21.38
C VAL B 314 -32.68 -9.83 20.81
N LEU B 315 -32.30 -9.29 19.65
CA LEU B 315 -30.98 -9.60 19.10
C LEU B 315 -29.86 -8.95 19.92
N VAL B 316 -30.07 -7.71 20.37
CA VAL B 316 -29.01 -7.05 21.13
C VAL B 316 -28.93 -7.62 22.55
N ILE B 317 -30.02 -8.17 23.07
CA ILE B 317 -29.99 -8.77 24.40
C ILE B 317 -29.59 -10.24 24.36
N PRO C 11 28.49 -38.96 3.63
CA PRO C 11 27.44 -37.98 3.94
C PRO C 11 27.15 -37.89 5.42
N VAL C 12 26.93 -36.69 5.92
CA VAL C 12 26.62 -36.48 7.32
C VAL C 12 25.10 -36.41 7.48
N ASP C 13 24.60 -36.96 8.58
CA ASP C 13 23.16 -37.10 8.81
C ASP C 13 22.67 -35.96 9.69
N VAL C 14 21.81 -35.11 9.11
CA VAL C 14 21.25 -33.97 9.80
C VAL C 14 19.79 -34.26 10.13
N SER C 15 19.38 -33.93 11.35
CA SER C 15 18.08 -34.33 11.89
C SER C 15 17.24 -33.09 12.21
N VAL C 16 16.53 -32.58 11.21
CA VAL C 16 15.81 -31.32 11.33
C VAL C 16 14.61 -31.48 12.24
N SER C 17 14.20 -30.40 12.91
CA SER C 17 13.04 -30.43 13.80
C SER C 17 12.39 -29.05 13.80
N ILE C 18 11.47 -28.83 12.86
CA ILE C 18 10.82 -27.53 12.69
C ILE C 18 9.70 -27.37 13.71
N PHE C 19 9.57 -26.17 14.26
CA PHE C 19 8.52 -25.84 15.23
C PHE C 19 7.75 -24.65 14.69
N ILE C 20 6.58 -24.89 14.11
CA ILE C 20 5.77 -23.82 13.54
C ILE C 20 5.17 -23.02 14.69
N ASN C 21 5.62 -21.78 14.85
CA ASN C 21 5.10 -20.95 15.94
C ASN C 21 3.75 -20.35 15.56
N LYS C 22 3.62 -19.83 14.34
CA LYS C 22 2.33 -19.38 13.85
C LYS C 22 2.35 -19.29 12.33
N ILE C 23 1.15 -19.40 11.76
CA ILE C 23 0.92 -19.13 10.35
C ILE C 23 -0.08 -17.99 10.27
N TYR C 24 0.26 -16.95 9.52
CA TYR C 24 -0.62 -15.79 9.45
C TYR C 24 -0.47 -15.16 8.09
N GLY C 25 -1.14 -14.03 7.90
CA GLY C 25 -1.02 -13.23 6.70
C GLY C 25 -1.36 -13.97 5.43
N VAL C 26 -2.29 -14.93 5.49
CA VAL C 26 -2.55 -15.82 4.36
C VAL C 26 -3.22 -15.03 3.25
N ASN C 27 -2.46 -14.76 2.21
CA ASN C 27 -2.89 -13.92 1.11
C ASN C 27 -3.38 -14.80 -0.02
N THR C 28 -4.54 -14.47 -0.59
CA THR C 28 -5.07 -15.23 -1.71
C THR C 28 -4.87 -14.54 -3.05
N LEU C 29 -4.67 -13.22 -3.05
CA LEU C 29 -4.36 -12.52 -4.29
C LEU C 29 -3.02 -12.97 -4.86
N GLU C 30 -2.03 -13.16 -4.00
CA GLU C 30 -0.70 -13.55 -4.42
C GLU C 30 -0.35 -14.97 -4.04
N GLN C 31 -1.23 -15.66 -3.33
CA GLN C 31 -1.06 -17.06 -2.91
C GLN C 31 0.20 -17.24 -2.07
N THR C 32 0.49 -16.29 -1.18
CA THR C 32 1.57 -16.40 -0.22
C THR C 32 0.99 -16.47 1.18
N TYR C 33 1.84 -16.84 2.12
CA TYR C 33 1.47 -16.88 3.53
C TYR C 33 2.73 -16.66 4.33
N LYS C 34 2.60 -16.28 5.59
CA LYS C 34 3.76 -16.03 6.43
C LYS C 34 3.84 -17.10 7.50
N VAL C 35 4.97 -17.78 7.57
CA VAL C 35 5.21 -18.77 8.60
C VAL C 35 6.31 -18.26 9.51
N ASP C 36 6.06 -18.25 10.80
CA ASP C 36 7.02 -17.84 11.82
C ASP C 36 7.29 -19.04 12.71
N GLY C 37 8.56 -19.31 12.97
CA GLY C 37 8.86 -20.48 13.78
C GLY C 37 10.35 -20.66 13.99
N TYR C 38 10.72 -21.85 14.45
CA TYR C 38 12.09 -22.20 14.76
C TYR C 38 12.51 -23.42 13.95
N ILE C 39 13.79 -23.48 13.62
CA ILE C 39 14.37 -24.65 12.97
C ILE C 39 15.55 -25.14 13.80
N VAL C 40 15.63 -26.45 14.01
CA VAL C 40 16.67 -27.06 14.83
C VAL C 40 17.30 -28.17 14.03
N ALA C 41 18.52 -27.96 13.54
CA ALA C 41 19.23 -29.02 12.86
C ALA C 41 20.30 -29.57 13.79
N GLN C 42 20.60 -30.86 13.67
CA GLN C 42 21.54 -31.49 14.59
C GLN C 42 22.35 -32.54 13.86
N TRP C 43 23.67 -32.46 13.97
CA TRP C 43 24.53 -33.46 13.35
C TRP C 43 25.66 -33.79 14.31
N THR C 44 26.55 -34.69 13.90
CA THR C 44 27.66 -35.11 14.75
C THR C 44 28.98 -34.98 14.00
N GLY C 45 30.01 -34.61 14.74
CA GLY C 45 31.32 -34.41 14.15
C GLY C 45 32.43 -34.95 15.04
N LYS C 46 33.64 -34.47 14.82
CA LYS C 46 34.76 -34.88 15.66
C LYS C 46 34.59 -34.30 17.06
N PRO C 47 35.03 -35.02 18.09
CA PRO C 47 34.90 -34.51 19.46
C PRO C 47 35.79 -33.30 19.70
N ARG C 48 35.48 -32.58 20.77
CA ARG C 48 36.19 -31.35 21.06
C ARG C 48 36.16 -31.11 22.56
N LYS C 49 37.02 -30.19 23.01
CA LYS C 49 37.10 -29.83 24.42
C LYS C 49 36.42 -28.50 24.63
N THR C 50 35.39 -28.49 25.45
CA THR C 50 34.65 -27.31 25.85
C THR C 50 35.05 -26.91 27.26
N PRO C 51 34.72 -25.68 27.70
CA PRO C 51 34.99 -25.33 29.10
C PRO C 51 34.24 -26.20 30.09
N GLY C 52 34.98 -27.03 30.83
CA GLY C 52 34.36 -28.08 31.61
C GLY C 52 34.00 -29.27 30.74
N ASP C 53 32.87 -29.90 31.07
CA ASP C 53 32.28 -30.92 30.21
C ASP C 53 30.84 -30.59 29.88
N LYS C 54 30.42 -29.40 30.16
CA LYS C 54 29.09 -28.91 29.84
C LYS C 54 29.07 -28.33 28.42
N PRO C 55 27.92 -28.41 27.74
CA PRO C 55 27.85 -27.88 26.37
C PRO C 55 28.00 -26.37 26.30
N LEU C 56 28.50 -25.92 25.17
CA LEU C 56 28.86 -24.53 24.94
C LEU C 56 27.83 -23.88 24.01
N ILE C 57 27.22 -22.80 24.46
CA ILE C 57 26.22 -22.09 23.68
C ILE C 57 26.88 -20.88 23.04
N VAL C 58 26.88 -20.83 21.72
CA VAL C 58 27.47 -19.74 20.95
C VAL C 58 26.32 -19.01 20.28
N GLU C 59 26.07 -17.77 20.68
CA GLU C 59 24.97 -16.96 20.16
C GLU C 59 25.15 -16.35 18.78
N ASN C 60 24.25 -15.47 18.39
CA ASN C 60 24.33 -14.81 17.09
C ASN C 60 25.54 -13.91 17.02
N THR C 61 26.21 -13.91 15.87
CA THR C 61 27.42 -13.12 15.55
C THR C 61 28.68 -13.57 16.27
N GLN C 62 28.65 -14.75 16.84
CA GLN C 62 29.77 -15.32 17.54
C GLN C 62 29.94 -16.62 16.83
N ILE C 63 29.04 -16.86 15.88
CA ILE C 63 29.11 -18.07 15.10
C ILE C 63 30.13 -17.85 13.99
N GLU C 64 30.32 -16.60 13.61
CA GLU C 64 31.29 -16.25 12.59
C GLU C 64 32.72 -16.33 13.10
N ARG C 65 32.92 -16.17 14.40
CA ARG C 65 34.23 -16.40 14.97
C ARG C 65 34.61 -17.87 14.99
N TRP C 66 33.64 -18.77 14.81
CA TRP C 66 33.90 -20.20 14.77
C TRP C 66 33.94 -20.75 13.36
N ILE C 67 33.13 -20.22 12.45
CA ILE C 67 33.19 -20.65 11.06
C ILE C 67 34.49 -20.17 10.41
N ASN C 68 35.02 -19.04 10.86
CA ASN C 68 36.31 -18.58 10.37
C ASN C 68 37.42 -19.52 10.77
N ASN C 69 37.34 -20.09 11.97
CA ASN C 69 38.37 -21.00 12.45
C ASN C 69 38.24 -22.40 11.88
N GLY C 70 37.19 -22.70 11.14
CA GLY C 70 37.13 -23.96 10.45
C GLY C 70 35.96 -24.86 10.82
N LEU C 71 34.99 -24.35 11.58
CA LEU C 71 33.81 -25.14 11.88
C LEU C 71 32.96 -25.29 10.63
N TRP C 72 32.25 -26.41 10.55
CA TRP C 72 31.43 -26.75 9.40
C TRP C 72 29.98 -26.56 9.78
N VAL C 73 29.36 -25.51 9.26
CA VAL C 73 27.95 -25.26 9.47
C VAL C 73 27.29 -25.13 8.09
N PRO C 74 26.42 -26.05 7.70
CA PRO C 74 25.80 -25.95 6.39
C PRO C 74 24.71 -24.88 6.37
N ALA C 75 24.40 -24.43 5.16
CA ALA C 75 23.41 -23.40 4.95
C ALA C 75 22.16 -24.05 4.40
N LEU C 76 21.18 -24.28 5.26
CA LEU C 76 19.89 -24.82 4.86
C LEU C 76 18.98 -23.67 4.45
N GLU C 77 18.54 -23.69 3.19
CA GLU C 77 17.69 -22.65 2.65
C GLU C 77 16.27 -23.18 2.47
N PHE C 78 15.33 -22.24 2.31
CA PHE C 78 13.95 -22.57 2.01
C PHE C 78 13.69 -22.32 0.54
N ILE C 79 13.16 -23.32 -0.14
CA ILE C 79 13.06 -23.25 -1.60
C ILE C 79 11.91 -22.37 -2.05
N ASN C 80 10.75 -22.49 -1.41
CA ASN C 80 9.53 -21.87 -1.90
C ASN C 80 9.27 -20.51 -1.25
N VAL C 81 10.31 -19.78 -0.93
CA VAL C 81 10.17 -18.53 -0.20
C VAL C 81 10.09 -17.38 -1.19
N VAL C 82 9.43 -16.31 -0.79
CA VAL C 82 9.34 -15.08 -1.57
C VAL C 82 10.19 -14.04 -0.85
N GLY C 83 11.22 -13.54 -1.52
CA GLY C 83 12.18 -12.70 -0.85
C GLY C 83 13.23 -13.56 -0.17
N SER C 84 13.66 -13.15 1.01
CA SER C 84 14.54 -13.94 1.85
C SER C 84 13.96 -13.99 3.24
N PRO C 85 14.19 -15.08 3.98
CA PRO C 85 13.66 -15.16 5.34
C PRO C 85 14.30 -14.13 6.25
N ASP C 86 13.53 -13.67 7.21
CA ASP C 86 13.97 -12.67 8.18
C ASP C 86 14.50 -13.41 9.41
N THR C 87 15.68 -13.99 9.25
CA THR C 87 16.31 -14.76 10.31
C THR C 87 16.67 -13.83 11.47
N GLY C 88 16.02 -14.04 12.60
CA GLY C 88 16.26 -13.21 13.76
C GLY C 88 17.45 -13.75 14.51
N ASN C 89 17.23 -14.22 15.73
CA ASN C 89 18.31 -14.79 16.51
C ASN C 89 18.74 -16.14 15.92
N LYS C 90 19.96 -16.54 16.24
CA LYS C 90 20.40 -17.89 15.93
C LYS C 90 21.40 -18.32 17.00
N ARG C 91 21.63 -19.63 17.08
CA ARG C 91 22.33 -20.21 18.21
C ARG C 91 23.00 -21.49 17.76
N LEU C 92 24.12 -21.81 18.39
CA LEU C 92 24.89 -22.99 18.05
C LEU C 92 25.34 -23.66 19.34
N MET C 93 24.88 -24.88 19.59
CA MET C 93 25.25 -25.62 20.79
C MET C 93 26.28 -26.66 20.42
N LEU C 94 27.43 -26.60 21.09
CA LEU C 94 28.57 -27.47 20.82
C LEU C 94 28.76 -28.41 22.00
N PHE C 95 28.70 -29.66 21.75
CA PHE C 95 28.74 -30.63 22.82
C PHE C 95 30.11 -31.31 22.87
N PRO C 96 30.58 -31.67 24.08
CA PRO C 96 31.89 -32.33 24.17
C PRO C 96 31.93 -33.70 23.53
N ASP C 97 30.81 -34.41 23.44
CA ASP C 97 30.80 -35.72 22.81
C ASP C 97 30.90 -35.65 21.29
N GLY C 98 30.82 -34.47 20.70
CA GLY C 98 31.11 -34.27 19.30
C GLY C 98 29.93 -33.86 18.44
N ARG C 99 28.76 -33.57 18.99
CA ARG C 99 27.61 -33.26 18.17
C ARG C 99 27.24 -31.79 18.29
N VAL C 100 26.78 -31.23 17.16
CA VAL C 100 26.51 -29.81 17.00
C VAL C 100 25.02 -29.64 16.75
N ILE C 101 24.44 -28.58 17.31
CA ILE C 101 23.03 -28.28 17.15
C ILE C 101 22.89 -26.82 16.74
N TYR C 102 22.32 -26.59 15.57
CA TYR C 102 22.14 -25.25 15.04
C TYR C 102 20.66 -24.89 15.12
N ASN C 103 20.33 -23.91 15.94
CA ASN C 103 18.96 -23.45 16.13
C ASN C 103 18.82 -22.06 15.54
N ALA C 104 17.71 -21.80 14.88
CA ALA C 104 17.51 -20.50 14.26
C ALA C 104 16.03 -20.17 14.28
N ARG C 105 15.72 -18.88 14.23
CA ARG C 105 14.34 -18.43 14.17
C ARG C 105 14.09 -17.83 12.80
N PHE C 106 13.08 -18.33 12.10
CA PHE C 106 12.80 -17.89 10.75
C PHE C 106 11.41 -17.28 10.67
N LEU C 107 11.26 -16.33 9.75
CA LEU C 107 9.98 -15.71 9.45
C LEU C 107 9.95 -15.51 7.94
N GLY C 108 9.18 -16.32 7.24
CA GLY C 108 9.24 -16.33 5.79
C GLY C 108 7.89 -16.10 5.17
N SER C 109 7.92 -15.44 4.00
CA SER C 109 6.75 -15.33 3.14
C SER C 109 6.84 -16.42 2.10
N PHE C 110 6.20 -17.55 2.38
CA PHE C 110 6.25 -18.71 1.52
C PHE C 110 5.15 -18.64 0.48
N SER C 111 5.32 -19.37 -0.61
CA SER C 111 4.35 -19.37 -1.69
C SER C 111 4.08 -20.79 -2.16
N ASN C 112 2.80 -21.11 -2.32
CA ASN C 112 2.37 -22.42 -2.81
C ASN C 112 1.33 -22.22 -3.91
N ASP C 113 1.18 -23.23 -4.76
CA ASP C 113 0.22 -23.17 -5.86
C ASP C 113 -1.17 -23.50 -5.33
N MET C 114 -1.99 -22.47 -5.13
CA MET C 114 -3.34 -22.62 -4.62
C MET C 114 -4.32 -22.80 -5.77
N ASP C 115 -5.45 -23.43 -5.47
CA ASP C 115 -6.48 -23.72 -6.46
C ASP C 115 -7.84 -23.32 -5.90
N PHE C 116 -8.35 -22.17 -6.31
CA PHE C 116 -9.66 -21.73 -5.81
C PHE C 116 -10.84 -22.12 -6.71
N ARG C 117 -10.90 -23.38 -7.14
CA ARG C 117 -12.00 -23.81 -8.01
C ARG C 117 -13.33 -23.68 -7.28
N LEU C 118 -13.33 -24.08 -6.01
CA LEU C 118 -14.50 -23.93 -5.15
C LEU C 118 -13.96 -22.81 -4.31
N PHE C 119 -14.62 -21.66 -4.27
CA PHE C 119 -13.99 -20.57 -3.51
C PHE C 119 -14.34 -20.36 -2.06
N PRO C 120 -15.61 -20.49 -1.69
CA PRO C 120 -15.93 -20.24 -0.27
C PRO C 120 -15.69 -21.46 0.61
N PHE C 121 -15.75 -22.66 0.05
CA PHE C 121 -15.60 -23.90 0.79
C PHE C 121 -14.27 -24.55 0.44
N ASP C 122 -13.25 -23.72 0.29
CA ASP C 122 -11.97 -24.11 -0.28
C ASP C 122 -11.14 -24.84 0.77
N ARG C 123 -10.34 -25.79 0.30
CA ARG C 123 -9.45 -26.57 1.16
C ARG C 123 -8.07 -26.55 0.55
N GLN C 124 -7.10 -25.98 1.27
CA GLN C 124 -5.77 -25.74 0.76
C GLN C 124 -4.73 -26.39 1.67
N GLN C 125 -3.47 -26.34 1.25
CA GLN C 125 -2.40 -26.81 2.11
C GLN C 125 -1.19 -25.89 2.00
N PHE C 126 -0.54 -25.68 3.13
CA PHE C 126 0.59 -24.79 3.26
C PHE C 126 1.86 -25.63 3.33
N VAL C 127 2.83 -25.31 2.47
CA VAL C 127 3.98 -26.16 2.21
C VAL C 127 5.25 -25.40 2.53
N LEU C 128 6.11 -26.00 3.36
CA LEU C 128 7.47 -25.54 3.61
C LEU C 128 8.45 -26.52 3.00
N GLU C 129 9.35 -26.05 2.17
CA GLU C 129 10.37 -26.89 1.55
C GLU C 129 11.74 -26.41 1.97
N LEU C 130 12.55 -27.32 2.51
CA LEU C 130 13.85 -26.99 3.07
C LEU C 130 14.90 -27.86 2.41
N GLU C 131 16.08 -27.29 2.14
CA GLU C 131 17.05 -27.99 1.31
C GLU C 131 18.41 -27.39 1.52
N PRO C 132 19.49 -28.18 1.55
CA PRO C 132 20.82 -27.60 1.63
C PRO C 132 21.14 -26.79 0.38
N PHE C 133 21.96 -25.77 0.55
CA PHE C 133 22.30 -24.93 -0.58
C PHE C 133 23.50 -25.46 -1.35
N SER C 134 24.46 -26.06 -0.68
CA SER C 134 25.73 -26.40 -1.30
C SER C 134 26.02 -27.89 -1.35
N TYR C 135 25.57 -28.66 -0.37
CA TYR C 135 25.96 -30.04 -0.22
C TYR C 135 24.86 -30.94 -0.73
N ASN C 136 25.19 -31.82 -1.67
CA ASN C 136 24.23 -32.76 -2.22
C ASN C 136 24.07 -33.95 -1.26
N ASN C 137 23.34 -34.99 -1.68
CA ASN C 137 23.07 -36.07 -0.74
C ASN C 137 24.23 -37.03 -0.58
N GLN C 138 25.30 -36.87 -1.35
CA GLN C 138 26.53 -37.60 -1.07
C GLN C 138 27.34 -36.94 0.04
N GLN C 139 27.07 -35.67 0.35
CA GLN C 139 27.77 -34.95 1.40
C GLN C 139 26.88 -34.51 2.55
N LEU C 140 25.56 -34.47 2.37
CA LEU C 140 24.65 -34.13 3.45
C LEU C 140 23.32 -34.81 3.19
N ARG C 141 22.89 -35.65 4.12
CA ARG C 141 21.61 -36.33 4.03
C ARG C 141 20.77 -35.97 5.24
N PHE C 142 19.46 -35.83 5.02
CA PHE C 142 18.53 -35.62 6.10
C PHE C 142 18.05 -36.98 6.60
N SER C 143 18.21 -37.21 7.91
CA SER C 143 17.74 -38.47 8.48
C SER C 143 16.24 -38.44 8.72
N ASP C 144 15.77 -37.48 9.50
CA ASP C 144 14.36 -37.42 9.83
C ASP C 144 13.94 -35.99 10.14
N ILE C 145 12.63 -35.78 10.14
CA ILE C 145 12.04 -34.52 10.60
C ILE C 145 10.87 -34.81 11.52
N GLN C 146 10.82 -34.09 12.64
CA GLN C 146 9.66 -33.99 13.50
C GLN C 146 9.16 -32.56 13.44
N VAL C 147 7.92 -32.37 13.03
CA VAL C 147 7.31 -31.05 12.97
C VAL C 147 6.42 -30.88 14.18
N TYR C 148 6.72 -29.90 15.02
CA TYR C 148 5.97 -29.67 16.26
C TYR C 148 5.00 -28.52 16.04
N THR C 149 3.89 -28.84 15.39
CA THR C 149 2.85 -27.88 15.07
C THR C 149 1.78 -27.76 16.15
N GLU C 150 2.19 -27.69 17.41
CA GLU C 150 1.23 -27.75 18.52
C GLU C 150 0.64 -26.40 18.86
N ASN C 151 1.21 -25.30 18.36
CA ASN C 151 0.65 -23.99 18.61
C ASN C 151 -0.45 -23.61 17.64
N ILE C 152 -0.61 -24.36 16.55
CA ILE C 152 -1.66 -24.10 15.58
C ILE C 152 -2.44 -25.38 15.29
N ASP C 153 -2.53 -26.27 16.28
CA ASP C 153 -2.97 -27.65 16.03
C ASP C 153 -4.40 -27.73 15.51
N ASN C 154 -5.37 -27.16 16.24
CA ASN C 154 -6.75 -27.01 15.77
C ASN C 154 -7.14 -25.57 16.09
N GLU C 155 -6.79 -24.64 15.21
CA GLU C 155 -6.95 -23.24 15.51
C GLU C 155 -7.51 -22.51 14.30
N GLU C 156 -8.25 -21.45 14.56
CA GLU C 156 -8.71 -20.52 13.52
C GLU C 156 -7.66 -19.42 13.44
N ILE C 157 -6.83 -19.46 12.41
CA ILE C 157 -5.69 -18.54 12.36
C ILE C 157 -6.17 -17.13 12.03
N ASP C 158 -6.71 -16.91 10.83
CA ASP C 158 -7.56 -15.75 10.60
C ASP C 158 -8.92 -16.20 10.07
N GLU C 159 -8.92 -17.04 9.05
CA GLU C 159 -10.16 -17.63 8.56
C GLU C 159 -9.97 -19.08 8.12
N TRP C 160 -8.96 -19.76 8.63
CA TRP C 160 -8.67 -21.13 8.23
C TRP C 160 -8.63 -22.02 9.47
N TRP C 161 -9.32 -23.16 9.40
CA TRP C 161 -9.09 -24.21 10.36
C TRP C 161 -7.87 -25.01 9.95
N ILE C 162 -6.98 -25.27 10.88
CA ILE C 162 -5.83 -26.12 10.63
C ILE C 162 -6.22 -27.54 11.04
N ARG C 163 -6.28 -28.45 10.08
CA ARG C 163 -6.88 -29.76 10.28
C ARG C 163 -5.80 -30.79 10.56
N GLY C 164 -5.75 -31.25 11.80
CA GLY C 164 -4.92 -32.39 12.12
C GLY C 164 -3.43 -32.11 12.19
N LYS C 165 -2.66 -33.16 11.99
CA LYS C 165 -1.22 -33.09 12.11
C LYS C 165 -0.60 -32.56 10.82
N ALA C 166 0.73 -32.52 10.78
CA ALA C 166 1.47 -32.05 9.61
C ALA C 166 2.17 -33.23 8.96
N SER C 167 2.09 -33.31 7.64
CA SER C 167 2.66 -34.43 6.90
C SER C 167 4.07 -34.08 6.47
N THR C 168 5.02 -34.96 6.79
CA THR C 168 6.44 -34.72 6.59
C THR C 168 7.00 -35.70 5.57
N HIS C 169 7.89 -35.23 4.71
CA HIS C 169 8.44 -36.08 3.67
C HIS C 169 9.88 -35.69 3.39
N ILE C 170 10.71 -36.68 3.08
CA ILE C 170 12.11 -36.45 2.73
C ILE C 170 12.36 -37.11 1.38
N SER C 171 12.82 -36.32 0.42
CA SER C 171 12.95 -36.78 -0.95
C SER C 171 14.26 -36.31 -1.53
N ASP C 172 14.57 -36.76 -2.74
CA ASP C 172 15.77 -36.37 -3.47
C ASP C 172 15.37 -35.65 -4.74
N ILE C 173 15.99 -34.51 -5.01
CA ILE C 173 15.66 -33.66 -6.15
C ILE C 173 16.84 -33.63 -7.10
N ARG C 174 16.58 -33.85 -8.38
CA ARG C 174 17.59 -33.70 -9.41
C ARG C 174 17.66 -32.25 -9.86
N TYR C 175 18.86 -31.72 -9.97
CA TYR C 175 19.08 -30.38 -10.50
C TYR C 175 19.96 -30.50 -11.73
N ASP C 176 19.54 -29.87 -12.82
CA ASP C 176 20.22 -30.06 -14.09
C ASP C 176 21.12 -28.92 -14.49
N HIS C 177 21.03 -27.76 -13.85
CA HIS C 177 21.99 -26.71 -14.12
C HIS C 177 23.33 -26.97 -13.45
N LEU C 178 23.34 -27.82 -12.44
CA LEU C 178 24.57 -28.27 -11.80
C LEU C 178 25.11 -29.55 -12.40
N SER C 179 24.50 -30.05 -13.47
CA SER C 179 25.02 -31.24 -14.14
C SER C 179 26.25 -30.92 -14.98
N SER C 180 26.47 -29.65 -15.30
CA SER C 180 27.67 -29.27 -16.03
C SER C 180 28.85 -28.96 -15.12
N VAL C 181 28.64 -28.86 -13.81
CA VAL C 181 29.71 -28.50 -12.88
C VAL C 181 29.89 -29.61 -11.86
N GLN C 182 28.85 -30.41 -11.64
CA GLN C 182 28.92 -31.61 -10.81
C GLN C 182 28.40 -32.75 -11.67
N PRO C 183 29.26 -33.62 -12.20
CA PRO C 183 28.83 -34.51 -13.29
C PRO C 183 27.81 -35.57 -12.88
N ASN C 184 28.07 -36.33 -11.81
CA ASN C 184 27.21 -37.44 -11.45
C ASN C 184 26.57 -37.31 -10.08
N GLN C 185 26.90 -36.26 -9.33
CA GLN C 185 26.31 -36.06 -8.00
C GLN C 185 25.77 -34.64 -7.91
N ASN C 186 24.54 -34.46 -8.41
CA ASN C 186 23.83 -33.19 -8.32
C ASN C 186 22.46 -33.39 -7.68
N GLU C 187 22.29 -34.46 -6.93
CA GLU C 187 21.01 -34.82 -6.35
C GLU C 187 20.97 -34.30 -4.92
N PHE C 188 20.02 -33.41 -4.63
CA PHE C 188 19.98 -32.70 -3.37
C PHE C 188 18.87 -33.25 -2.49
N SER C 189 19.17 -33.47 -1.21
CA SER C 189 18.14 -33.89 -0.26
C SER C 189 17.16 -32.75 -0.02
N ARG C 190 15.93 -33.09 0.33
CA ARG C 190 14.91 -32.07 0.52
C ARG C 190 13.86 -32.54 1.49
N ILE C 191 13.35 -31.62 2.30
CA ILE C 191 12.28 -31.89 3.26
C ILE C 191 11.06 -31.06 2.87
N THR C 192 9.91 -31.72 2.77
CA THR C 192 8.64 -31.04 2.49
C THR C 192 7.70 -31.25 3.67
N VAL C 193 7.11 -30.16 4.13
CA VAL C 193 6.15 -30.17 5.24
C VAL C 193 4.84 -29.60 4.72
N ARG C 194 3.76 -30.36 4.85
CA ARG C 194 2.46 -29.95 4.36
C ARG C 194 1.47 -29.89 5.51
N ILE C 195 0.79 -28.76 5.65
CA ILE C 195 -0.22 -28.55 6.67
C ILE C 195 -1.53 -28.29 5.98
N ASP C 196 -2.57 -29.05 6.32
CA ASP C 196 -3.85 -28.94 5.62
C ASP C 196 -4.76 -27.96 6.34
N ALA C 197 -5.27 -26.98 5.60
CA ALA C 197 -6.12 -25.95 6.13
C ALA C 197 -7.43 -25.92 5.34
N VAL C 198 -8.52 -25.60 6.02
CA VAL C 198 -9.86 -25.57 5.44
C VAL C 198 -10.44 -24.18 5.68
N ARG C 199 -10.90 -23.53 4.62
CA ARG C 199 -11.42 -22.18 4.75
C ARG C 199 -12.70 -22.17 5.56
N ASN C 200 -12.97 -21.04 6.19
CA ASN C 200 -14.18 -20.86 6.98
C ASN C 200 -15.19 -20.11 6.13
N PRO C 201 -16.23 -20.76 5.61
CA PRO C 201 -17.13 -20.10 4.65
C PRO C 201 -18.17 -19.20 5.27
N SER C 202 -18.16 -18.97 6.59
CA SER C 202 -19.26 -18.28 7.25
C SER C 202 -19.39 -16.84 6.78
N TYR C 203 -18.26 -16.13 6.64
CA TYR C 203 -18.31 -14.73 6.24
C TYR C 203 -18.89 -14.56 4.84
N TYR C 204 -18.50 -15.41 3.90
CA TYR C 204 -19.07 -15.30 2.57
C TYR C 204 -20.54 -15.71 2.54
N LEU C 205 -20.93 -16.64 3.42
CA LEU C 205 -22.35 -17.03 3.50
C LEU C 205 -23.22 -15.87 3.94
N TRP C 206 -22.89 -15.23 5.06
CA TRP C 206 -23.70 -14.11 5.51
C TRP C 206 -23.34 -12.76 4.92
N SER C 207 -22.37 -12.67 4.03
CA SER C 207 -22.09 -11.37 3.43
C SER C 207 -22.24 -11.32 1.90
N PHE C 208 -21.89 -12.36 1.16
CA PHE C 208 -21.88 -12.28 -0.29
C PHE C 208 -22.92 -13.16 -0.96
N ILE C 209 -23.64 -13.98 -0.20
CA ILE C 209 -24.57 -14.95 -0.75
C ILE C 209 -26.00 -14.65 -0.31
N LEU C 210 -26.18 -14.26 0.95
CA LEU C 210 -27.50 -13.85 1.40
C LEU C 210 -28.02 -12.59 0.70
N PRO C 211 -27.26 -11.48 0.56
CA PRO C 211 -27.82 -10.36 -0.21
C PRO C 211 -27.96 -10.62 -1.69
N LEU C 212 -27.10 -11.45 -2.30
CA LEU C 212 -27.33 -11.82 -3.70
C LEU C 212 -28.61 -12.65 -3.83
N GLY C 213 -28.89 -13.50 -2.85
CA GLY C 213 -30.15 -14.21 -2.84
C GLY C 213 -31.35 -13.28 -2.73
N LEU C 214 -31.26 -12.27 -1.86
CA LEU C 214 -32.36 -11.32 -1.73
C LEU C 214 -32.56 -10.51 -3.00
N ILE C 215 -31.48 -10.07 -3.64
CA ILE C 215 -31.60 -9.26 -4.85
C ILE C 215 -32.14 -10.10 -6.01
N ILE C 216 -31.73 -11.36 -6.12
CA ILE C 216 -32.26 -12.21 -7.18
C ILE C 216 -33.73 -12.55 -6.93
N ALA C 217 -34.13 -12.74 -5.67
CA ALA C 217 -35.54 -12.94 -5.36
C ALA C 217 -36.38 -11.71 -5.70
N ALA C 218 -35.87 -10.53 -5.40
CA ALA C 218 -36.55 -9.29 -5.78
C ALA C 218 -36.63 -9.15 -7.29
N SER C 219 -35.62 -9.63 -8.02
CA SER C 219 -35.68 -9.63 -9.47
C SER C 219 -36.73 -10.59 -9.99
N TRP C 220 -36.92 -11.72 -9.31
CA TRP C 220 -38.04 -12.61 -9.66
C TRP C 220 -39.37 -11.91 -9.46
N SER C 221 -39.49 -11.15 -8.39
CA SER C 221 -40.76 -10.45 -8.10
C SER C 221 -41.03 -9.24 -9.03
N VAL C 222 -40.35 -9.01 -10.14
CA VAL C 222 -40.68 -7.88 -11.00
C VAL C 222 -41.90 -8.17 -11.85
N PHE C 223 -42.29 -9.45 -12.01
CA PHE C 223 -43.37 -9.81 -12.90
C PHE C 223 -44.74 -9.48 -12.33
N TRP C 224 -44.83 -9.22 -11.03
CA TRP C 224 -46.12 -9.01 -10.39
C TRP C 224 -46.65 -7.60 -10.58
N LEU C 225 -45.89 -6.73 -11.24
CA LEU C 225 -46.43 -5.47 -11.71
C LEU C 225 -47.40 -5.71 -12.87
N GLU C 226 -48.35 -4.80 -13.03
CA GLU C 226 -49.35 -4.91 -14.09
C GLU C 226 -49.15 -3.88 -15.20
N SER C 227 -47.94 -3.35 -15.36
CA SER C 227 -47.62 -2.39 -16.39
C SER C 227 -46.42 -2.88 -17.18
N PHE C 228 -45.82 -1.97 -17.95
CA PHE C 228 -44.68 -2.37 -18.77
C PHE C 228 -43.45 -1.51 -18.49
N SER C 229 -43.59 -0.19 -18.62
CA SER C 229 -42.46 0.71 -18.44
C SER C 229 -41.95 0.70 -17.00
N GLU C 230 -42.86 0.56 -16.04
CA GLU C 230 -42.45 0.43 -14.65
C GLU C 230 -41.62 -0.84 -14.44
N ARG C 231 -42.02 -1.94 -15.10
CA ARG C 231 -41.24 -3.17 -15.05
C ARG C 231 -39.85 -2.98 -15.63
N LEU C 232 -39.77 -2.28 -16.77
CA LEU C 232 -38.47 -2.06 -17.41
C LEU C 232 -37.55 -1.21 -16.53
N GLN C 233 -38.08 -0.13 -15.95
CA GLN C 233 -37.26 0.74 -15.10
C GLN C 233 -36.79 0.01 -13.84
N THR C 234 -37.69 -0.77 -13.23
CA THR C 234 -37.31 -1.52 -12.04
C THR C 234 -36.21 -2.54 -12.33
N SER C 235 -36.34 -3.29 -13.42
CA SER C 235 -35.32 -4.28 -13.71
C SER C 235 -34.00 -3.66 -14.14
N PHE C 236 -34.04 -2.44 -14.71
CA PHE C 236 -32.76 -1.77 -14.97
C PHE C 236 -32.10 -1.28 -13.69
N THR C 237 -32.90 -0.86 -12.70
CA THR C 237 -32.33 -0.55 -11.39
C THR C 237 -31.67 -1.77 -10.76
N LEU C 238 -32.29 -2.95 -10.92
CA LEU C 238 -31.65 -4.16 -10.40
C LEU C 238 -30.42 -4.55 -11.22
N MET C 239 -30.39 -4.24 -12.52
CA MET C 239 -29.15 -4.35 -13.29
C MET C 239 -28.02 -3.55 -12.65
N LEU C 240 -28.30 -2.29 -12.30
CA LEU C 240 -27.28 -1.46 -11.65
C LEU C 240 -26.83 -2.06 -10.32
N THR C 241 -27.79 -2.59 -9.55
CA THR C 241 -27.47 -3.16 -8.25
C THR C 241 -26.53 -4.36 -8.39
N VAL C 242 -26.77 -5.24 -9.37
CA VAL C 242 -25.87 -6.38 -9.56
C VAL C 242 -24.58 -5.97 -10.28
N VAL C 243 -24.54 -4.81 -10.94
CA VAL C 243 -23.25 -4.25 -11.36
C VAL C 243 -22.38 -3.95 -10.14
N ALA C 244 -22.98 -3.41 -9.08
CA ALA C 244 -22.20 -3.05 -7.89
C ALA C 244 -21.48 -4.24 -7.26
N TYR C 245 -22.08 -5.44 -7.33
CA TYR C 245 -21.45 -6.57 -6.68
C TYR C 245 -20.23 -7.10 -7.42
N ALA C 246 -20.08 -6.76 -8.69
CA ALA C 246 -18.82 -7.07 -9.37
C ALA C 246 -17.66 -6.29 -8.75
N PHE C 247 -17.88 -5.01 -8.45
CA PHE C 247 -16.93 -4.21 -7.67
C PHE C 247 -16.72 -4.84 -6.30
N TYR C 248 -17.80 -5.25 -5.66
CA TYR C 248 -17.74 -5.66 -4.27
C TYR C 248 -17.02 -7.01 -4.12
N THR C 249 -16.99 -7.81 -5.18
CA THR C 249 -16.30 -9.10 -5.11
C THR C 249 -15.04 -9.18 -5.95
N SER C 250 -14.63 -8.09 -6.59
CA SER C 250 -13.44 -8.14 -7.46
C SER C 250 -12.15 -8.33 -6.66
N ASN C 251 -12.08 -7.81 -5.44
CA ASN C 251 -10.78 -7.54 -4.84
C ASN C 251 -10.26 -8.72 -4.01
N ILE C 252 -11.18 -9.57 -3.58
CA ILE C 252 -10.91 -10.73 -2.73
C ILE C 252 -10.16 -11.88 -3.38
N LEU C 253 -10.11 -11.89 -4.70
CA LEU C 253 -9.48 -13.00 -5.41
C LEU C 253 -8.67 -12.56 -6.62
N PRO C 254 -7.75 -13.41 -7.06
CA PRO C 254 -6.87 -13.21 -8.21
C PRO C 254 -7.63 -13.37 -9.52
N ARG C 255 -7.12 -12.82 -10.61
CA ARG C 255 -7.76 -12.96 -11.89
C ARG C 255 -7.58 -14.38 -12.40
N LEU C 256 -8.45 -15.28 -11.96
CA LEU C 256 -8.37 -16.68 -12.32
C LEU C 256 -9.02 -16.92 -13.68
N PRO C 257 -8.49 -17.87 -14.46
CA PRO C 257 -9.12 -18.20 -15.74
C PRO C 257 -10.45 -18.92 -15.59
N TYR C 258 -10.67 -19.62 -14.48
CA TYR C 258 -11.94 -20.29 -14.26
C TYR C 258 -12.85 -19.41 -13.42
N THR C 259 -14.06 -19.90 -13.14
CA THR C 259 -15.02 -19.17 -12.34
C THR C 259 -15.40 -19.99 -11.11
N THR C 260 -15.64 -19.29 -10.01
CA THR C 260 -15.91 -19.88 -8.71
C THR C 260 -17.42 -19.93 -8.46
N TYR C 261 -17.82 -20.23 -7.23
CA TYR C 261 -19.25 -20.23 -6.91
C TYR C 261 -19.83 -18.83 -6.86
N ILE C 262 -19.11 -17.89 -6.23
CA ILE C 262 -19.61 -16.54 -6.05
C ILE C 262 -19.82 -15.86 -7.39
N ASP C 263 -18.86 -16.00 -8.30
CA ASP C 263 -19.06 -15.37 -9.59
C ASP C 263 -20.03 -16.14 -10.46
N GLN C 264 -20.22 -17.42 -10.20
CA GLN C 264 -21.29 -18.13 -10.90
C GLN C 264 -22.66 -17.58 -10.50
N MET C 265 -22.83 -17.19 -9.23
CA MET C 265 -24.07 -16.52 -8.86
C MET C 265 -24.17 -15.12 -9.45
N ILE C 266 -23.05 -14.42 -9.59
CA ILE C 266 -23.10 -13.11 -10.24
C ILE C 266 -23.55 -13.24 -11.70
N ILE C 267 -23.00 -14.22 -12.41
CA ILE C 267 -23.37 -14.44 -13.81
C ILE C 267 -24.82 -14.90 -13.90
N ALA C 268 -25.27 -15.74 -12.96
CA ALA C 268 -26.66 -16.15 -12.93
C ALA C 268 -27.61 -14.98 -12.67
N GLY C 269 -27.20 -14.05 -11.81
CA GLY C 269 -28.01 -12.85 -11.59
C GLY C 269 -28.11 -11.97 -12.81
N TYR C 270 -26.99 -11.80 -13.53
CA TYR C 270 -27.02 -11.06 -14.79
C TYR C 270 -27.94 -11.73 -15.80
N GLY C 271 -27.85 -13.06 -15.90
CA GLY C 271 -28.72 -13.78 -16.82
C GLY C 271 -30.18 -13.70 -16.45
N SER C 272 -30.48 -13.72 -15.15
CA SER C 272 -31.87 -13.59 -14.71
C SER C 272 -32.44 -12.22 -15.02
N ILE C 273 -31.68 -11.15 -14.75
CA ILE C 273 -32.15 -9.80 -15.05
C ILE C 273 -32.38 -9.64 -16.55
N PHE C 274 -31.42 -10.09 -17.35
CA PHE C 274 -31.55 -9.93 -18.80
C PHE C 274 -32.67 -10.79 -19.35
N ALA C 275 -32.89 -11.98 -18.80
CA ALA C 275 -33.97 -12.83 -19.24
C ALA C 275 -35.32 -12.21 -18.91
N ALA C 276 -35.47 -11.61 -17.73
CA ALA C 276 -36.74 -10.97 -17.39
C ALA C 276 -37.01 -9.77 -18.28
N ILE C 277 -35.99 -8.95 -18.55
CA ILE C 277 -36.17 -7.80 -19.43
C ILE C 277 -36.52 -8.24 -20.84
N LEU C 278 -35.82 -9.25 -21.36
CA LEU C 278 -36.09 -9.72 -22.71
C LEU C 278 -37.47 -10.38 -22.80
N LEU C 279 -37.91 -11.04 -21.73
CA LEU C 279 -39.23 -11.65 -21.72
C LEU C 279 -40.33 -10.60 -21.73
N ILE C 280 -40.19 -9.53 -20.93
CA ILE C 280 -41.25 -8.53 -20.94
C ILE C 280 -41.21 -7.72 -22.24
N ILE C 281 -40.04 -7.56 -22.86
CA ILE C 281 -39.96 -6.91 -24.16
C ILE C 281 -40.68 -7.76 -25.22
N PHE C 282 -40.45 -9.07 -25.21
CA PHE C 282 -41.12 -9.94 -26.18
C PHE C 282 -42.62 -10.05 -25.88
N ALA C 283 -43.02 -9.88 -24.62
CA ALA C 283 -44.45 -9.82 -24.32
C ALA C 283 -45.07 -8.54 -24.85
N HIS C 284 -44.31 -7.44 -24.85
CA HIS C 284 -44.82 -6.21 -25.47
C HIS C 284 -44.92 -6.32 -26.98
N HIS C 285 -44.04 -7.10 -27.61
CA HIS C 285 -44.04 -7.28 -29.06
C HIS C 285 -44.81 -8.52 -29.50
N ARG C 286 -45.41 -9.27 -28.57
CA ARG C 286 -46.25 -10.39 -28.93
C ARG C 286 -47.61 -9.96 -29.47
N GLN C 287 -47.94 -8.67 -29.38
CA GLN C 287 -49.20 -8.13 -29.87
C GLN C 287 -49.19 -8.17 -31.40
N ALA C 288 -49.80 -9.21 -31.97
CA ALA C 288 -49.85 -9.35 -33.43
C ALA C 288 -50.77 -8.31 -34.05
N ASN C 289 -51.89 -8.03 -33.39
CA ASN C 289 -52.83 -7.00 -33.84
C ASN C 289 -52.71 -5.71 -33.04
N GLY C 290 -51.81 -5.65 -32.05
CA GLY C 290 -51.75 -4.52 -31.17
C GLY C 290 -52.73 -4.56 -30.02
N VAL C 291 -53.47 -5.66 -29.86
CA VAL C 291 -54.50 -5.75 -28.83
C VAL C 291 -54.43 -7.05 -28.03
N GLU C 292 -53.72 -8.08 -28.49
CA GLU C 292 -53.77 -9.39 -27.86
C GLU C 292 -52.98 -9.41 -26.56
N ASP C 293 -53.63 -9.82 -25.47
CA ASP C 293 -53.01 -9.87 -24.15
C ASP C 293 -52.37 -11.24 -23.93
N ASP C 294 -51.27 -11.23 -23.17
CA ASP C 294 -50.49 -12.43 -22.91
C ASP C 294 -50.61 -12.81 -21.44
N LEU C 295 -51.03 -14.04 -21.19
CA LEU C 295 -51.16 -14.58 -19.85
C LEU C 295 -50.34 -15.85 -19.64
N LEU C 296 -50.09 -16.62 -20.69
CA LEU C 296 -49.28 -17.82 -20.57
C LEU C 296 -47.82 -17.48 -20.32
N ILE C 297 -47.29 -16.48 -21.02
CA ILE C 297 -45.90 -16.08 -20.82
C ILE C 297 -45.74 -15.18 -19.60
N GLN C 298 -46.82 -14.57 -19.12
CA GLN C 298 -46.76 -13.73 -17.93
C GLN C 298 -47.07 -14.49 -16.66
N ARG C 299 -47.38 -15.79 -16.77
CA ARG C 299 -47.54 -16.66 -15.62
C ARG C 299 -46.25 -17.39 -15.28
N CYS C 300 -45.10 -16.77 -15.57
CA CYS C 300 -43.80 -17.29 -15.18
C CYS C 300 -43.42 -16.92 -13.75
N ARG C 301 -44.37 -16.38 -12.98
CA ARG C 301 -44.13 -16.09 -11.57
C ARG C 301 -43.89 -17.35 -10.76
N LEU C 302 -44.38 -18.50 -11.22
CA LEU C 302 -44.02 -19.79 -10.65
C LEU C 302 -42.98 -20.53 -11.47
N ALA C 303 -42.80 -20.14 -12.74
CA ALA C 303 -41.89 -20.86 -13.63
C ALA C 303 -40.46 -20.32 -13.55
N PHE C 304 -40.31 -19.00 -13.45
CA PHE C 304 -38.98 -18.40 -13.37
C PHE C 304 -38.21 -18.77 -12.09
N PRO C 305 -38.78 -18.70 -10.87
CA PRO C 305 -38.00 -19.17 -9.70
C PRO C 305 -37.67 -20.65 -9.73
N LEU C 306 -38.57 -21.50 -10.23
CA LEU C 306 -38.26 -22.93 -10.31
C LEU C 306 -37.18 -23.19 -11.36
N GLY C 307 -37.24 -22.48 -12.49
CA GLY C 307 -36.21 -22.63 -13.49
C GLY C 307 -34.86 -22.14 -13.02
N PHE C 308 -34.85 -21.03 -12.26
CA PHE C 308 -33.60 -20.57 -11.67
C PHE C 308 -33.06 -21.55 -10.65
N LEU C 309 -33.93 -22.17 -9.85
CA LEU C 309 -33.50 -23.17 -8.90
C LEU C 309 -32.92 -24.40 -9.61
N ALA C 310 -33.56 -24.82 -10.71
CA ALA C 310 -33.04 -25.96 -11.47
C ALA C 310 -31.71 -25.64 -12.12
N ILE C 311 -31.55 -24.43 -12.67
CA ILE C 311 -30.29 -24.02 -13.27
C ILE C 311 -29.19 -23.94 -12.20
N GLY C 312 -29.51 -23.34 -11.06
CA GLY C 312 -28.55 -23.28 -9.97
C GLY C 312 -28.16 -24.65 -9.45
N CYS C 313 -29.12 -25.58 -9.39
CA CYS C 313 -28.83 -26.92 -8.89
C CYS C 313 -27.99 -27.71 -9.89
N VAL C 314 -28.29 -27.60 -11.19
CA VAL C 314 -27.48 -28.34 -12.16
C VAL C 314 -26.08 -27.74 -12.26
N LEU C 315 -25.95 -26.42 -12.09
CA LEU C 315 -24.62 -25.81 -12.10
C LEU C 315 -23.84 -26.18 -10.85
N VAL C 316 -24.48 -26.22 -9.68
CA VAL C 316 -23.75 -26.54 -8.47
C VAL C 316 -23.44 -28.03 -8.40
N ILE C 317 -24.23 -28.87 -9.06
CA ILE C 317 -23.95 -30.30 -9.08
C ILE C 317 -23.01 -30.70 -10.23
N PRO D 11 41.39 -11.91 -22.20
CA PRO D 11 40.05 -12.02 -21.62
C PRO D 11 39.77 -13.42 -21.10
N VAL D 12 39.11 -13.52 -19.97
CA VAL D 12 38.76 -14.81 -19.38
C VAL D 12 37.34 -15.17 -19.81
N ASP D 13 37.09 -16.45 -20.05
CA ASP D 13 35.83 -16.93 -20.60
C ASP D 13 34.95 -17.44 -19.48
N VAL D 14 33.83 -16.77 -19.25
CA VAL D 14 32.87 -17.10 -18.22
C VAL D 14 31.66 -17.74 -18.87
N SER D 15 31.17 -18.83 -18.29
CA SER D 15 30.13 -19.65 -18.89
C SER D 15 28.89 -19.67 -18.01
N VAL D 16 28.00 -18.69 -18.18
CA VAL D 16 26.87 -18.48 -17.30
C VAL D 16 25.83 -19.58 -17.54
N SER D 17 25.05 -19.91 -16.50
CA SER D 17 23.99 -20.93 -16.62
C SER D 17 22.86 -20.56 -15.66
N ILE D 18 21.92 -19.76 -16.13
CA ILE D 18 20.82 -19.27 -15.32
C ILE D 18 19.73 -20.33 -15.20
N PHE D 19 19.16 -20.48 -14.01
CA PHE D 19 18.09 -21.43 -13.75
C PHE D 19 16.91 -20.65 -13.20
N ILE D 20 15.91 -20.37 -14.03
CA ILE D 20 14.75 -19.60 -13.60
C ILE D 20 13.91 -20.51 -12.70
N ASN D 21 13.84 -20.18 -11.41
CA ASN D 21 13.05 -20.99 -10.50
C ASN D 21 11.57 -20.65 -10.58
N LYS D 22 11.24 -19.36 -10.63
CA LYS D 22 9.86 -18.96 -10.88
C LYS D 22 9.82 -17.51 -11.34
N ILE D 23 8.75 -17.19 -12.07
CA ILE D 23 8.40 -15.83 -12.44
C ILE D 23 7.05 -15.53 -11.84
N TYR D 24 6.95 -14.44 -11.10
CA TYR D 24 5.69 -14.12 -10.43
C TYR D 24 5.57 -12.61 -10.32
N GLY D 25 4.50 -12.17 -9.66
CA GLY D 25 4.29 -10.78 -9.37
C GLY D 25 4.24 -9.90 -10.59
N VAL D 26 3.75 -10.40 -11.71
CA VAL D 26 3.84 -9.68 -12.98
C VAL D 26 2.91 -8.49 -12.95
N ASN D 27 3.48 -7.32 -12.83
CA ASN D 27 2.75 -6.08 -12.66
C ASN D 27 2.61 -5.40 -14.00
N THR D 28 1.42 -4.94 -14.33
CA THR D 28 1.20 -4.23 -15.57
C THR D 28 1.10 -2.73 -15.40
N LEU D 29 0.77 -2.25 -14.20
CA LEU D 29 0.77 -0.81 -13.94
C LEU D 29 2.17 -0.23 -14.06
N GLU D 30 3.17 -0.94 -13.56
CA GLU D 30 4.55 -0.48 -13.57
C GLU D 30 5.43 -1.25 -14.53
N GLN D 31 4.89 -2.27 -15.18
CA GLN D 31 5.59 -3.10 -16.17
C GLN D 31 6.84 -3.75 -15.58
N THR D 32 6.74 -4.22 -14.35
CA THR D 32 7.80 -4.98 -13.70
C THR D 32 7.31 -6.40 -13.46
N TYR D 33 8.26 -7.27 -13.13
CA TYR D 33 7.95 -8.65 -12.79
C TYR D 33 9.05 -9.13 -11.86
N LYS D 34 8.79 -10.21 -11.11
CA LYS D 34 9.77 -10.71 -10.19
C LYS D 34 10.28 -12.05 -10.68
N VAL D 35 11.59 -12.18 -10.84
CA VAL D 35 12.20 -13.44 -11.24
C VAL D 35 13.04 -13.93 -10.08
N ASP D 36 12.82 -15.18 -9.69
CA ASP D 36 13.56 -15.83 -8.63
C ASP D 36 14.29 -17.01 -9.24
N GLY D 37 15.57 -17.17 -8.93
CA GLY D 37 16.31 -18.25 -9.53
C GLY D 37 17.76 -18.27 -9.09
N TYR D 38 18.56 -19.05 -9.82
CA TYR D 38 19.97 -19.24 -9.53
C TYR D 38 20.82 -18.82 -10.71
N ILE D 39 22.01 -18.34 -10.44
CA ILE D 39 22.99 -18.03 -11.48
C ILE D 39 24.28 -18.78 -11.18
N VAL D 40 24.86 -19.40 -12.20
CA VAL D 40 26.07 -20.21 -12.05
C VAL D 40 27.06 -19.74 -13.09
N ALA D 41 28.09 -19.03 -12.65
CA ALA D 41 29.16 -18.62 -13.55
C ALA D 41 30.37 -19.52 -13.30
N GLN D 42 31.14 -19.78 -14.36
CA GLN D 42 32.26 -20.70 -14.24
C GLN D 42 33.41 -20.24 -15.12
N TRP D 43 34.59 -20.13 -14.55
CA TRP D 43 35.77 -19.74 -15.32
C TRP D 43 36.95 -20.58 -14.87
N THR D 44 38.10 -20.35 -15.48
CA THR D 44 39.30 -21.12 -15.13
C THR D 44 40.46 -20.17 -14.83
N GLY D 45 41.28 -20.58 -13.87
CA GLY D 45 42.41 -19.76 -13.45
C GLY D 45 43.64 -20.60 -13.20
N LYS D 46 44.58 -20.05 -12.44
CA LYS D 46 45.78 -20.81 -12.09
C LYS D 46 45.42 -21.94 -11.14
N PRO D 47 46.12 -23.07 -11.23
CA PRO D 47 45.83 -24.19 -10.34
C PRO D 47 46.17 -23.88 -8.90
N ARG D 48 45.64 -24.69 -8.00
CA ARG D 48 45.82 -24.45 -6.57
C ARG D 48 45.73 -25.77 -5.83
N LYS D 49 46.16 -25.74 -4.58
CA LYS D 49 46.14 -26.93 -3.72
C LYS D 49 44.99 -26.79 -2.74
N THR D 50 44.05 -27.71 -2.80
CA THR D 50 42.92 -27.80 -1.90
C THR D 50 43.16 -28.93 -0.89
N PRO D 51 42.39 -28.98 0.21
CA PRO D 51 42.51 -30.13 1.12
C PRO D 51 42.17 -31.45 0.46
N GLY D 52 43.18 -32.30 0.28
CA GLY D 52 43.02 -33.47 -0.56
C GLY D 52 43.14 -33.12 -2.04
N ASP D 53 42.35 -33.79 -2.86
CA ASP D 53 42.19 -33.43 -4.26
C ASP D 53 40.72 -33.22 -4.61
N LYS D 54 39.88 -33.15 -3.63
CA LYS D 54 38.46 -32.89 -3.80
C LYS D 54 38.20 -31.39 -3.82
N PRO D 55 37.16 -30.96 -4.53
CA PRO D 55 36.87 -29.52 -4.61
C PRO D 55 36.43 -28.94 -3.28
N LEU D 56 36.70 -27.65 -3.12
CA LEU D 56 36.49 -26.92 -1.88
C LEU D 56 35.28 -26.01 -2.02
N ILE D 57 34.30 -26.16 -1.14
CA ILE D 57 33.09 -25.35 -1.17
C ILE D 57 33.22 -24.25 -0.13
N VAL D 58 33.18 -23.00 -0.57
CA VAL D 58 33.30 -21.85 0.29
C VAL D 58 31.95 -21.14 0.28
N GLU D 59 31.25 -21.15 1.41
CA GLU D 59 29.91 -20.57 1.52
C GLU D 59 29.82 -19.05 1.61
N ASN D 60 28.64 -18.54 1.91
CA ASN D 60 28.45 -17.09 2.03
C ASN D 60 29.20 -16.55 3.21
N THR D 61 29.81 -15.38 3.03
CA THR D 61 30.62 -14.63 4.01
C THR D 61 31.97 -15.26 4.34
N GLN D 62 32.40 -16.18 3.52
CA GLN D 62 33.67 -16.85 3.68
C GLN D 62 34.31 -16.59 2.36
N ILE D 63 33.56 -15.92 1.49
CA ILE D 63 34.09 -15.58 0.19
C ILE D 63 34.92 -14.34 0.34
N GLU D 64 34.61 -13.54 1.35
CA GLU D 64 35.35 -12.32 1.61
C GLU D 64 36.71 -12.61 2.23
N ARG D 65 36.85 -13.74 2.92
CA ARG D 65 38.17 -14.13 3.39
C ARG D 65 39.08 -14.58 2.27
N TRP D 66 38.53 -14.86 1.09
CA TRP D 66 39.32 -15.25 -0.07
C TRP D 66 39.55 -14.11 -1.04
N ILE D 67 38.58 -13.21 -1.20
CA ILE D 67 38.78 -12.05 -2.06
C ILE D 67 39.78 -11.09 -1.42
N ASN D 68 39.84 -11.05 -0.09
CA ASN D 68 40.85 -10.24 0.57
C ASN D 68 42.25 -10.76 0.30
N ASN D 69 42.41 -12.07 0.22
CA ASN D 69 43.71 -12.67 -0.01
C ASN D 69 44.13 -12.63 -1.48
N GLY D 70 43.27 -12.19 -2.38
CA GLY D 70 43.68 -11.98 -3.74
C GLY D 70 42.95 -12.79 -4.79
N LEU D 71 41.88 -13.48 -4.42
CA LEU D 71 41.10 -14.20 -5.40
C LEU D 71 40.35 -13.22 -6.30
N TRP D 72 40.13 -13.62 -7.54
CA TRP D 72 39.50 -12.80 -8.54
C TRP D 72 38.08 -13.31 -8.75
N VAL D 73 37.10 -12.57 -8.25
CA VAL D 73 35.70 -12.90 -8.47
C VAL D 73 35.03 -11.68 -9.08
N PRO D 74 34.58 -11.74 -10.33
CA PRO D 74 33.93 -10.58 -10.94
C PRO D 74 32.52 -10.38 -10.42
N ALA D 75 32.05 -9.15 -10.57
CA ALA D 75 30.73 -8.76 -10.10
C ALA D 75 29.82 -8.66 -11.33
N LEU D 76 29.00 -9.69 -11.55
CA LEU D 76 28.02 -9.69 -12.62
C LEU D 76 26.74 -9.07 -12.10
N GLU D 77 26.32 -7.99 -12.73
CA GLU D 77 25.12 -7.25 -12.33
C GLU D 77 24.02 -7.47 -13.35
N PHE D 78 22.79 -7.17 -12.94
CA PHE D 78 21.63 -7.21 -13.82
C PHE D 78 21.28 -5.80 -14.23
N ILE D 79 21.16 -5.56 -15.53
CA ILE D 79 21.03 -4.21 -16.03
C ILE D 79 19.62 -3.67 -15.84
N ASN D 80 18.60 -4.48 -16.13
CA ASN D 80 17.23 -4.01 -16.20
C ASN D 80 16.48 -4.21 -14.89
N VAL D 81 17.15 -4.09 -13.77
CA VAL D 81 16.56 -4.39 -12.48
C VAL D 81 16.04 -3.10 -11.88
N VAL D 82 15.01 -3.22 -11.04
CA VAL D 82 14.45 -2.10 -10.30
C VAL D 82 14.83 -2.29 -8.84
N GLY D 83 15.59 -1.36 -8.30
CA GLY D 83 16.16 -1.55 -6.98
C GLY D 83 17.47 -2.32 -7.11
N SER D 84 17.72 -3.21 -6.17
CA SER D 84 18.86 -4.11 -6.23
C SER D 84 18.36 -5.52 -5.97
N PRO D 85 19.01 -6.52 -6.56
CA PRO D 85 18.57 -7.91 -6.32
C PRO D 85 18.78 -8.31 -4.87
N ASP D 86 17.89 -9.16 -4.40
CA ASP D 86 17.94 -9.67 -3.04
C ASP D 86 18.72 -10.99 -3.04
N THR D 87 20.04 -10.84 -3.17
CA THR D 87 20.93 -12.00 -3.23
C THR D 87 20.91 -12.70 -1.89
N GLY D 88 20.42 -13.93 -1.89
CA GLY D 88 20.34 -14.70 -0.67
C GLY D 88 21.65 -15.40 -0.43
N ASN D 89 21.64 -16.73 -0.48
CA ASN D 89 22.87 -17.48 -0.30
C ASN D 89 23.78 -17.30 -1.51
N LYS D 90 25.07 -17.54 -1.32
CA LYS D 90 26.00 -17.64 -2.43
C LYS D 90 27.10 -18.61 -2.06
N ARG D 91 27.81 -19.09 -3.08
CA ARG D 91 28.70 -20.24 -2.93
C ARG D 91 29.80 -20.13 -3.95
N LEU D 92 30.97 -20.65 -3.61
CA LEU D 92 32.14 -20.61 -4.47
C LEU D 92 32.82 -21.97 -4.42
N MET D 93 32.87 -22.66 -5.54
CA MET D 93 33.52 -23.96 -5.60
C MET D 93 34.87 -23.82 -6.27
N LEU D 94 35.91 -24.24 -5.57
CA LEU D 94 37.29 -24.10 -6.02
C LEU D 94 37.85 -25.48 -6.33
N PHE D 95 38.26 -25.68 -7.52
CA PHE D 95 38.70 -26.99 -7.94
C PHE D 95 40.22 -27.06 -8.03
N PRO D 96 40.81 -28.21 -7.75
CA PRO D 96 42.27 -28.32 -7.81
C PRO D 96 42.84 -28.17 -9.21
N ASP D 97 42.06 -28.49 -10.25
CA ASP D 97 42.56 -28.34 -11.61
C ASP D 97 42.61 -26.89 -12.07
N GLY D 98 42.06 -25.97 -11.29
CA GLY D 98 42.23 -24.55 -11.54
C GLY D 98 40.98 -23.79 -11.91
N ARG D 99 39.79 -24.38 -11.87
CA ARG D 99 38.59 -23.70 -12.32
C ARG D 99 37.69 -23.37 -11.14
N VAL D 100 37.04 -22.22 -11.22
CA VAL D 100 36.23 -21.63 -10.16
C VAL D 100 34.79 -21.57 -10.63
N ILE D 101 33.86 -21.84 -9.71
CA ILE D 101 32.44 -21.80 -10.00
C ILE D 101 31.74 -20.96 -8.96
N TYR D 102 31.10 -19.89 -9.38
CA TYR D 102 30.41 -18.97 -8.48
C TYR D 102 28.91 -19.15 -8.67
N ASN D 103 28.25 -19.64 -7.64
CA ASN D 103 26.81 -19.88 -7.66
C ASN D 103 26.13 -18.89 -6.73
N ALA D 104 24.99 -18.36 -7.14
CA ALA D 104 24.30 -17.38 -6.31
C ALA D 104 22.82 -17.52 -6.55
N ARG D 105 22.03 -17.10 -5.57
CA ARG D 105 20.58 -17.09 -5.69
C ARG D 105 20.10 -15.66 -5.77
N PHE D 106 19.35 -15.34 -6.80
CA PHE D 106 18.90 -13.97 -7.02
C PHE D 106 17.38 -13.91 -7.01
N LEU D 107 16.87 -12.76 -6.59
CA LEU D 107 15.44 -12.47 -6.62
C LEU D 107 15.30 -11.01 -6.99
N GLY D 108 14.91 -10.74 -8.22
CA GLY D 108 14.94 -9.38 -8.73
C GLY D 108 13.59 -8.93 -9.23
N SER D 109 13.35 -7.63 -9.08
CA SER D 109 12.21 -6.97 -9.72
C SER D 109 12.70 -6.35 -11.01
N PHE D 110 12.55 -7.08 -12.10
CA PHE D 110 13.03 -6.65 -13.40
C PHE D 110 11.97 -5.83 -14.11
N SER D 111 12.40 -5.02 -15.07
CA SER D 111 11.49 -4.16 -15.80
C SER D 111 11.78 -4.24 -17.30
N ASN D 112 10.73 -4.39 -18.09
CA ASN D 112 10.82 -4.43 -19.54
C ASN D 112 9.77 -3.50 -20.13
N ASP D 113 10.01 -3.07 -21.36
CA ASP D 113 9.08 -2.18 -22.06
C ASP D 113 7.94 -2.99 -22.64
N MET D 114 6.79 -2.96 -21.97
CA MET D 114 5.62 -3.70 -22.40
C MET D 114 4.76 -2.84 -23.32
N ASP D 115 3.96 -3.49 -24.15
CA ASP D 115 3.11 -2.82 -25.13
C ASP D 115 1.70 -3.42 -25.06
N PHE D 116 0.78 -2.74 -24.39
CA PHE D 116 -0.59 -3.26 -24.31
C PHE D 116 -1.53 -2.73 -25.38
N ARG D 117 -1.11 -2.75 -26.65
CA ARG D 117 -1.98 -2.25 -27.72
C ARG D 117 -3.24 -3.10 -27.82
N LEU D 118 -3.08 -4.41 -27.70
CA LEU D 118 -4.19 -5.34 -27.67
C LEU D 118 -4.12 -5.68 -26.20
N PHE D 119 -5.16 -5.43 -25.43
CA PHE D 119 -5.00 -5.67 -24.01
C PHE D 119 -5.37 -7.01 -23.41
N PRO D 120 -6.49 -7.59 -23.83
CA PRO D 120 -6.85 -8.88 -23.22
C PRO D 120 -6.17 -10.07 -23.86
N PHE D 121 -5.76 -9.96 -25.12
CA PHE D 121 -5.13 -11.03 -25.88
C PHE D 121 -3.66 -10.72 -26.09
N ASP D 122 -3.04 -10.14 -25.07
CA ASP D 122 -1.72 -9.54 -25.15
C ASP D 122 -0.66 -10.63 -25.12
N ARG D 123 0.44 -10.39 -25.82
CA ARG D 123 1.57 -11.32 -25.86
C ARG D 123 2.83 -10.53 -25.57
N GLN D 124 3.51 -10.87 -24.48
CA GLN D 124 4.64 -10.11 -23.98
C GLN D 124 5.87 -11.00 -23.85
N GLN D 125 7.00 -10.41 -23.52
CA GLN D 125 8.18 -11.20 -23.22
C GLN D 125 8.94 -10.61 -22.05
N PHE D 126 9.48 -11.50 -21.22
CA PHE D 126 10.18 -11.15 -20.00
C PHE D 126 11.68 -11.29 -20.26
N VAL D 127 12.44 -10.23 -19.95
CA VAL D 127 13.82 -10.11 -20.38
C VAL D 127 14.71 -9.96 -19.14
N LEU D 128 15.74 -10.79 -19.07
CA LEU D 128 16.82 -10.66 -18.09
C LEU D 128 18.10 -10.27 -18.82
N GLU D 129 18.74 -9.20 -18.38
CA GLU D 129 19.99 -8.74 -18.97
C GLU D 129 21.08 -8.77 -17.92
N LEU D 130 22.18 -9.45 -18.22
CA LEU D 130 23.27 -9.67 -17.28
C LEU D 130 24.56 -9.18 -17.89
N GLU D 131 25.42 -8.56 -17.08
CA GLU D 131 26.57 -7.88 -17.65
C GLU D 131 27.61 -7.66 -16.57
N PRO D 132 28.90 -7.78 -16.85
CA PRO D 132 29.90 -7.45 -15.85
C PRO D 132 29.88 -5.98 -15.50
N PHE D 133 30.23 -5.67 -14.26
CA PHE D 133 30.21 -4.28 -13.84
C PHE D 133 31.51 -3.56 -14.15
N SER D 134 32.65 -4.25 -14.08
CA SER D 134 33.94 -3.59 -14.16
C SER D 134 34.77 -3.98 -15.36
N TYR D 135 34.67 -5.22 -15.81
CA TYR D 135 35.57 -5.76 -16.81
C TYR D 135 34.88 -5.76 -18.16
N ASN D 136 35.51 -5.12 -19.15
CA ASN D 136 34.99 -5.07 -20.50
C ASN D 136 35.31 -6.36 -21.23
N ASN D 137 35.03 -6.43 -22.53
CA ASN D 137 35.20 -7.71 -23.22
C ASN D 137 36.66 -8.00 -23.58
N GLN D 138 37.57 -7.06 -23.34
CA GLN D 138 38.99 -7.38 -23.43
C GLN D 138 39.49 -8.07 -22.18
N GLN D 139 38.76 -7.98 -21.06
CA GLN D 139 39.15 -8.61 -19.82
C GLN D 139 38.18 -9.68 -19.34
N LEU D 140 36.95 -9.70 -19.82
CA LEU D 140 35.99 -10.72 -19.46
C LEU D 140 35.01 -10.91 -20.61
N ARG D 141 34.96 -12.13 -21.15
CA ARG D 141 34.04 -12.46 -22.22
C ARG D 141 33.14 -13.59 -21.77
N PHE D 142 31.88 -13.54 -22.20
CA PHE D 142 30.95 -14.63 -21.95
C PHE D 142 31.04 -15.62 -23.10
N SER D 143 31.29 -16.88 -22.78
CA SER D 143 31.36 -17.90 -23.82
C SER D 143 29.97 -18.35 -24.23
N ASP D 144 29.17 -18.83 -23.29
CA ASP D 144 27.85 -19.33 -23.63
C ASP D 144 26.92 -19.21 -22.43
N ILE D 145 25.63 -19.34 -22.70
CA ILE D 145 24.61 -19.44 -21.67
C ILE D 145 23.65 -20.58 -22.00
N GLN D 146 23.34 -21.39 -20.99
CA GLN D 146 22.25 -22.34 -20.99
C GLN D 146 21.23 -21.89 -19.97
N VAL D 147 20.01 -21.64 -20.39
CA VAL D 147 18.95 -21.23 -19.48
C VAL D 147 18.07 -22.45 -19.22
N TYR D 148 17.98 -22.86 -17.96
CA TYR D 148 17.23 -24.05 -17.57
C TYR D 148 15.88 -23.61 -17.01
N THR D 149 14.97 -23.28 -17.92
CA THR D 149 13.63 -22.82 -17.57
C THR D 149 12.61 -23.95 -17.45
N GLU D 150 12.98 -25.04 -16.79
CA GLU D 150 12.14 -26.23 -16.78
C GLU D 150 11.09 -26.20 -15.69
N ASN D 151 11.18 -25.28 -14.73
CA ASN D 151 10.16 -25.17 -13.70
C ASN D 151 8.98 -24.31 -14.12
N ILE D 152 9.12 -23.56 -15.22
CA ILE D 152 8.02 -22.73 -15.72
C ILE D 152 7.79 -23.01 -17.21
N ASP D 153 8.07 -24.25 -17.65
CA ASP D 153 8.19 -24.53 -19.09
C ASP D 153 6.90 -24.29 -19.85
N ASN D 154 5.79 -24.93 -19.44
CA ASN D 154 4.45 -24.65 -19.96
C ASN D 154 3.54 -24.54 -18.74
N GLU D 155 3.50 -23.37 -18.14
CA GLU D 155 2.81 -23.20 -16.88
C GLU D 155 1.99 -21.91 -16.90
N GLU D 156 0.91 -21.91 -16.15
CA GLU D 156 0.12 -20.72 -15.89
C GLU D 156 0.65 -20.13 -14.59
N ILE D 157 1.43 -19.05 -14.71
CA ILE D 157 2.11 -18.52 -13.53
C ILE D 157 1.13 -17.82 -12.60
N ASP D 158 0.53 -16.71 -13.05
CA ASP D 158 -0.71 -16.25 -12.43
C ASP D 158 -1.80 -16.11 -13.49
N GLU D 159 -1.49 -15.43 -14.59
CA GLU D 159 -2.41 -15.36 -15.72
C GLU D 159 -1.69 -15.40 -17.05
N TRP D 160 -0.48 -15.95 -17.10
CA TRP D 160 0.31 -15.99 -18.32
C TRP D 160 0.69 -17.42 -18.62
N TRP D 161 0.50 -17.83 -19.87
CA TRP D 161 1.13 -19.05 -20.36
C TRP D 161 2.56 -18.74 -20.75
N ILE D 162 3.50 -19.57 -20.32
CA ILE D 162 4.88 -19.43 -20.75
C ILE D 162 5.07 -20.35 -21.95
N ARG D 163 5.35 -19.76 -23.10
CA ARG D 163 5.31 -20.47 -24.37
C ARG D 163 6.71 -20.91 -24.79
N GLY D 164 6.96 -22.20 -24.70
CA GLY D 164 8.16 -22.76 -25.29
C GLY D 164 9.43 -22.50 -24.48
N LYS D 165 10.55 -22.55 -25.20
CA LYS D 165 11.85 -22.40 -24.58
C LYS D 165 12.19 -20.93 -24.37
N ALA D 166 13.41 -20.67 -23.88
CA ALA D 166 13.89 -19.34 -23.63
C ALA D 166 14.98 -19.00 -24.65
N SER D 167 14.92 -17.81 -25.22
CA SER D 167 15.86 -17.40 -26.26
C SER D 167 17.03 -16.67 -25.61
N THR D 168 18.25 -17.12 -25.91
CA THR D 168 19.46 -16.63 -25.27
C THR D 168 20.34 -15.93 -26.29
N HIS D 169 20.96 -14.83 -25.88
CA HIS D 169 21.79 -14.06 -26.81
C HIS D 169 22.95 -13.44 -26.06
N ILE D 170 24.10 -13.36 -26.72
CA ILE D 170 25.30 -12.75 -26.17
C ILE D 170 25.76 -11.66 -27.13
N SER D 171 25.88 -10.44 -26.64
CA SER D 171 26.14 -9.30 -27.49
C SER D 171 27.17 -8.40 -26.82
N ASP D 172 27.61 -7.38 -27.55
CA ASP D 172 28.56 -6.38 -27.05
C ASP D 172 27.88 -5.02 -27.04
N ILE D 173 28.01 -4.30 -25.94
CA ILE D 173 27.37 -3.01 -25.74
C ILE D 173 28.43 -1.93 -25.64
N ARG D 174 28.26 -0.85 -26.38
CA ARG D 174 29.11 0.31 -26.28
C ARG D 174 28.60 1.21 -25.16
N TYR D 175 29.52 1.68 -24.31
CA TYR D 175 29.20 2.65 -23.28
C TYR D 175 30.03 3.90 -23.52
N ASP D 176 29.39 5.05 -23.53
CA ASP D 176 30.06 6.28 -23.92
C ASP D 176 30.46 7.16 -22.75
N HIS D 177 29.93 6.93 -21.55
CA HIS D 177 30.41 7.69 -20.41
C HIS D 177 31.76 7.18 -19.91
N LEU D 178 32.11 5.95 -20.27
CA LEU D 178 33.42 5.39 -20.00
C LEU D 178 34.41 5.61 -21.13
N SER D 179 34.02 6.35 -22.16
CA SER D 179 34.96 6.66 -23.24
C SER D 179 35.95 7.74 -22.83
N SER D 180 35.66 8.49 -21.77
CA SER D 180 36.61 9.49 -21.30
C SER D 180 37.58 8.92 -20.27
N VAL D 181 37.37 7.70 -19.79
CA VAL D 181 38.24 7.12 -18.77
C VAL D 181 38.85 5.82 -19.29
N GLN D 182 38.20 5.20 -20.26
CA GLN D 182 38.75 4.04 -20.97
C GLN D 182 38.69 4.38 -22.46
N PRO D 183 39.81 4.72 -23.09
CA PRO D 183 39.74 5.37 -24.41
C PRO D 183 39.21 4.49 -25.53
N ASN D 184 39.76 3.29 -25.70
CA ASN D 184 39.41 2.45 -26.83
C ASN D 184 38.78 1.12 -26.45
N GLN D 185 38.69 0.80 -25.16
CA GLN D 185 38.10 -0.45 -24.70
C GLN D 185 37.04 -0.14 -23.64
N ASN D 186 35.84 0.19 -24.10
CA ASN D 186 34.70 0.41 -23.23
C ASN D 186 33.51 -0.45 -23.65
N GLU D 187 33.78 -1.53 -24.37
CA GLU D 187 32.75 -2.38 -24.92
C GLU D 187 32.53 -3.55 -23.96
N PHE D 188 31.32 -3.68 -23.43
CA PHE D 188 31.04 -4.63 -22.37
C PHE D 188 30.23 -5.79 -22.92
N SER D 189 30.60 -7.01 -22.53
CA SER D 189 29.84 -8.18 -22.92
C SER D 189 28.50 -8.19 -22.19
N ARG D 190 27.49 -8.82 -22.79
CA ARG D 190 26.15 -8.79 -22.20
C ARG D 190 25.39 -10.04 -22.63
N ILE D 191 24.57 -10.56 -21.72
CA ILE D 191 23.70 -11.70 -21.99
C ILE D 191 22.26 -11.26 -21.84
N THR D 192 21.43 -11.56 -22.85
CA THR D 192 20.01 -11.27 -22.82
C THR D 192 19.23 -12.57 -22.91
N VAL D 193 18.27 -12.73 -22.01
CA VAL D 193 17.42 -13.91 -21.95
C VAL D 193 15.98 -13.45 -22.12
N ARG D 194 15.28 -13.98 -23.11
CA ARG D 194 13.91 -13.59 -23.39
C ARG D 194 13.00 -14.80 -23.27
N ILE D 195 11.94 -14.66 -22.48
CA ILE D 195 10.95 -15.70 -22.29
C ILE D 195 9.62 -15.15 -22.79
N ASP D 196 8.96 -15.89 -23.68
CA ASP D 196 7.73 -15.40 -24.29
C ASP D 196 6.51 -15.88 -23.51
N ALA D 197 5.66 -14.94 -23.12
CA ALA D 197 4.48 -15.23 -22.34
C ALA D 197 3.26 -14.69 -23.06
N VAL D 198 2.13 -15.38 -22.92
CA VAL D 198 0.88 -15.04 -23.58
C VAL D 198 -0.19 -14.89 -22.51
N ARG D 199 -0.89 -13.75 -22.50
CA ARG D 199 -1.88 -13.51 -21.46
C ARG D 199 -3.06 -14.46 -21.62
N ASN D 200 -3.73 -14.72 -20.51
CA ASN D 200 -4.90 -15.57 -20.50
C ASN D 200 -6.13 -14.69 -20.51
N PRO D 201 -6.86 -14.58 -21.63
CA PRO D 201 -7.95 -13.61 -21.73
C PRO D 201 -9.26 -14.04 -21.10
N SER D 202 -9.30 -15.20 -20.42
CA SER D 202 -10.58 -15.74 -19.97
C SER D 202 -11.26 -14.85 -18.95
N TYR D 203 -10.49 -14.32 -17.99
CA TYR D 203 -11.08 -13.49 -16.94
C TYR D 203 -11.71 -12.22 -17.52
N TYR D 204 -11.04 -11.57 -18.45
CA TYR D 204 -11.62 -10.37 -19.04
C TYR D 204 -12.81 -10.71 -19.93
N LEU D 205 -12.81 -11.89 -20.55
CA LEU D 205 -13.96 -12.31 -21.35
C LEU D 205 -15.21 -12.47 -20.50
N TRP D 206 -15.14 -13.26 -19.43
CA TRP D 206 -16.31 -13.43 -18.59
C TRP D 206 -16.52 -12.37 -17.51
N SER D 207 -15.66 -11.37 -17.41
CA SER D 207 -15.91 -10.34 -16.42
C SER D 207 -16.10 -8.93 -16.97
N PHE D 208 -15.37 -8.52 -18.02
CA PHE D 208 -15.42 -7.14 -18.48
C PHE D 208 -16.05 -6.98 -19.84
N ILE D 209 -16.39 -8.06 -20.53
CA ILE D 209 -16.88 -8.02 -21.90
C ILE D 209 -18.31 -8.54 -21.98
N LEU D 210 -18.61 -9.61 -21.26
CA LEU D 210 -19.98 -10.10 -21.20
C LEU D 210 -20.96 -9.11 -20.56
N PRO D 211 -20.68 -8.49 -19.39
CA PRO D 211 -21.63 -7.49 -18.90
C PRO D 211 -21.69 -6.21 -19.71
N LEU D 212 -20.60 -5.80 -20.33
CA LEU D 212 -20.69 -4.66 -21.25
C LEU D 212 -21.53 -5.00 -22.46
N GLY D 213 -21.45 -6.24 -22.93
CA GLY D 213 -22.35 -6.67 -24.00
C GLY D 213 -23.81 -6.65 -23.58
N LEU D 214 -24.09 -7.11 -22.36
CA LEU D 214 -25.47 -7.09 -21.88
C LEU D 214 -26.00 -5.67 -21.72
N ILE D 215 -25.17 -4.76 -21.19
CA ILE D 215 -25.62 -3.39 -20.98
C ILE D 215 -25.81 -2.67 -22.31
N ILE D 216 -24.95 -2.93 -23.29
CA ILE D 216 -25.12 -2.29 -24.60
C ILE D 216 -26.35 -2.86 -25.33
N ALA D 217 -26.63 -4.16 -25.16
CA ALA D 217 -27.85 -4.73 -25.73
C ALA D 217 -29.10 -4.13 -25.09
N ALA D 218 -29.08 -3.96 -23.77
CA ALA D 218 -30.19 -3.29 -23.09
C ALA D 218 -30.33 -1.84 -23.55
N SER D 219 -29.23 -1.18 -23.87
CA SER D 219 -29.31 0.17 -24.42
C SER D 219 -29.92 0.17 -25.81
N TRP D 220 -29.65 -0.86 -26.60
CA TRP D 220 -30.34 -1.00 -27.89
C TRP D 220 -31.83 -1.16 -27.68
N SER D 221 -32.22 -1.93 -26.69
CA SER D 221 -33.65 -2.16 -26.43
C SER D 221 -34.39 -0.94 -25.82
N VAL D 222 -33.87 0.28 -25.78
CA VAL D 222 -34.63 1.39 -25.24
C VAL D 222 -35.65 1.92 -26.24
N PHE D 223 -35.51 1.58 -27.52
CA PHE D 223 -36.39 2.13 -28.55
C PHE D 223 -37.77 1.49 -28.54
N TRP D 224 -37.93 0.36 -27.87
CA TRP D 224 -39.19 -0.36 -27.92
C TRP D 224 -40.22 0.19 -26.96
N LEU D 225 -39.88 1.22 -26.18
CA LEU D 225 -40.87 1.98 -25.46
C LEU D 225 -41.68 2.83 -26.43
N GLU D 226 -42.92 3.15 -26.03
CA GLU D 226 -43.81 3.94 -26.87
C GLU D 226 -44.04 5.34 -26.32
N SER D 227 -43.13 5.85 -25.50
CA SER D 227 -43.22 7.18 -24.93
C SER D 227 -41.93 7.94 -25.21
N PHE D 228 -41.74 9.05 -24.51
CA PHE D 228 -40.55 9.85 -24.74
C PHE D 228 -39.75 10.06 -23.46
N SER D 229 -40.39 10.60 -22.41
CA SER D 229 -39.68 10.90 -21.18
C SER D 229 -39.19 9.64 -20.48
N GLU D 230 -39.96 8.55 -20.58
CA GLU D 230 -39.50 7.28 -20.03
C GLU D 230 -38.25 6.79 -20.76
N ARG D 231 -38.21 6.98 -22.08
CA ARG D 231 -37.02 6.65 -22.85
C ARG D 231 -35.82 7.47 -22.40
N LEU D 232 -36.02 8.76 -22.19
CA LEU D 232 -34.93 9.63 -21.77
C LEU D 232 -34.38 9.23 -20.40
N GLN D 233 -35.29 8.97 -19.44
CA GLN D 233 -34.85 8.60 -18.10
C GLN D 233 -34.13 7.26 -18.09
N THR D 234 -34.63 6.28 -18.87
CA THR D 234 -33.98 4.99 -18.94
C THR D 234 -32.58 5.10 -19.54
N SER D 235 -32.42 5.84 -20.64
CA SER D 235 -31.10 5.94 -21.23
C SER D 235 -30.15 6.75 -20.38
N PHE D 236 -30.65 7.68 -19.55
CA PHE D 236 -29.73 8.34 -18.62
C PHE D 236 -29.29 7.40 -17.49
N THR D 237 -30.18 6.50 -17.06
CA THR D 237 -29.76 5.47 -16.10
C THR D 237 -28.66 4.58 -16.70
N LEU D 238 -28.78 4.25 -17.99
CA LEU D 238 -27.72 3.46 -18.61
C LEU D 238 -26.43 4.28 -18.82
N MET D 239 -26.55 5.60 -19.02
CA MET D 239 -25.38 6.47 -18.95
C MET D 239 -24.64 6.31 -17.62
N LEU D 240 -25.37 6.36 -16.51
CA LEU D 240 -24.73 6.19 -15.21
C LEU D 240 -24.08 4.81 -15.07
N THR D 241 -24.75 3.77 -15.59
CA THR D 241 -24.20 2.43 -15.50
C THR D 241 -22.89 2.30 -16.26
N VAL D 242 -22.79 2.89 -17.45
CA VAL D 242 -21.52 2.83 -18.18
C VAL D 242 -20.49 3.82 -17.63
N VAL D 243 -20.91 4.83 -16.86
CA VAL D 243 -19.95 5.60 -16.07
C VAL D 243 -19.24 4.71 -15.06
N ALA D 244 -19.99 3.80 -14.43
CA ALA D 244 -19.39 2.94 -13.40
C ALA D 244 -18.26 2.06 -13.95
N TYR D 245 -18.35 1.64 -15.21
CA TYR D 245 -17.32 0.76 -15.73
C TYR D 245 -16.00 1.46 -16.02
N ALA D 246 -16.00 2.79 -16.14
CA ALA D 246 -14.74 3.50 -16.21
C ALA D 246 -13.96 3.36 -14.90
N PHE D 247 -14.66 3.48 -13.76
CA PHE D 247 -14.07 3.15 -12.47
C PHE D 247 -13.62 1.71 -12.43
N TYR D 248 -14.45 0.81 -12.93
CA TYR D 248 -14.21 -0.62 -12.76
C TYR D 248 -13.03 -1.09 -13.61
N THR D 249 -12.70 -0.37 -14.67
CA THR D 249 -11.58 -0.75 -15.52
C THR D 249 -10.39 0.19 -15.44
N SER D 250 -10.43 1.22 -14.59
CA SER D 250 -9.33 2.19 -14.53
C SER D 250 -8.06 1.59 -13.95
N ASN D 251 -8.18 0.63 -13.02
CA ASN D 251 -7.08 0.35 -12.11
C ASN D 251 -6.13 -0.72 -12.65
N ILE D 252 -6.65 -1.55 -13.55
CA ILE D 252 -5.93 -2.68 -14.14
C ILE D 252 -4.82 -2.34 -15.12
N LEU D 253 -4.77 -1.10 -15.58
CA LEU D 253 -3.78 -0.72 -16.56
C LEU D 253 -3.21 0.68 -16.34
N PRO D 254 -2.04 0.95 -16.92
CA PRO D 254 -1.33 2.23 -16.85
C PRO D 254 -2.00 3.27 -17.73
N ARG D 255 -1.74 4.55 -17.47
CA ARG D 255 -2.31 5.60 -18.28
C ARG D 255 -1.61 5.63 -19.63
N LEU D 256 -2.05 4.79 -20.55
CA LEU D 256 -1.45 4.68 -21.86
C LEU D 256 -1.96 5.75 -22.80
N PRO D 257 -1.12 6.25 -23.70
CA PRO D 257 -1.60 7.24 -24.68
C PRO D 257 -2.54 6.67 -25.72
N TYR D 258 -2.46 5.37 -26.00
CA TYR D 258 -3.37 4.73 -26.94
C TYR D 258 -4.55 4.11 -26.20
N THR D 259 -5.46 3.50 -26.94
CA THR D 259 -6.62 2.85 -26.38
C THR D 259 -6.63 1.37 -26.76
N THR D 260 -7.10 0.55 -25.84
CA THR D 260 -7.11 -0.90 -25.98
C THR D 260 -8.48 -1.38 -26.46
N TYR D 261 -8.72 -2.69 -26.40
CA TYR D 261 -10.02 -3.21 -26.82
C TYR D 261 -11.11 -2.88 -25.79
N ILE D 262 -10.80 -3.05 -24.50
CA ILE D 262 -11.78 -2.84 -23.44
C ILE D 262 -12.26 -1.39 -23.42
N ASP D 263 -11.32 -0.45 -23.53
CA ASP D 263 -11.77 0.93 -23.51
C ASP D 263 -12.39 1.33 -24.85
N GLN D 264 -12.06 0.64 -25.93
CA GLN D 264 -12.78 0.89 -27.17
C GLN D 264 -14.25 0.49 -27.03
N MET D 265 -14.54 -0.59 -26.29
CA MET D 265 -15.94 -0.90 -26.02
C MET D 265 -16.57 0.10 -25.07
N ILE D 266 -15.82 0.63 -24.11
CA ILE D 266 -16.37 1.67 -23.24
C ILE D 266 -16.77 2.91 -24.05
N ILE D 267 -15.89 3.33 -24.96
CA ILE D 267 -16.17 4.50 -25.79
C ILE D 267 -17.32 4.22 -26.74
N ALA D 268 -17.40 2.99 -27.26
CA ALA D 268 -18.54 2.61 -28.11
C ALA D 268 -19.85 2.61 -27.33
N GLY D 269 -19.82 2.19 -26.07
CA GLY D 269 -21.02 2.25 -25.25
C GLY D 269 -21.47 3.67 -24.98
N TYR D 270 -20.52 4.56 -24.69
CA TYR D 270 -20.86 5.97 -24.52
C TYR D 270 -21.46 6.55 -25.79
N GLY D 271 -20.86 6.22 -26.94
CA GLY D 271 -21.39 6.71 -28.20
C GLY D 271 -22.78 6.16 -28.52
N SER D 272 -23.02 4.90 -28.18
CA SER D 272 -24.35 4.32 -28.39
C SER D 272 -25.41 4.98 -27.53
N ILE D 273 -25.11 5.20 -26.24
CA ILE D 273 -26.08 5.84 -25.35
C ILE D 273 -26.37 7.26 -25.83
N PHE D 274 -25.32 8.01 -26.18
CA PHE D 274 -25.52 9.39 -26.60
C PHE D 274 -26.24 9.46 -27.95
N ALA D 275 -25.96 8.50 -28.85
CA ALA D 275 -26.65 8.47 -30.13
C ALA D 275 -28.13 8.17 -29.95
N ALA D 276 -28.48 7.23 -29.06
CA ALA D 276 -29.89 6.94 -28.83
C ALA D 276 -30.62 8.12 -28.22
N ILE D 277 -29.99 8.81 -27.25
CA ILE D 277 -30.61 9.98 -26.64
C ILE D 277 -30.79 11.09 -27.66
N LEU D 278 -29.77 11.34 -28.47
CA LEU D 278 -29.85 12.41 -29.46
C LEU D 278 -30.87 12.07 -30.55
N LEU D 279 -31.00 10.78 -30.89
CA LEU D 279 -31.99 10.36 -31.88
C LEU D 279 -33.41 10.56 -31.37
N ILE D 280 -33.68 10.19 -30.11
CA ILE D 280 -35.05 10.37 -29.62
C ILE D 280 -35.35 11.85 -29.37
N ILE D 281 -34.32 12.66 -29.06
CA ILE D 281 -34.53 14.10 -28.95
C ILE D 281 -34.89 14.69 -30.31
N PHE D 282 -34.16 14.28 -31.35
CA PHE D 282 -34.47 14.78 -32.69
C PHE D 282 -35.79 14.25 -33.22
N ALA D 283 -36.22 13.07 -32.75
CA ALA D 283 -37.55 12.59 -33.09
C ALA D 283 -38.63 13.41 -32.39
N HIS D 284 -38.35 13.89 -31.19
CA HIS D 284 -39.29 14.79 -30.52
C HIS D 284 -39.37 16.15 -31.21
N HIS D 285 -38.27 16.61 -31.80
CA HIS D 285 -38.23 17.90 -32.48
C HIS D 285 -38.46 17.79 -33.99
N ARG D 286 -38.71 16.58 -34.50
CA ARG D 286 -39.06 16.42 -35.91
C ARG D 286 -40.49 16.86 -36.21
N GLN D 287 -41.29 17.15 -35.17
CA GLN D 287 -42.67 17.59 -35.35
C GLN D 287 -42.66 19.00 -35.92
N ALA D 288 -42.83 19.09 -37.25
CA ALA D 288 -42.85 20.40 -37.91
C ALA D 288 -44.11 21.18 -37.57
N ASN D 289 -45.25 20.49 -37.49
CA ASN D 289 -46.51 21.11 -37.09
C ASN D 289 -46.88 20.80 -35.65
N GLY D 290 -46.06 20.04 -34.93
CA GLY D 290 -46.42 19.60 -33.60
C GLY D 290 -47.30 18.37 -33.57
N VAL D 291 -47.55 17.75 -34.72
CA VAL D 291 -48.45 16.60 -34.78
C VAL D 291 -47.89 15.44 -35.59
N GLU D 292 -46.83 15.63 -36.39
CA GLU D 292 -46.37 14.60 -37.31
C GLU D 292 -45.60 13.51 -36.58
N ASP D 293 -46.05 12.27 -36.76
CA ASP D 293 -45.43 11.12 -36.11
C ASP D 293 -44.31 10.55 -36.97
N ASP D 294 -43.28 10.02 -36.30
CA ASP D 294 -42.10 9.49 -36.97
C ASP D 294 -42.03 7.98 -36.79
N LEU D 295 -41.95 7.27 -37.92
CA LEU D 295 -41.83 5.82 -37.95
C LEU D 295 -40.59 5.34 -38.67
N LEU D 296 -40.08 6.11 -39.62
CA LEU D 296 -38.87 5.71 -40.34
C LEU D 296 -37.64 5.81 -39.44
N ILE D 297 -37.55 6.88 -38.64
CA ILE D 297 -36.42 7.03 -37.73
C ILE D 297 -36.61 6.23 -36.45
N GLN D 298 -37.83 5.82 -36.12
CA GLN D 298 -38.09 5.00 -34.95
C GLN D 298 -38.05 3.52 -35.26
N ARG D 299 -37.84 3.14 -36.52
CA ARG D 299 -37.63 1.76 -36.92
C ARG D 299 -36.15 1.39 -36.96
N CYS D 300 -35.34 2.05 -36.13
CA CYS D 300 -33.94 1.71 -35.97
C CYS D 300 -33.72 0.56 -35.00
N ARG D 301 -34.79 -0.12 -34.58
CA ARG D 301 -34.65 -1.30 -33.73
C ARG D 301 -33.93 -2.45 -34.45
N LEU D 302 -33.95 -2.47 -35.78
CA LEU D 302 -33.10 -3.37 -36.55
C LEU D 302 -31.88 -2.69 -37.12
N ALA D 303 -31.87 -1.34 -37.19
CA ALA D 303 -30.77 -0.63 -37.80
C ALA D 303 -29.67 -0.30 -36.81
N PHE D 304 -30.04 0.07 -35.58
CA PHE D 304 -29.04 0.40 -34.56
C PHE D 304 -28.17 -0.80 -34.15
N PRO D 305 -28.70 -2.00 -33.85
CA PRO D 305 -27.78 -3.12 -33.55
C PRO D 305 -26.90 -3.53 -34.71
N LEU D 306 -27.41 -3.49 -35.94
CA LEU D 306 -26.59 -3.84 -37.09
C LEU D 306 -25.50 -2.79 -37.32
N GLY D 307 -25.85 -1.51 -37.14
CA GLY D 307 -24.84 -0.46 -37.27
C GLY D 307 -23.78 -0.53 -36.19
N PHE D 308 -24.19 -0.87 -34.97
CA PHE D 308 -23.22 -1.07 -33.91
C PHE D 308 -22.32 -2.27 -34.19
N LEU D 309 -22.88 -3.35 -34.74
CA LEU D 309 -22.07 -4.50 -35.10
C LEU D 309 -21.08 -4.15 -36.21
N ALA D 310 -21.52 -3.37 -37.20
CA ALA D 310 -20.62 -2.97 -38.28
C ALA D 310 -19.51 -2.05 -37.77
N ILE D 311 -19.86 -1.11 -36.88
CA ILE D 311 -18.85 -0.23 -36.29
C ILE D 311 -17.86 -1.02 -35.45
N GLY D 312 -18.36 -1.94 -34.63
CA GLY D 312 -17.48 -2.79 -33.84
C GLY D 312 -16.58 -3.66 -34.70
N CYS D 313 -17.11 -4.18 -35.81
CA CYS D 313 -16.32 -5.03 -36.68
C CYS D 313 -15.26 -4.24 -37.42
N VAL D 314 -15.58 -3.04 -37.91
CA VAL D 314 -14.58 -2.26 -38.62
C VAL D 314 -13.51 -1.75 -37.64
N LEU D 315 -13.91 -1.45 -36.39
CA LEU D 315 -12.92 -1.03 -35.40
C LEU D 315 -12.03 -2.21 -34.98
N VAL D 316 -12.60 -3.40 -34.82
CA VAL D 316 -11.77 -4.54 -34.39
C VAL D 316 -10.91 -5.03 -35.55
N ILE D 317 -11.33 -4.82 -36.80
CA ILE D 317 -10.51 -5.23 -37.93
C ILE D 317 -9.51 -4.16 -38.36
N PRO E 11 42.34 23.13 -3.67
CA PRO E 11 41.16 22.34 -4.03
C PRO E 11 41.45 21.36 -5.15
N VAL E 12 40.90 20.18 -5.06
CA VAL E 12 41.08 19.15 -6.09
C VAL E 12 39.90 19.21 -7.05
N ASP E 13 40.17 18.98 -8.33
CA ASP E 13 39.18 19.14 -9.39
C ASP E 13 38.58 17.78 -9.73
N VAL E 14 37.29 17.63 -9.46
CA VAL E 14 36.56 16.40 -9.72
C VAL E 14 35.67 16.62 -10.93
N SER E 15 35.64 15.65 -11.84
CA SER E 15 34.99 15.78 -13.14
C SER E 15 33.87 14.75 -13.28
N VAL E 16 32.68 15.11 -12.79
CA VAL E 16 31.56 14.17 -12.71
C VAL E 16 31.02 13.88 -14.10
N SER E 17 30.44 12.68 -14.29
CA SER E 17 29.86 12.31 -15.58
C SER E 17 28.69 11.35 -15.32
N ILE E 18 27.51 11.90 -15.13
CA ILE E 18 26.32 11.13 -14.80
C ILE E 18 25.73 10.51 -16.06
N PHE E 19 25.28 9.26 -15.96
CA PHE E 19 24.66 8.54 -17.07
C PHE E 19 23.28 8.09 -16.61
N ILE E 20 22.23 8.82 -17.02
CA ILE E 20 20.87 8.48 -16.62
C ILE E 20 20.46 7.22 -17.37
N ASN E 21 20.30 6.12 -16.65
CA ASN E 21 19.90 4.87 -17.29
C ASN E 21 18.41 4.84 -17.55
N LYS E 22 17.60 5.25 -16.57
CA LYS E 22 16.17 5.40 -16.80
C LYS E 22 15.57 6.30 -15.74
N ILE E 23 14.44 6.92 -16.09
CA ILE E 23 13.59 7.66 -15.18
C ILE E 23 12.24 6.98 -15.18
N TYR E 24 11.73 6.64 -14.00
CA TYR E 24 10.47 5.93 -13.93
C TYR E 24 9.77 6.30 -12.64
N GLY E 25 8.63 5.65 -12.41
CA GLY E 25 7.90 5.81 -11.16
C GLY E 25 7.49 7.22 -10.86
N VAL E 26 7.22 8.03 -11.87
CA VAL E 26 7.00 9.47 -11.69
C VAL E 26 5.69 9.68 -10.97
N ASN E 27 5.76 10.04 -9.70
CA ASN E 27 4.61 10.17 -8.83
C ASN E 27 4.21 11.62 -8.78
N THR E 28 2.92 11.90 -8.93
CA THR E 28 2.42 13.26 -8.83
C THR E 28 1.74 13.57 -7.51
N LEU E 29 1.29 12.55 -6.78
CA LEU E 29 0.74 12.78 -5.45
C LEU E 29 1.80 13.30 -4.50
N GLU E 30 3.02 12.75 -4.58
CA GLU E 30 4.10 13.13 -3.69
C GLU E 30 5.20 13.91 -4.40
N GLN E 31 5.08 14.10 -5.71
CA GLN E 31 6.03 14.85 -6.53
C GLN E 31 7.44 14.29 -6.43
N THR E 32 7.55 12.97 -6.42
CA THR E 32 8.83 12.29 -6.48
C THR E 32 8.93 11.52 -7.79
N TYR E 33 10.15 11.07 -8.09
CA TYR E 33 10.39 10.25 -9.27
C TYR E 33 11.62 9.39 -8.96
N LYS E 34 11.80 8.32 -9.71
CA LYS E 34 12.93 7.44 -9.46
C LYS E 34 13.89 7.53 -10.63
N VAL E 35 15.15 7.85 -10.32
CA VAL E 35 16.20 7.91 -11.34
C VAL E 35 17.18 6.79 -11.05
N ASP E 36 17.46 5.98 -12.06
CA ASP E 36 18.42 4.90 -11.99
C ASP E 36 19.53 5.20 -12.97
N GLY E 37 20.78 5.06 -12.53
CA GLY E 37 21.87 5.38 -13.43
C GLY E 37 23.22 5.18 -12.78
N TYR E 38 24.25 5.73 -13.42
CA TYR E 38 25.62 5.61 -12.98
C TYR E 38 26.23 6.99 -12.76
N ILE E 39 27.15 7.08 -11.82
CA ILE E 39 27.91 8.29 -11.58
C ILE E 39 29.39 7.96 -11.67
N VAL E 40 30.15 8.81 -12.37
CA VAL E 40 31.58 8.59 -12.58
C VAL E 40 32.31 9.86 -12.19
N ALA E 41 32.98 9.86 -11.06
CA ALA E 41 33.80 10.98 -10.67
C ALA E 41 35.26 10.65 -10.91
N GLN E 42 36.05 11.66 -11.26
CA GLN E 42 37.44 11.43 -11.61
C GLN E 42 38.31 12.58 -11.13
N TRP E 43 39.38 12.26 -10.40
CA TRP E 43 40.29 13.29 -9.94
C TRP E 43 41.71 12.78 -10.07
N THR E 44 42.68 13.59 -9.69
CA THR E 44 44.08 13.21 -9.80
C THR E 44 44.80 13.42 -8.47
N GLY E 45 45.73 12.52 -8.18
CA GLY E 45 46.46 12.56 -6.94
C GLY E 45 47.93 12.25 -7.13
N LYS E 46 48.60 11.85 -6.05
CA LYS E 46 50.00 11.48 -6.15
C LYS E 46 50.13 10.16 -6.91
N PRO E 47 51.19 9.99 -7.67
CA PRO E 47 51.38 8.75 -8.43
C PRO E 47 51.61 7.56 -7.50
N ARG E 48 51.44 6.37 -8.07
CA ARG E 48 51.54 5.15 -7.29
C ARG E 48 51.97 4.01 -8.19
N LYS E 49 52.39 2.91 -7.58
CA LYS E 49 52.83 1.73 -8.29
C LYS E 49 51.73 0.68 -8.22
N THR E 50 51.22 0.29 -9.36
CA THR E 50 50.24 -0.75 -9.53
C THR E 50 50.90 -2.01 -10.05
N PRO E 51 50.23 -3.18 -9.97
CA PRO E 51 50.81 -4.39 -10.59
C PRO E 51 50.99 -4.25 -12.09
N GLY E 52 52.25 -4.20 -12.53
CA GLY E 52 52.54 -3.83 -13.90
C GLY E 52 52.48 -2.32 -14.08
N ASP E 53 52.00 -1.90 -15.24
CA ASP E 53 51.69 -0.50 -15.48
C ASP E 53 50.25 -0.34 -15.96
N LYS E 54 49.46 -1.35 -15.84
CA LYS E 54 48.05 -1.33 -16.18
C LYS E 54 47.23 -0.86 -14.98
N PRO E 55 46.08 -0.22 -15.23
CA PRO E 55 45.26 0.28 -14.13
C PRO E 55 44.66 -0.84 -13.29
N LEU E 56 44.42 -0.52 -12.03
CA LEU E 56 43.96 -1.48 -11.02
C LEU E 56 42.49 -1.23 -10.71
N ILE E 57 41.67 -2.25 -10.87
CA ILE E 57 40.24 -2.15 -10.62
C ILE E 57 39.96 -2.74 -9.24
N VAL E 58 39.43 -1.93 -8.34
CA VAL E 58 39.11 -2.34 -6.98
C VAL E 58 37.59 -2.30 -6.86
N GLU E 59 36.97 -3.46 -6.71
CA GLU E 59 35.51 -3.60 -6.64
C GLU E 59 34.85 -3.19 -5.33
N ASN E 60 33.56 -3.48 -5.20
CA ASN E 60 32.82 -3.15 -3.97
C ASN E 60 33.34 -3.97 -2.81
N THR E 61 33.45 -3.31 -1.65
CA THR E 61 33.93 -3.87 -0.36
C THR E 61 35.42 -4.17 -0.30
N GLN E 62 36.16 -3.63 -1.25
CA GLN E 62 37.59 -3.80 -1.32
C GLN E 62 38.06 -2.39 -1.35
N ILE E 63 37.09 -1.48 -1.35
CA ILE E 63 37.41 -0.07 -1.33
C ILE E 63 37.72 0.33 0.09
N GLU E 64 37.13 -0.40 1.03
CA GLU E 64 37.35 -0.15 2.44
C GLU E 64 38.73 -0.61 2.89
N ARG E 65 39.30 -1.59 2.22
CA ARG E 65 40.69 -1.96 2.50
C ARG E 65 41.67 -0.91 2.04
N TRP E 66 41.26 0.02 1.18
CA TRP E 66 42.11 1.09 0.70
C TRP E 66 41.87 2.39 1.42
N ILE E 67 40.63 2.69 1.79
CA ILE E 67 40.35 3.90 2.55
C ILE E 67 40.92 3.77 3.96
N ASN E 68 40.98 2.56 4.51
CA ASN E 68 41.60 2.35 5.80
C ASN E 68 43.10 2.65 5.74
N ASN E 69 43.75 2.32 4.64
CA ASN E 69 45.18 2.56 4.49
C ASN E 69 45.52 4.00 4.16
N GLY E 70 44.53 4.84 3.90
CA GLY E 70 44.82 6.25 3.74
C GLY E 70 44.43 6.86 2.40
N LEU E 71 43.72 6.11 1.56
CA LEU E 71 43.26 6.67 0.31
C LEU E 71 42.17 7.72 0.58
N TRP E 72 42.10 8.70 -0.30
CA TRP E 72 41.18 9.81 -0.18
C TRP E 72 40.07 9.63 -1.19
N VAL E 73 38.89 9.24 -0.72
CA VAL E 73 37.72 9.13 -1.57
C VAL E 73 36.62 9.99 -0.98
N PRO E 74 36.20 11.06 -1.64
CA PRO E 74 35.14 11.92 -1.09
C PRO E 74 33.78 11.27 -1.23
N ALA E 75 32.86 11.75 -0.39
CA ALA E 75 31.50 11.23 -0.35
C ALA E 75 30.61 12.26 -1.04
N LEU E 76 30.26 12.01 -2.28
CA LEU E 76 29.33 12.86 -3.01
C LEU E 76 27.91 12.39 -2.74
N GLU E 77 27.09 13.25 -2.19
CA GLU E 77 25.72 12.95 -1.83
C GLU E 77 24.76 13.64 -2.78
N PHE E 78 23.52 13.17 -2.80
CA PHE E 78 22.46 13.79 -3.57
C PHE E 78 21.57 14.58 -2.61
N ILE E 79 21.36 15.86 -2.93
CA ILE E 79 20.70 16.76 -1.98
C ILE E 79 19.19 16.53 -1.95
N ASN E 80 18.56 16.38 -3.11
CA ASN E 80 17.11 16.38 -3.21
C ASN E 80 16.52 14.98 -3.17
N VAL E 81 17.12 14.09 -2.44
CA VAL E 81 16.71 12.69 -2.45
C VAL E 81 15.74 12.48 -1.29
N VAL E 82 14.85 11.50 -1.46
CA VAL E 82 13.92 11.08 -0.42
C VAL E 82 14.37 9.72 0.07
N GLY E 83 14.71 9.62 1.34
CA GLY E 83 15.35 8.43 1.86
C GLY E 83 16.84 8.50 1.61
N SER E 84 17.44 7.37 1.28
CA SER E 84 18.84 7.31 0.87
C SER E 84 18.93 6.53 -0.43
N PRO E 85 19.89 6.85 -1.29
CA PRO E 85 20.02 6.11 -2.54
C PRO E 85 20.40 4.65 -2.29
N ASP E 86 19.92 3.80 -3.18
CA ASP E 86 20.19 2.38 -3.11
C ASP E 86 21.41 2.07 -3.96
N THR E 87 22.58 2.44 -3.43
CA THR E 87 23.84 2.26 -4.13
C THR E 87 24.13 0.78 -4.26
N GLY E 88 24.13 0.29 -5.49
CA GLY E 88 24.38 -1.11 -5.74
C GLY E 88 25.86 -1.35 -5.80
N ASN E 89 26.37 -1.75 -6.96
CA ASN E 89 27.78 -1.96 -7.10
C ASN E 89 28.54 -0.64 -7.08
N LYS E 90 29.83 -0.70 -6.76
CA LYS E 90 30.70 0.45 -6.91
C LYS E 90 32.10 -0.04 -7.24
N ARG E 91 32.92 0.86 -7.76
CA ARG E 91 34.17 0.48 -8.38
C ARG E 91 35.14 1.64 -8.27
N LEU E 92 36.42 1.33 -8.19
CA LEU E 92 37.47 2.34 -8.05
C LEU E 92 38.62 1.95 -8.96
N MET E 93 38.91 2.76 -9.95
CA MET E 93 40.01 2.51 -10.87
C MET E 93 41.19 3.39 -10.50
N LEU E 94 42.34 2.75 -10.25
CA LEU E 94 43.55 3.43 -9.80
C LEU E 94 44.58 3.35 -10.91
N PHE E 95 45.02 4.46 -11.35
CA PHE E 95 45.92 4.51 -12.50
C PHE E 95 47.35 4.79 -12.04
N PRO E 96 48.34 4.24 -12.73
CA PRO E 96 49.74 4.49 -12.34
C PRO E 96 50.17 5.92 -12.51
N ASP E 97 49.56 6.67 -13.43
CA ASP E 97 49.94 8.07 -13.63
C ASP E 97 49.41 8.98 -12.52
N GLY E 98 48.57 8.47 -11.63
CA GLY E 98 48.17 9.19 -10.44
C GLY E 98 46.72 9.60 -10.36
N ARG E 99 45.86 9.18 -11.27
CA ARG E 99 44.48 9.63 -11.27
C ARG E 99 43.54 8.50 -10.87
N VAL E 100 42.50 8.86 -10.15
CA VAL E 100 41.56 7.93 -9.54
C VAL E 100 40.18 8.16 -10.17
N ILE E 101 39.44 7.08 -10.39
CA ILE E 101 38.11 7.15 -10.97
C ILE E 101 37.16 6.34 -10.11
N TYR E 102 36.15 6.98 -9.55
CA TYR E 102 35.17 6.34 -8.69
C TYR E 102 33.86 6.22 -9.44
N ASN E 103 33.45 5.00 -9.73
CA ASN E 103 32.22 4.72 -10.46
C ASN E 103 31.23 4.07 -9.50
N ALA E 104 29.97 4.46 -9.59
CA ALA E 104 28.97 3.89 -8.70
C ALA E 104 27.64 3.83 -9.42
N ARG E 105 26.78 2.93 -8.97
CA ARG E 105 25.44 2.82 -9.54
C ARG E 105 24.43 3.29 -8.49
N PHE E 106 23.60 4.25 -8.85
CA PHE E 106 22.65 4.83 -7.92
C PHE E 106 21.23 4.61 -8.39
N LEU E 107 20.32 4.51 -7.43
CA LEU E 107 18.89 4.41 -7.69
C LEU E 107 18.20 5.22 -6.62
N GLY E 108 17.70 6.39 -6.96
CA GLY E 108 17.21 7.31 -5.97
C GLY E 108 15.78 7.72 -6.23
N SER E 109 15.06 7.97 -5.15
CA SER E 109 13.74 8.60 -5.20
C SER E 109 13.93 10.08 -4.96
N PHE E 110 14.05 10.84 -6.03
CA PHE E 110 14.31 12.26 -5.97
C PHE E 110 13.00 13.02 -5.89
N SER E 111 13.08 14.26 -5.39
CA SER E 111 11.89 15.08 -5.24
C SER E 111 12.15 16.48 -5.74
N ASN E 112 11.22 17.01 -6.53
CA ASN E 112 11.30 18.37 -7.05
C ASN E 112 9.97 19.06 -6.83
N ASP E 113 10.00 20.39 -6.82
CA ASP E 113 8.78 21.19 -6.62
C ASP E 113 8.02 21.29 -7.94
N MET E 114 6.97 20.51 -8.08
CA MET E 114 6.16 20.47 -9.28
C MET E 114 5.02 21.48 -9.17
N ASP E 115 4.53 21.92 -10.33
CA ASP E 115 3.46 22.91 -10.40
C ASP E 115 2.40 22.44 -11.38
N PHE E 116 1.29 21.90 -10.89
CA PHE E 116 0.24 21.43 -11.78
C PHE E 116 -0.85 22.47 -12.05
N ARG E 117 -0.49 23.70 -12.37
CA ARG E 117 -1.49 24.73 -12.64
C ARG E 117 -2.33 24.35 -13.85
N LEU E 118 -1.68 23.84 -14.88
CA LEU E 118 -2.35 23.35 -16.06
C LEU E 118 -2.12 21.87 -15.81
N PHE E 119 -3.16 21.07 -15.67
CA PHE E 119 -2.89 19.69 -15.32
C PHE E 119 -2.71 18.64 -16.39
N PRO E 120 -3.54 18.67 -17.44
CA PRO E 120 -3.36 17.62 -18.46
C PRO E 120 -2.29 17.94 -19.47
N PHE E 121 -1.97 19.21 -19.69
CA PHE E 121 -0.99 19.66 -20.66
C PHE E 121 0.25 20.19 -19.96
N ASP E 122 0.61 19.51 -18.87
CA ASP E 122 1.59 20.00 -17.92
C ASP E 122 2.99 19.78 -18.47
N ARG E 123 3.91 20.69 -18.12
CA ARG E 123 5.30 20.59 -18.54
C ARG E 123 6.18 20.77 -17.30
N GLN E 124 6.95 19.74 -16.97
CA GLN E 124 7.71 19.70 -15.72
C GLN E 124 9.18 19.48 -16.03
N GLN E 125 10.01 19.54 -14.99
CA GLN E 125 11.41 19.19 -15.16
C GLN E 125 11.91 18.41 -13.94
N PHE E 126 12.75 17.43 -14.23
CA PHE E 126 13.30 16.51 -13.24
C PHE E 126 14.73 16.93 -12.92
N VAL E 127 15.02 17.10 -11.64
CA VAL E 127 16.25 17.76 -11.19
C VAL E 127 17.03 16.80 -10.30
N LEU E 128 18.31 16.61 -10.63
CA LEU E 128 19.27 15.92 -9.79
C LEU E 128 20.28 16.91 -9.26
N GLU E 129 20.47 16.96 -7.95
CA GLU E 129 21.44 17.85 -7.34
C GLU E 129 22.47 17.03 -6.59
N LEU E 130 23.74 17.26 -6.89
CA LEU E 130 24.84 16.47 -6.36
C LEU E 130 25.84 17.41 -5.70
N GLU E 131 26.41 16.99 -4.57
CA GLU E 131 27.19 17.91 -3.78
C GLU E 131 28.09 17.14 -2.84
N PRO E 132 29.32 17.57 -2.58
CA PRO E 132 30.15 16.90 -1.59
C PRO E 132 29.55 17.04 -0.20
N PHE E 133 29.78 16.05 0.64
CA PHE E 133 29.25 16.10 1.98
C PHE E 133 30.16 16.83 2.96
N SER E 134 31.46 16.71 2.79
CA SER E 134 32.40 17.19 3.78
C SER E 134 33.31 18.32 3.31
N TYR E 135 33.67 18.32 2.04
CA TYR E 135 34.70 19.21 1.54
C TYR E 135 34.04 20.37 0.80
N ASN E 136 34.36 21.59 1.22
CA ASN E 136 33.82 22.79 0.59
C ASN E 136 34.62 23.10 -0.68
N ASN E 137 34.36 24.24 -1.31
CA ASN E 137 35.00 24.50 -2.60
C ASN E 137 36.45 24.96 -2.46
N GLN E 138 36.93 25.20 -1.24
CA GLN E 138 38.36 25.39 -1.04
C GLN E 138 39.11 24.07 -1.01
N GLN E 139 38.42 22.95 -0.79
CA GLN E 139 39.04 21.64 -0.75
C GLN E 139 38.57 20.69 -1.84
N LEU E 140 37.43 20.96 -2.47
CA LEU E 140 36.95 20.13 -3.57
C LEU E 140 36.11 20.99 -4.49
N ARG E 141 36.51 21.09 -5.74
CA ARG E 141 35.77 21.84 -6.74
C ARG E 141 35.38 20.91 -7.87
N PHE E 142 34.20 21.13 -8.44
CA PHE E 142 33.76 20.40 -9.61
C PHE E 142 34.20 21.16 -10.85
N SER E 143 34.93 20.49 -11.73
CA SER E 143 35.37 21.13 -12.97
C SER E 143 34.24 21.17 -14.00
N ASP E 144 33.71 20.00 -14.35
CA ASP E 144 32.68 19.95 -15.37
C ASP E 144 31.80 18.72 -15.16
N ILE E 145 30.65 18.74 -15.83
CA ILE E 145 29.76 17.59 -15.91
C ILE E 145 29.32 17.37 -17.34
N GLN E 146 29.36 16.11 -17.78
CA GLN E 146 28.72 15.65 -19.00
C GLN E 146 27.63 14.68 -18.59
N VAL E 147 26.39 14.97 -18.95
CA VAL E 147 25.27 14.08 -18.66
C VAL E 147 24.94 13.31 -19.92
N TYR E 148 25.03 11.98 -19.85
CA TYR E 148 24.80 11.12 -21.01
C TYR E 148 23.40 10.53 -20.91
N THR E 149 22.42 11.34 -21.27
CA THR E 149 21.01 10.97 -21.22
C THR E 149 20.51 10.34 -22.51
N GLU E 150 21.28 9.42 -23.09
CA GLU E 150 20.96 8.88 -24.40
C GLU E 150 20.00 7.71 -24.36
N ASN E 151 19.75 7.14 -23.19
CA ASN E 151 18.78 6.05 -23.07
C ASN E 151 17.36 6.55 -22.90
N ILE E 152 17.17 7.84 -22.61
CA ILE E 152 15.84 8.41 -22.46
C ILE E 152 15.71 9.66 -23.32
N ASP E 153 16.42 9.72 -24.44
CA ASP E 153 16.63 10.97 -25.16
C ASP E 153 15.32 11.57 -25.69
N ASN E 154 14.55 10.81 -26.48
CA ASN E 154 13.20 11.18 -26.91
C ASN E 154 12.34 9.94 -26.69
N GLU E 155 11.86 9.75 -25.47
CA GLU E 155 11.18 8.53 -25.11
C GLU E 155 9.94 8.84 -24.30
N GLU E 156 8.95 7.97 -24.41
CA GLU E 156 7.76 8.00 -23.56
C GLU E 156 8.05 7.06 -22.40
N ILE E 157 8.35 7.64 -21.23
CA ILE E 157 8.80 6.82 -20.11
C ILE E 157 7.64 6.04 -19.52
N ASP E 158 6.65 6.71 -18.94
CA ASP E 158 5.34 6.10 -18.75
C ASP E 158 4.25 6.97 -19.40
N GLU E 159 4.27 8.27 -19.10
CA GLU E 159 3.37 9.19 -19.77
C GLU E 159 4.03 10.54 -20.05
N TRP E 160 5.36 10.59 -20.10
CA TRP E 160 6.06 11.84 -20.29
C TRP E 160 6.97 11.71 -21.51
N TRP E 161 6.94 12.71 -22.38
CA TRP E 161 7.97 12.86 -23.38
C TRP E 161 9.17 13.55 -22.75
N ILE E 162 10.36 13.03 -22.98
CA ILE E 162 11.58 13.69 -22.53
C ILE E 162 12.08 14.53 -23.69
N ARG E 163 12.10 15.85 -23.49
CA ARG E 163 12.30 16.79 -24.58
C ARG E 163 13.75 17.24 -24.61
N GLY E 164 14.49 16.78 -25.62
CA GLY E 164 15.80 17.34 -25.88
C GLY E 164 16.88 16.86 -24.91
N LYS E 165 17.92 17.69 -24.82
CA LYS E 165 19.08 17.37 -24.02
C LYS E 165 18.84 17.70 -22.55
N ALA E 166 19.86 17.52 -21.73
CA ALA E 166 19.80 17.80 -20.30
C ALA E 166 20.65 19.01 -20.00
N SER E 167 20.13 19.94 -19.20
CA SER E 167 20.82 21.18 -18.89
C SER E 167 21.63 20.99 -17.62
N THR E 168 22.92 21.31 -17.68
CA THR E 168 23.86 21.07 -16.60
C THR E 168 24.39 22.38 -16.04
N HIS E 169 24.55 22.46 -14.73
CA HIS E 169 25.00 23.70 -14.12
C HIS E 169 25.85 23.37 -12.90
N ILE E 170 26.86 24.20 -12.66
CA ILE E 170 27.74 24.07 -11.51
C ILE E 170 27.74 25.40 -10.75
N SER E 171 27.38 25.36 -9.47
CA SER E 171 27.17 26.57 -8.70
C SER E 171 27.78 26.39 -7.33
N ASP E 172 27.78 27.47 -6.55
CA ASP E 172 28.28 27.48 -5.18
C ASP E 172 27.14 27.82 -4.24
N ILE E 173 27.01 27.03 -3.16
CA ILE E 173 25.91 27.18 -2.22
C ILE E 173 26.48 27.59 -0.87
N ARG E 174 25.89 28.61 -0.26
CA ARG E 174 26.24 29.03 1.08
C ARG E 174 25.44 28.21 2.08
N TYR E 175 26.12 27.70 3.10
CA TYR E 175 25.47 27.02 4.20
C TYR E 175 25.76 27.77 5.49
N ASP E 176 24.71 28.06 6.26
CA ASP E 176 24.86 28.93 7.41
C ASP E 176 24.90 28.19 8.74
N HIS E 177 24.52 26.91 8.78
CA HIS E 177 24.70 26.17 10.02
C HIS E 177 26.14 25.75 10.23
N LEU E 178 26.94 25.74 9.17
CA LEU E 178 28.37 25.50 9.25
C LEU E 178 29.18 26.78 9.38
N SER E 179 28.51 27.92 9.51
CA SER E 179 29.23 29.17 9.71
C SER E 179 29.74 29.30 11.14
N SER E 180 29.21 28.52 12.08
CA SER E 180 29.71 28.54 13.44
C SER E 180 30.85 27.55 13.66
N VAL E 181 31.13 26.67 12.71
CA VAL E 181 32.17 25.66 12.88
C VAL E 181 33.23 25.82 11.79
N GLN E 182 32.85 26.42 10.67
CA GLN E 182 33.78 26.79 9.61
C GLN E 182 33.57 28.27 9.35
N PRO E 183 34.47 29.15 9.80
CA PRO E 183 34.12 30.58 9.87
C PRO E 183 33.96 31.25 8.52
N ASN E 184 34.93 31.11 7.62
CA ASN E 184 34.90 31.83 6.36
C ASN E 184 34.84 30.94 5.14
N GLN E 185 34.91 29.63 5.29
CA GLN E 185 34.84 28.70 4.16
C GLN E 185 33.77 27.65 4.43
N ASN E 186 32.52 28.00 4.13
CA ASN E 186 31.41 27.08 4.23
C ASN E 186 30.64 27.01 2.93
N GLU E 187 31.28 27.36 1.82
CA GLU E 187 30.65 27.44 0.52
C GLU E 187 30.92 26.14 -0.22
N PHE E 188 29.86 25.41 -0.55
CA PHE E 188 29.97 24.06 -1.10
C PHE E 188 29.67 24.06 -2.59
N SER E 189 30.49 23.37 -3.36
CA SER E 189 30.22 23.23 -4.79
C SER E 189 29.01 22.34 -5.01
N ARG E 190 28.31 22.55 -6.12
CA ARG E 190 27.09 21.80 -6.36
C ARG E 190 26.84 21.67 -7.85
N ILE E 191 26.31 20.53 -8.27
CA ILE E 191 25.94 20.26 -9.65
C ILE E 191 24.44 20.06 -9.74
N THR E 192 23.78 20.78 -10.65
CA THR E 192 22.35 20.63 -10.89
C THR E 192 22.14 20.15 -12.32
N VAL E 193 21.33 19.11 -12.47
CA VAL E 193 21.00 18.55 -13.77
C VAL E 193 19.49 18.62 -13.94
N ARG E 194 19.03 19.27 -15.00
CA ARG E 194 17.61 19.45 -15.25
C ARG E 194 17.23 18.80 -16.57
N ILE E 195 16.22 17.95 -16.53
CA ILE E 195 15.70 17.28 -17.72
C ILE E 195 14.26 17.71 -17.90
N ASP E 196 13.92 18.21 -19.09
CA ASP E 196 12.59 18.75 -19.32
C ASP E 196 11.66 17.68 -19.89
N ALA E 197 10.53 17.48 -19.23
CA ALA E 197 9.55 16.48 -19.62
C ALA E 197 8.21 17.14 -19.85
N VAL E 198 7.44 16.60 -20.79
CA VAL E 198 6.13 17.14 -21.16
C VAL E 198 5.12 16.02 -21.03
N ARG E 199 4.03 16.28 -20.30
CA ARG E 199 3.05 15.24 -20.07
C ARG E 199 2.32 14.89 -21.35
N ASN E 200 1.82 13.66 -21.41
CA ASN E 200 1.06 13.20 -22.56
C ASN E 200 -0.42 13.31 -22.24
N PRO E 201 -1.14 14.28 -22.80
CA PRO E 201 -2.52 14.51 -22.39
C PRO E 201 -3.55 13.59 -23.01
N SER E 202 -3.14 12.57 -23.76
CA SER E 202 -4.09 11.78 -24.52
C SER E 202 -5.05 11.01 -23.63
N TYR E 203 -4.53 10.41 -22.55
CA TYR E 203 -5.37 9.61 -21.66
C TYR E 203 -6.45 10.46 -21.00
N TYR E 204 -6.09 11.65 -20.53
CA TYR E 204 -7.11 12.50 -19.92
C TYR E 204 -8.09 13.04 -20.95
N LEU E 205 -7.65 13.23 -22.20
CA LEU E 205 -8.56 13.67 -23.26
C LEU E 205 -9.64 12.62 -23.52
N TRP E 206 -9.25 11.38 -23.80
CA TRP E 206 -10.25 10.35 -24.05
C TRP E 206 -10.82 9.67 -22.83
N SER E 207 -10.42 10.03 -21.62
CA SER E 207 -11.04 9.40 -20.46
C SER E 207 -11.76 10.35 -19.50
N PHE E 208 -11.26 11.57 -19.28
CA PHE E 208 -11.85 12.44 -18.27
C PHE E 208 -12.52 13.67 -18.84
N ILE E 209 -12.42 13.91 -20.15
CA ILE E 209 -12.93 15.12 -20.77
C ILE E 209 -14.04 14.82 -21.76
N LEU E 210 -13.89 13.74 -22.52
CA LEU E 210 -14.97 13.31 -23.42
C LEU E 210 -16.24 12.87 -22.67
N PRO E 211 -16.20 12.04 -21.63
CA PRO E 211 -17.45 11.75 -20.92
C PRO E 211 -18.01 12.92 -20.13
N LEU E 212 -17.17 13.82 -19.61
CA LEU E 212 -17.71 15.02 -18.99
C LEU E 212 -18.39 15.91 -20.01
N GLY E 213 -17.85 15.96 -21.23
CA GLY E 213 -18.52 16.67 -22.30
C GLY E 213 -19.87 16.07 -22.65
N LEU E 214 -19.94 14.74 -22.71
CA LEU E 214 -21.21 14.08 -23.00
C LEU E 214 -22.23 14.32 -21.91
N ILE E 215 -21.81 14.24 -20.64
CA ILE E 215 -22.75 14.42 -19.53
C ILE E 215 -23.23 15.88 -19.46
N ILE E 216 -22.35 16.84 -19.73
CA ILE E 216 -22.78 18.23 -19.72
C ILE E 216 -23.71 18.54 -20.91
N ALA E 217 -23.45 17.92 -22.07
CA ALA E 217 -24.38 18.07 -23.19
C ALA E 217 -25.75 17.48 -22.89
N ALA E 218 -25.77 16.32 -22.25
CA ALA E 218 -27.04 15.73 -21.82
C ALA E 218 -27.74 16.61 -20.80
N SER E 219 -26.98 17.28 -19.94
CA SER E 219 -27.59 18.23 -19.01
C SER E 219 -28.18 19.43 -19.72
N TRP E 220 -27.54 19.88 -20.80
CA TRP E 220 -28.15 20.91 -21.63
C TRP E 220 -29.47 20.45 -22.22
N SER E 221 -29.52 19.21 -22.67
CA SER E 221 -30.74 18.67 -23.27
C SER E 221 -31.87 18.38 -22.26
N VAL E 222 -31.86 18.83 -21.01
CA VAL E 222 -32.98 18.57 -20.12
C VAL E 222 -34.14 19.51 -20.39
N PHE E 223 -33.90 20.63 -21.10
CA PHE E 223 -34.95 21.63 -21.31
C PHE E 223 -35.98 21.19 -22.33
N TRP E 224 -35.69 20.18 -23.14
CA TRP E 224 -36.57 19.79 -24.22
C TRP E 224 -37.72 18.91 -23.76
N LEU E 225 -37.77 18.57 -22.47
CA LEU E 225 -38.98 17.99 -21.89
C LEU E 225 -40.07 19.06 -21.80
N GLU E 226 -41.32 18.60 -21.83
CA GLU E 226 -42.47 19.50 -21.76
C GLU E 226 -43.21 19.41 -20.42
N SER E 227 -42.54 18.95 -19.37
CA SER E 227 -43.13 18.84 -18.05
C SER E 227 -42.24 19.55 -17.04
N PHE E 228 -42.48 19.29 -15.76
CA PHE E 228 -41.68 19.95 -14.74
C PHE E 228 -41.01 18.95 -13.81
N SER E 229 -41.78 18.06 -13.19
CA SER E 229 -41.22 17.10 -12.23
C SER E 229 -40.28 16.12 -12.90
N GLU E 230 -40.57 15.73 -14.14
CA GLU E 230 -39.65 14.89 -14.88
C GLU E 230 -38.32 15.59 -15.12
N ARG E 231 -38.38 16.89 -15.43
CA ARG E 231 -37.16 17.69 -15.57
C ARG E 231 -36.36 17.73 -14.27
N LEU E 232 -37.05 17.92 -13.15
CA LEU E 232 -36.36 17.98 -11.87
C LEU E 232 -35.69 16.65 -11.52
N GLN E 233 -36.40 15.54 -11.72
CA GLN E 233 -35.83 14.23 -11.40
C GLN E 233 -34.65 13.90 -12.30
N THR E 234 -34.75 14.23 -13.60
CA THR E 234 -33.65 13.97 -14.52
C THR E 234 -32.41 14.78 -14.16
N SER E 235 -32.58 16.06 -13.85
CA SER E 235 -31.41 16.86 -13.51
C SER E 235 -30.81 16.47 -12.17
N PHE E 236 -31.62 15.93 -11.25
CA PHE E 236 -31.02 15.43 -10.02
C PHE E 236 -30.23 14.14 -10.26
N THR E 237 -30.69 13.29 -11.19
CA THR E 237 -29.89 12.14 -11.59
C THR E 237 -28.55 12.57 -12.18
N LEU E 238 -28.55 13.64 -12.98
CA LEU E 238 -27.28 14.14 -13.51
C LEU E 238 -26.41 14.79 -12.42
N MET E 239 -27.03 15.38 -11.40
CA MET E 239 -26.28 15.79 -10.20
C MET E 239 -25.52 14.62 -9.61
N LEU E 240 -26.20 13.48 -9.42
CA LEU E 240 -25.52 12.31 -8.87
C LEU E 240 -24.38 11.83 -9.78
N THR E 241 -24.61 11.87 -11.09
CA THR E 241 -23.58 11.43 -12.03
C THR E 241 -22.33 12.30 -11.95
N VAL E 242 -22.49 13.62 -11.84
CA VAL E 242 -21.31 14.47 -11.71
C VAL E 242 -20.73 14.45 -10.29
N VAL E 243 -21.50 13.99 -9.29
CA VAL E 243 -20.89 13.67 -8.00
C VAL E 243 -19.88 12.55 -8.15
N ALA E 244 -20.21 11.54 -8.97
CA ALA E 244 -19.31 10.39 -9.13
C ALA E 244 -17.93 10.80 -9.69
N TYR E 245 -17.87 11.82 -10.55
CA TYR E 245 -16.58 12.17 -11.13
C TYR E 245 -15.65 12.87 -10.16
N ALA E 246 -16.17 13.42 -9.06
CA ALA E 246 -15.27 13.92 -8.03
C ALA E 246 -14.48 12.76 -7.40
N PHE E 247 -15.14 11.63 -7.14
CA PHE E 247 -14.47 10.40 -6.74
C PHE E 247 -13.48 9.97 -7.81
N TYR E 248 -13.92 10.01 -9.07
CA TYR E 248 -13.14 9.43 -10.15
C TYR E 248 -11.89 10.24 -10.45
N THR E 249 -11.87 11.53 -10.09
CA THR E 249 -10.71 12.36 -10.33
C THR E 249 -9.97 12.78 -9.06
N SER E 250 -10.40 12.32 -7.88
CA SER E 250 -9.76 12.74 -6.64
C SER E 250 -8.33 12.21 -6.50
N ASN E 251 -8.06 11.02 -7.03
CA ASN E 251 -6.92 10.25 -6.57
C ASN E 251 -5.64 10.54 -7.34
N ILE E 252 -5.81 11.03 -8.57
CA ILE E 252 -4.73 11.33 -9.51
C ILE E 252 -3.84 12.52 -9.17
N LEU E 253 -4.30 13.35 -8.25
CA LEU E 253 -3.54 14.56 -7.92
C LEU E 253 -3.56 14.89 -6.44
N PRO E 254 -2.59 15.69 -5.99
CA PRO E 254 -2.42 16.16 -4.62
C PRO E 254 -3.46 17.22 -4.27
N ARG E 255 -3.71 17.42 -2.99
CA ARG E 255 -4.65 18.44 -2.57
C ARG E 255 -4.03 19.82 -2.78
N LEU E 256 -4.14 20.33 -4.00
CA LEU E 256 -3.56 21.62 -4.35
C LEU E 256 -4.48 22.76 -3.95
N PRO E 257 -3.91 23.90 -3.55
CA PRO E 257 -4.75 25.06 -3.21
C PRO E 257 -5.41 25.69 -4.42
N TYR E 258 -4.84 25.53 -5.61
CA TYR E 258 -5.45 26.07 -6.82
C TYR E 258 -6.28 25.00 -7.50
N THR E 259 -6.91 25.35 -8.62
CA THR E 259 -7.72 24.43 -9.39
C THR E 259 -7.17 24.30 -10.81
N THR E 260 -7.27 23.11 -11.35
CA THR E 260 -6.72 22.76 -12.66
C THR E 260 -7.80 22.84 -13.72
N TYR E 261 -7.52 22.33 -14.92
CA TYR E 261 -8.53 22.33 -15.97
C TYR E 261 -9.64 21.32 -15.70
N ILE E 262 -9.27 20.11 -15.28
CA ILE E 262 -10.23 19.03 -15.06
C ILE E 262 -11.23 19.41 -13.97
N ASP E 263 -10.74 19.97 -12.88
CA ASP E 263 -11.67 20.34 -11.84
C ASP E 263 -12.43 21.62 -12.18
N GLN E 264 -11.88 22.46 -13.05
CA GLN E 264 -12.67 23.58 -13.54
C GLN E 264 -13.86 23.10 -14.35
N MET E 265 -13.69 22.01 -15.12
CA MET E 265 -14.86 21.44 -15.79
C MET E 265 -15.82 20.78 -14.80
N ILE E 266 -15.30 20.18 -13.73
CA ILE E 266 -16.20 19.61 -12.72
C ILE E 266 -17.05 20.71 -12.08
N ILE E 267 -16.43 21.83 -11.73
CA ILE E 267 -17.15 22.94 -11.12
C ILE E 267 -18.13 23.55 -12.12
N ALA E 268 -17.74 23.64 -13.39
CA ALA E 268 -18.65 24.12 -14.42
C ALA E 268 -19.85 23.20 -14.62
N GLY E 269 -19.64 21.89 -14.51
CA GLY E 269 -20.76 20.97 -14.59
C GLY E 269 -21.71 21.09 -13.42
N TYR E 270 -21.18 21.26 -12.21
CA TYR E 270 -22.02 21.52 -11.05
C TYR E 270 -22.82 22.81 -11.22
N GLY E 271 -22.16 23.86 -11.71
CA GLY E 271 -22.87 25.12 -11.93
C GLY E 271 -23.94 25.01 -13.00
N SER E 272 -23.68 24.24 -14.05
CA SER E 272 -24.68 24.06 -15.11
C SER E 272 -25.89 23.29 -14.59
N ILE E 273 -25.68 22.21 -13.84
CA ILE E 273 -26.81 21.44 -13.30
C ILE E 273 -27.63 22.31 -12.35
N PHE E 274 -26.96 23.04 -11.46
CA PHE E 274 -27.68 23.86 -10.50
C PHE E 274 -28.39 25.02 -11.18
N ALA E 275 -27.79 25.59 -12.23
CA ALA E 275 -28.43 26.67 -12.96
C ALA E 275 -29.68 26.18 -13.68
N ALA E 276 -29.62 24.99 -14.29
CA ALA E 276 -30.81 24.45 -14.96
C ALA E 276 -31.92 24.16 -13.97
N ILE E 277 -31.59 23.58 -12.81
CA ILE E 277 -32.60 23.29 -11.80
C ILE E 277 -33.22 24.59 -11.27
N LEU E 278 -32.39 25.58 -10.99
CA LEU E 278 -32.90 26.83 -10.45
C LEU E 278 -33.72 27.58 -11.50
N LEU E 279 -33.35 27.47 -12.78
CA LEU E 279 -34.12 28.09 -13.84
C LEU E 279 -35.50 27.46 -13.99
N ILE E 280 -35.58 26.12 -13.95
CA ILE E 280 -36.90 25.52 -14.10
C ILE E 280 -37.74 25.73 -12.84
N ILE E 281 -37.11 25.85 -11.67
CA ILE E 281 -37.85 26.19 -10.46
C ILE E 281 -38.43 27.59 -10.56
N PHE E 282 -37.63 28.56 -11.04
CA PHE E 282 -38.12 29.92 -11.20
C PHE E 282 -39.15 30.02 -12.31
N ALA E 283 -39.08 29.14 -13.32
CA ALA E 283 -40.13 29.09 -14.32
C ALA E 283 -41.43 28.56 -13.74
N HIS E 284 -41.33 27.63 -12.78
CA HIS E 284 -42.53 27.15 -12.12
C HIS E 284 -43.15 28.22 -11.22
N HIS E 285 -42.32 29.10 -10.65
CA HIS E 285 -42.78 30.16 -9.76
C HIS E 285 -42.98 31.49 -10.48
N ARG E 286 -42.76 31.53 -11.80
CA ARG E 286 -43.05 32.74 -12.57
C ARG E 286 -44.55 32.94 -12.79
N GLN E 287 -45.37 31.96 -12.45
CA GLN E 287 -46.81 32.04 -12.62
C GLN E 287 -47.37 33.04 -11.61
N ALA E 288 -47.58 34.28 -12.07
CA ALA E 288 -48.11 35.32 -11.19
C ALA E 288 -49.57 35.07 -10.84
N ASN E 289 -50.35 34.59 -11.81
CA ASN E 289 -51.74 34.22 -11.58
C ASN E 289 -51.94 32.72 -11.45
N GLY E 290 -50.88 31.93 -11.55
CA GLY E 290 -51.02 30.49 -11.59
C GLY E 290 -51.36 29.92 -12.95
N VAL E 291 -51.38 30.75 -13.99
CA VAL E 291 -51.76 30.30 -15.32
C VAL E 291 -50.81 30.76 -16.42
N GLU E 292 -49.93 31.73 -16.17
CA GLU E 292 -49.12 32.33 -17.22
C GLU E 292 -47.98 31.40 -17.63
N ASP E 293 -47.91 31.10 -18.93
CA ASP E 293 -46.88 30.21 -19.46
C ASP E 293 -45.65 31.00 -19.88
N ASP E 294 -44.49 30.36 -19.73
CA ASP E 294 -43.20 30.99 -19.99
C ASP E 294 -42.56 30.35 -21.22
N LEU E 295 -42.23 31.18 -22.20
CA LEU E 295 -41.57 30.76 -23.43
C LEU E 295 -40.25 31.45 -23.66
N LEU E 296 -40.08 32.68 -23.17
CA LEU E 296 -38.83 33.41 -23.34
C LEU E 296 -37.72 32.79 -22.49
N ILE E 297 -38.04 32.39 -21.26
CA ILE E 297 -37.03 31.77 -20.39
C ILE E 297 -36.87 30.29 -20.69
N GLN E 298 -37.83 29.67 -21.37
CA GLN E 298 -37.73 28.26 -21.73
C GLN E 298 -37.13 28.08 -23.11
N ARG E 299 -36.83 29.16 -23.82
CA ARG E 299 -36.11 29.11 -25.08
C ARG E 299 -34.60 29.26 -24.88
N CYS E 300 -34.08 28.82 -23.74
CA CYS E 300 -32.65 28.78 -23.48
C CYS E 300 -31.99 27.53 -24.04
N ARG E 301 -32.71 26.76 -24.86
CA ARG E 301 -32.11 25.61 -25.52
C ARG E 301 -31.02 26.02 -26.51
N LEU E 302 -31.05 27.24 -27.02
CA LEU E 302 -29.95 27.79 -27.77
C LEU E 302 -29.08 28.74 -26.96
N ALA E 303 -29.60 29.24 -25.83
CA ALA E 303 -28.88 30.22 -25.04
C ALA E 303 -27.96 29.56 -24.01
N PHE E 304 -28.42 28.49 -23.38
CA PHE E 304 -27.60 27.80 -22.37
C PHE E 304 -26.34 27.16 -22.94
N PRO E 305 -26.36 26.40 -24.07
CA PRO E 305 -25.08 25.90 -24.60
C PRO E 305 -24.13 26.98 -25.06
N LEU E 306 -24.64 28.07 -25.65
CA LEU E 306 -23.75 29.16 -26.07
C LEU E 306 -23.17 29.88 -24.87
N GLY E 307 -23.97 30.07 -23.82
CA GLY E 307 -23.46 30.70 -22.61
C GLY E 307 -22.43 29.84 -21.91
N PHE E 308 -22.65 28.51 -21.91
CA PHE E 308 -21.65 27.61 -21.35
C PHE E 308 -20.37 27.62 -22.17
N LEU E 309 -20.48 27.69 -23.50
CA LEU E 309 -19.29 27.79 -24.34
C LEU E 309 -18.54 29.07 -24.09
N ALA E 310 -19.26 30.19 -23.92
CA ALA E 310 -18.61 31.47 -23.64
C ALA E 310 -17.93 31.46 -22.28
N ILE E 311 -18.59 30.88 -21.26
CA ILE E 311 -18.00 30.79 -19.94
C ILE E 311 -16.76 29.88 -19.97
N GLY E 312 -16.85 28.74 -20.65
CA GLY E 312 -15.70 27.87 -20.78
C GLY E 312 -14.55 28.53 -21.52
N CYS E 313 -14.86 29.31 -22.56
CA CYS E 313 -13.83 29.96 -23.33
C CYS E 313 -13.15 31.08 -22.55
N VAL E 314 -13.93 31.88 -21.80
CA VAL E 314 -13.32 32.95 -21.01
C VAL E 314 -12.52 32.37 -19.85
N LEU E 315 -12.96 31.25 -19.28
CA LEU E 315 -12.19 30.61 -18.22
C LEU E 315 -10.92 29.96 -18.76
N VAL E 316 -10.98 29.34 -19.94
CA VAL E 316 -9.78 28.70 -20.47
C VAL E 316 -8.80 29.74 -21.01
N ILE E 317 -9.30 30.92 -21.43
CA ILE E 317 -8.40 31.96 -21.91
C ILE E 317 -7.91 32.87 -20.78
#